data_7YQ8
#
_entry.id   7YQ8
#
_cell.length_a   1.00
_cell.length_b   1.00
_cell.length_c   1.00
_cell.angle_alpha   90.00
_cell.angle_beta   90.00
_cell.angle_gamma   90.00
#
_symmetry.space_group_name_H-M   'P 1'
#
loop_
_entity.id
_entity.type
_entity.pdbx_description
1 polymer 'DNA topoisomerase 2-beta'
2 polymer '50-mer DNA'
3 polymer '50-mer DNA'
4 non-polymer 'MAGNESIUM ION'
5 non-polymer "(5S,5aR,8aR,9R)-9-(4-hydroxy-3,5-dimethoxyphenyl)-8-oxo-5,5a,6,8,8a,9-hexahydrofuro[3',4':6,7]naphtho[2,3-d][1,3]dioxol -5-yl 4,6-O-[(1R)-ethylidene]-beta-D-glucopyranoside"
#
loop_
_entity_poly.entity_id
_entity_poly.type
_entity_poly.pdbx_seq_one_letter_code
_entity_poly.pdbx_strand_id
1 'polypeptide(L)'
;MAKSGGCGAGAGVGGGNGALTWVTLFDQNNAAKKEESETANKNDSSKKLSVERVYQKKTQLEHILLRPDTYIGSVEPLTQ
FMWVYDEDVGMNCREVTFVPGLYKIFDEILVNAADNKQRDKNMTCIKVSIDPESNIISIWNNGKGIPVVEHKVEKVYVPA
LIFGQLLTSSNYDDDEKKVTGGRNGYGAKLCNIFSTKFTVETACKEYKHSFKQTWMNNMMKTSEAKIKHFDGEDYTCITF
QPDLSKFKMEKLDKDIVALMTRRAYDLAGSCRGVKVMFNGKKLPVNGFRSYVDLYVKDKLDETGVALKVIHELANERWDV
CLTLSEKGFQQISFVNSIATTKGGRHVDYVVDQVVGKLIEVVKKKNKAGVSVKPFQVKNHIWVFINCLIENPTFDSQTKE
NMTLQPKSFGSKCQLSEKFFKAASNCGIVESILNWVKFKAQTQLNKKCSSVKYSKIKGIPKLDDANDAGGKHSLECTLIL
TEGDSAKSLAVSGLGVIGRDRYGVFPLRGKILNVREASHKQIMENAEINNIIKIVGLQYKKSYDDAESLKTLRYGKIMIM
TDQDQDGSHIKGLLINFIHHNWPSLLKHGFLEEFITPIVKASKNKQELSFYSIPEFDEWKKHIENQKAWKIKYYKGLGTS
TAKEAKEYFADMERHRILFRYAGPEDDAAITLAFSKKKIDDRKEWLTNFMEDRRQRRLHGLPEQFLYGTATKHLTYNDFI
NKELILFSNSDNERSIPSLVDGFKPGQRKVLFTCFKRNDKREVKVAQLAGSVAEMSAYHHGEQALMMTIVNLAQNFVGSN
NINLLQPIGQFGTRLHGGKDAASPRYIFTMLSTLARLLFPAVDDNLLKFLYDDNQRVEPEWYIPIIPMVLINGAEGIGTG
WACKLPNYDAREIVNNVRRMLDGLDPHPMLPNYKNFKGTIQELGQNQYAVSGEIFVVDRNTVEITELPVRTWTQVYKEQV
LEPMLNGTDKTPALISDYKEYHTDTTVKFVVKMTEEKLAQAEAAGLHKVFKLQTTLTCNSMVLFDHMGCLKKYETVQDIL
KEFFDLRLSYYGLRKEWLVGMLGAESTKLNNQARFILEKIQGKITIENRSKKDLIQMLVQRGYESDPVKAWKEAQEKAAE
EDETQNQHDDSSSDSGTPSGPDFNYILNMSLWSLTKEKVEELIKQRDAKGREVNDLKRKSPSDLWKEDLAAFVEELDKVE
SQEREDVLAGMSGKAIKGKVGKPKVKKLQLEETMPSPYGRRIIPEITAMKADASKKLLKKKKGDLDTAAVKVEFDEEFSG
APVEGAGEEALTPSVPINKGPKPKREKKEPGTRVRKTPTSSGKPSAKKVKKRNPWSDDESKSESDLEETEPVVIPRDSLL
RRAAAERPKYTFDFSEEEDDDADDDDDDNNDLEELKVKASPITNDGEDEFVPSDGLDKDEYTFSPGKSKATPEKSLHDKK
SQDFGNLFSFPSYSQKSEDDSAKFDSNEEDSASVFSPSFGLKQTDKVPSKTVAAKKGKPSSDTVPKPKRAPKQKKVVEAV
NSDSDSEFGIPKKTTTPKGKGRGAKKRKASGSENEGDYNPGRKTSKTTSKKPKKTSFDQDSDVDIFPSDFPTEPPSLPRT
GRARKEVKYFAESDEEEDDVDFAMFN
;
A,B
2 'polydeoxyribonucleotide'
;(DG)(DA)(DG)(DT)(DC)(DG)(DC)(DG)(DA)(DG)(DA)(DG)(DA)(DT)(DC)(DC)(DC)(DA)(DG)(DC)
(DG)(DC)(DG)(DC)(DA)(DG)(DA)(DA)(DC)(DT)(DT)(DG)(DG)(DG)(DG)(DA)(DG)(DC)(DC)(DG)
(DC)(DC)(DG)(DC)(DC)(DG)(DC)(DC)(DA)(DT)
;
C,D
3 'polydeoxyribonucleotide'
;(DA)(DT)(DG)(DG)(DC)(DG)(DG)(DC)(DG)(DG)(DC)(DG)(DG)(DC)(DT)(DC)(DC)(DC)(DC)(DA)
(DA)(DG)(DT)(DT)(DC)(DT)(DG)(DC)(DG)(DC)(DG)(DC)(DT)(DG)(DG)(DG)(DA)(DT)(DC)(DT)
(DC)(DT)(DC)(DG)(DC)(DG)(DA)(DC)(DT)(DC)
;
E,F
#
# COMPACT_ATOMS: atom_id res chain seq x y z
N LYS A 457 27.87 -5.13 -24.81
CA LYS A 457 28.77 -5.54 -23.74
C LYS A 457 28.94 -4.44 -22.70
N GLY A 458 28.99 -4.83 -21.42
CA GLY A 458 29.18 -3.90 -20.33
C GLY A 458 27.92 -3.29 -19.77
N ILE A 459 26.77 -3.55 -20.38
CA ILE A 459 25.50 -3.02 -19.88
C ILE A 459 24.97 -3.98 -18.82
N PRO A 460 24.66 -3.50 -17.62
CA PRO A 460 24.34 -4.42 -16.52
C PRO A 460 23.15 -5.34 -16.78
N LYS A 461 22.15 -4.86 -17.51
CA LYS A 461 20.93 -5.64 -17.73
C LYS A 461 21.01 -6.53 -18.97
N LEU A 462 22.21 -6.90 -19.38
CA LEU A 462 22.41 -7.68 -20.60
C LEU A 462 22.38 -9.17 -20.29
N ASP A 463 21.29 -9.84 -20.65
CA ASP A 463 21.24 -11.29 -20.69
C ASP A 463 21.43 -11.76 -22.13
N ASP A 464 22.62 -11.50 -22.65
CA ASP A 464 22.89 -11.72 -24.07
C ASP A 464 23.05 -13.20 -24.39
N ALA A 465 22.90 -13.52 -25.67
CA ALA A 465 23.09 -14.87 -26.16
C ALA A 465 24.58 -15.21 -26.25
N ASN A 466 24.87 -16.50 -26.44
CA ASN A 466 26.26 -16.94 -26.51
C ASN A 466 26.94 -16.46 -27.78
N ASP A 467 26.22 -16.45 -28.90
CA ASP A 467 26.80 -16.10 -30.20
C ASP A 467 26.72 -14.61 -30.49
N ALA A 468 26.68 -13.77 -29.46
CA ALA A 468 26.62 -12.32 -29.65
C ALA A 468 27.83 -11.83 -30.44
N GLY A 469 27.60 -11.33 -31.65
CA GLY A 469 28.68 -10.87 -32.48
C GLY A 469 29.63 -11.95 -32.94
N GLY A 470 29.16 -13.19 -33.00
CA GLY A 470 29.97 -14.32 -33.39
C GLY A 470 29.77 -14.70 -34.85
N LYS A 471 30.01 -15.98 -35.14
CA LYS A 471 29.88 -16.46 -36.52
C LYS A 471 28.45 -16.40 -37.00
N HIS A 472 27.49 -16.67 -36.12
CA HIS A 472 26.08 -16.76 -36.48
C HIS A 472 25.26 -15.67 -35.83
N SER A 473 25.77 -14.43 -35.85
CA SER A 473 25.04 -13.30 -35.31
C SER A 473 23.74 -13.06 -36.06
N LEU A 474 23.62 -13.55 -37.30
CA LEU A 474 22.38 -13.43 -38.05
C LEU A 474 21.27 -14.32 -37.49
N GLU A 475 21.59 -15.27 -36.62
CA GLU A 475 20.60 -16.14 -36.02
C GLU A 475 20.28 -15.77 -34.56
N CYS A 476 21.05 -14.87 -33.97
CA CYS A 476 20.80 -14.45 -32.59
C CYS A 476 19.62 -13.49 -32.56
N THR A 477 18.53 -13.92 -31.95
CA THR A 477 17.28 -13.15 -31.91
C THR A 477 17.12 -12.56 -30.51
N LEU A 478 17.50 -11.29 -30.36
CA LEU A 478 17.32 -10.61 -29.08
C LEU A 478 15.83 -10.41 -28.80
N ILE A 479 15.46 -10.60 -27.54
CA ILE A 479 14.09 -10.36 -27.07
C ILE A 479 14.05 -9.01 -26.38
N LEU A 480 13.17 -8.12 -26.85
CA LEU A 480 12.92 -6.86 -26.19
C LEU A 480 11.71 -7.02 -25.27
N THR A 481 11.90 -6.68 -24.00
CA THR A 481 10.89 -6.90 -22.97
C THR A 481 10.77 -5.65 -22.12
N GLU A 482 9.56 -5.12 -21.98
CA GLU A 482 9.36 -3.98 -21.10
C GLU A 482 8.97 -4.47 -19.71
N GLY A 483 9.84 -4.24 -18.75
CA GLY A 483 9.55 -4.68 -17.41
C GLY A 483 10.41 -5.84 -16.95
N ASP A 484 10.67 -5.87 -15.64
CA ASP A 484 11.45 -6.95 -15.08
C ASP A 484 10.64 -8.22 -14.99
N SER A 485 9.32 -8.10 -14.91
CA SER A 485 8.47 -9.30 -14.98
C SER A 485 8.61 -9.97 -16.33
N ALA A 486 8.58 -9.19 -17.41
CA ALA A 486 8.79 -9.75 -18.74
C ALA A 486 10.18 -10.33 -18.87
N LYS A 487 11.19 -9.66 -18.30
CA LYS A 487 12.54 -10.21 -18.33
C LYS A 487 12.61 -11.56 -17.62
N SER A 488 11.96 -11.67 -16.45
CA SER A 488 11.97 -12.92 -15.71
C SER A 488 11.25 -14.02 -16.48
N LEU A 489 10.13 -13.69 -17.12
CA LEU A 489 9.43 -14.69 -17.94
C LEU A 489 10.31 -15.16 -19.09
N ALA A 490 11.03 -14.23 -19.73
CA ALA A 490 11.94 -14.61 -20.79
C ALA A 490 13.05 -15.52 -20.26
N VAL A 491 13.57 -15.19 -19.08
CA VAL A 491 14.61 -16.03 -18.46
C VAL A 491 14.07 -17.44 -18.21
N SER A 492 12.84 -17.53 -17.71
CA SER A 492 12.24 -18.84 -17.49
C SER A 492 12.10 -19.61 -18.79
N GLY A 493 11.71 -18.93 -19.87
CA GLY A 493 11.62 -19.60 -21.15
C GLY A 493 12.96 -19.95 -21.75
N LEU A 494 14.04 -19.30 -21.30
CA LEU A 494 15.37 -19.62 -21.82
C LEU A 494 15.73 -21.08 -21.58
N GLY A 495 15.26 -21.66 -20.48
CA GLY A 495 15.52 -23.07 -20.24
C GLY A 495 14.97 -23.95 -21.36
N VAL A 496 13.79 -23.60 -21.86
CA VAL A 496 13.23 -24.32 -23.00
C VAL A 496 14.00 -24.00 -24.27
N ILE A 497 14.31 -22.73 -24.50
CA ILE A 497 14.87 -22.31 -25.79
C ILE A 497 16.39 -22.25 -25.82
N GLY A 498 17.05 -22.27 -24.67
CA GLY A 498 18.51 -22.21 -24.65
C GLY A 498 19.04 -20.80 -24.79
N ARG A 499 20.20 -20.54 -24.19
CA ARG A 499 20.79 -19.20 -24.18
C ARG A 499 21.80 -18.99 -25.30
N ASP A 500 21.96 -19.96 -26.20
CA ASP A 500 22.98 -19.84 -27.23
C ASP A 500 22.58 -18.81 -28.29
N ARG A 501 21.31 -18.80 -28.68
CA ARG A 501 20.85 -17.98 -29.79
C ARG A 501 19.86 -16.90 -29.37
N TYR A 502 19.53 -16.80 -28.08
CA TYR A 502 18.54 -15.84 -27.62
C TYR A 502 19.14 -14.99 -26.51
N GLY A 503 19.07 -13.68 -26.67
CA GLY A 503 19.53 -12.73 -25.68
C GLY A 503 18.36 -11.94 -25.14
N VAL A 504 18.48 -11.48 -23.89
CA VAL A 504 17.39 -10.81 -23.18
C VAL A 504 17.84 -9.41 -22.81
N PHE A 505 17.04 -8.41 -23.17
CA PHE A 505 17.27 -7.04 -22.76
C PHE A 505 15.94 -6.42 -22.35
N PRO A 506 15.86 -5.84 -21.16
CA PRO A 506 14.63 -5.19 -20.72
C PRO A 506 14.50 -3.79 -21.31
N LEU A 507 13.31 -3.22 -21.12
CA LEU A 507 13.05 -1.82 -21.46
C LEU A 507 12.70 -1.04 -20.21
N ARG A 508 12.62 0.28 -20.38
CA ARG A 508 12.39 1.19 -19.27
C ARG A 508 10.93 1.61 -19.15
N GLY A 509 10.05 1.07 -19.99
CA GLY A 509 8.68 1.55 -20.05
C GLY A 509 8.31 1.98 -21.45
N LYS A 510 8.15 3.29 -21.65
CA LYS A 510 7.92 3.86 -22.97
C LYS A 510 9.16 4.57 -23.45
N ILE A 511 9.43 4.49 -24.76
CA ILE A 511 10.66 4.99 -25.33
C ILE A 511 10.42 6.36 -25.95
N LEU A 512 11.50 7.06 -26.25
CA LEU A 512 11.42 8.38 -26.87
C LEU A 512 10.92 8.25 -28.31
N ASN A 513 10.09 9.21 -28.73
CA ASN A 513 9.62 9.28 -30.10
C ASN A 513 10.67 10.02 -30.93
N VAL A 514 11.50 9.27 -31.65
CA VAL A 514 12.64 9.87 -32.35
C VAL A 514 12.16 10.80 -33.46
N ARG A 515 11.08 10.43 -34.15
CA ARG A 515 10.56 11.27 -35.21
C ARG A 515 10.04 12.60 -34.68
N GLU A 516 9.67 12.65 -33.41
CA GLU A 516 9.07 13.83 -32.81
C GLU A 516 10.04 14.58 -31.91
N ALA A 517 11.25 14.06 -31.71
CA ALA A 517 12.22 14.65 -30.79
C ALA A 517 13.37 15.27 -31.56
N SER A 518 14.22 15.98 -30.83
CA SER A 518 15.38 16.64 -31.39
C SER A 518 16.61 15.74 -31.34
N HIS A 519 17.63 16.10 -32.13
CA HIS A 519 18.85 15.31 -32.17
C HIS A 519 19.55 15.29 -30.82
N LYS A 520 19.42 16.37 -30.05
CA LYS A 520 20.02 16.40 -28.72
C LYS A 520 19.46 15.31 -27.83
N GLN A 521 18.13 15.13 -27.86
CA GLN A 521 17.53 14.04 -27.09
C GLN A 521 18.04 12.69 -27.58
N ILE A 522 18.14 12.50 -28.90
CA ILE A 522 18.57 11.22 -29.44
C ILE A 522 19.98 10.90 -28.97
N MET A 523 20.87 11.90 -28.98
CA MET A 523 22.22 11.67 -28.45
C MET A 523 22.18 11.38 -26.96
N GLU A 524 21.32 12.07 -26.21
CA GLU A 524 21.32 11.97 -24.76
C GLU A 524 20.37 10.92 -24.21
N ASN A 525 19.71 10.14 -25.06
CA ASN A 525 18.79 9.11 -24.59
C ASN A 525 19.58 7.83 -24.34
N ALA A 526 19.59 7.38 -23.09
CA ALA A 526 20.39 6.22 -22.73
C ALA A 526 19.91 4.95 -23.42
N GLU A 527 18.59 4.75 -23.47
CA GLU A 527 18.05 3.47 -23.94
C GLU A 527 18.27 3.28 -25.44
N ILE A 528 18.10 4.34 -26.22
CA ILE A 528 18.35 4.24 -27.66
C ILE A 528 19.82 3.92 -27.92
N ASN A 529 20.73 4.60 -27.22
CA ASN A 529 22.15 4.30 -27.38
C ASN A 529 22.45 2.86 -26.97
N ASN A 530 21.85 2.39 -25.87
CA ASN A 530 22.11 1.03 -25.42
C ASN A 530 21.63 0.01 -26.43
N ILE A 531 20.41 0.17 -26.95
CA ILE A 531 19.91 -0.78 -27.93
C ILE A 531 20.73 -0.71 -29.22
N ILE A 532 21.18 0.48 -29.61
CA ILE A 532 22.01 0.62 -30.80
C ILE A 532 23.33 -0.13 -30.62
N LYS A 533 23.94 0.00 -29.44
CA LYS A 533 25.17 -0.73 -29.15
C LYS A 533 24.92 -2.24 -29.18
N ILE A 534 23.85 -2.69 -28.55
CA ILE A 534 23.63 -4.13 -28.40
C ILE A 534 23.31 -4.78 -29.74
N VAL A 535 22.48 -4.12 -30.56
CA VAL A 535 22.23 -4.64 -31.90
C VAL A 535 23.42 -4.39 -32.82
N GLY A 536 24.27 -3.42 -32.50
CA GLY A 536 25.35 -3.04 -33.38
C GLY A 536 24.96 -2.04 -34.44
N LEU A 537 23.88 -1.29 -34.23
CA LEU A 537 23.41 -0.33 -35.21
C LEU A 537 24.38 0.84 -35.34
N GLN A 538 24.40 1.45 -36.51
CA GLN A 538 25.26 2.58 -36.79
C GLN A 538 24.45 3.74 -37.35
N TYR A 539 24.77 4.95 -36.90
CA TYR A 539 24.06 6.14 -37.35
C TYR A 539 24.18 6.31 -38.86
N LYS A 540 23.05 6.60 -39.50
CA LYS A 540 22.99 6.95 -40.92
C LYS A 540 23.47 5.82 -41.82
N LYS A 541 23.79 4.66 -41.24
CA LYS A 541 24.25 3.54 -42.03
C LYS A 541 23.06 2.89 -42.73
N SER A 542 23.26 2.51 -43.99
CA SER A 542 22.24 1.81 -44.74
C SER A 542 22.46 0.30 -44.58
N TYR A 543 21.36 -0.41 -44.33
CA TYR A 543 21.40 -1.85 -44.08
C TYR A 543 20.57 -2.59 -45.12
N ASP A 544 20.72 -2.22 -46.38
CA ASP A 544 19.96 -2.82 -47.47
C ASP A 544 20.72 -3.94 -48.16
N ASP A 545 21.64 -4.58 -47.46
CA ASP A 545 22.41 -5.70 -48.02
C ASP A 545 22.92 -6.57 -46.89
N ALA A 546 23.08 -7.86 -47.18
CA ALA A 546 23.43 -8.83 -46.14
C ALA A 546 24.83 -8.60 -45.60
N GLU A 547 25.75 -8.08 -46.43
CA GLU A 547 27.11 -7.84 -45.97
C GLU A 547 27.14 -6.82 -44.84
N SER A 548 26.33 -5.77 -44.94
CA SER A 548 26.21 -4.84 -43.82
C SER A 548 25.40 -5.43 -42.68
N LEU A 549 24.50 -6.38 -42.98
CA LEU A 549 23.76 -7.06 -41.92
C LEU A 549 24.69 -7.90 -41.05
N LYS A 550 25.74 -8.46 -41.63
CA LYS A 550 26.69 -9.25 -40.87
C LYS A 550 27.44 -8.41 -39.84
N THR A 551 27.40 -7.09 -39.96
CA THR A 551 28.03 -6.22 -38.96
C THR A 551 27.24 -6.15 -37.66
N LEU A 552 26.02 -6.69 -37.64
CA LEU A 552 25.14 -6.59 -36.48
C LEU A 552 25.28 -7.83 -35.61
N ARG A 553 25.38 -7.61 -34.30
CA ARG A 553 25.52 -8.72 -33.35
C ARG A 553 24.28 -9.60 -33.29
N TYR A 554 23.13 -9.10 -33.73
CA TYR A 554 21.88 -9.84 -33.68
C TYR A 554 21.22 -9.83 -35.05
N GLY A 555 20.54 -10.93 -35.38
CA GLY A 555 19.90 -11.04 -36.66
C GLY A 555 18.47 -10.56 -36.67
N LYS A 556 17.65 -11.11 -35.78
CA LYS A 556 16.24 -10.76 -35.66
C LYS A 556 15.97 -10.11 -34.32
N ILE A 557 14.90 -9.32 -34.26
CA ILE A 557 14.45 -8.70 -33.03
C ILE A 557 13.00 -9.11 -32.78
N MET A 558 12.74 -9.63 -31.59
CA MET A 558 11.42 -10.08 -31.19
C MET A 558 10.94 -9.20 -30.03
N ILE A 559 9.71 -8.73 -30.15
CA ILE A 559 9.09 -7.87 -29.15
C ILE A 559 7.91 -8.62 -28.53
N MET A 560 7.84 -8.62 -27.21
CA MET A 560 6.71 -9.21 -26.52
C MET A 560 6.47 -8.41 -25.25
N THR A 561 5.21 -8.26 -24.87
CA THR A 561 4.78 -7.42 -23.76
C THR A 561 3.38 -7.86 -23.34
N ASP A 562 2.74 -7.06 -22.50
CA ASP A 562 1.35 -7.29 -22.14
C ASP A 562 0.48 -7.29 -23.39
N GLN A 563 -0.72 -7.84 -23.25
CA GLN A 563 -1.64 -7.89 -24.38
C GLN A 563 -2.54 -6.67 -24.43
N ASP A 564 -2.42 -5.76 -23.48
CA ASP A 564 -3.29 -4.58 -23.42
C ASP A 564 -2.87 -3.57 -24.48
N GLN A 565 -3.44 -2.37 -24.42
CA GLN A 565 -3.18 -1.37 -25.44
C GLN A 565 -1.77 -0.81 -25.36
N ASP A 566 -1.27 -0.61 -24.14
CA ASP A 566 0.06 -0.01 -23.97
C ASP A 566 1.14 -0.86 -24.62
N GLY A 567 0.99 -2.18 -24.63
CA GLY A 567 1.93 -3.01 -25.35
C GLY A 567 1.93 -2.73 -26.84
N SER A 568 0.73 -2.57 -27.41
CA SER A 568 0.63 -2.20 -28.82
C SER A 568 1.28 -0.84 -29.06
N HIS A 569 1.15 0.07 -28.11
CA HIS A 569 1.80 1.37 -28.25
C HIS A 569 3.32 1.21 -28.25
N ILE A 570 3.85 0.33 -27.41
CA ILE A 570 5.29 0.10 -27.40
C ILE A 570 5.76 -0.49 -28.72
N LYS A 571 5.04 -1.48 -29.24
CA LYS A 571 5.36 -1.96 -30.59
C LYS A 571 5.34 -0.83 -31.60
N GLY A 572 4.34 0.05 -31.51
CA GLY A 572 4.27 1.16 -32.46
C GLY A 572 5.47 2.08 -32.35
N LEU A 573 5.87 2.41 -31.13
CA LEU A 573 7.03 3.28 -30.95
C LEU A 573 8.30 2.65 -31.49
N LEU A 574 8.48 1.35 -31.23
CA LEU A 574 9.64 0.66 -31.77
C LEU A 574 9.63 0.67 -33.29
N ILE A 575 8.46 0.41 -33.88
CA ILE A 575 8.33 0.41 -35.34
C ILE A 575 8.67 1.79 -35.89
N ASN A 576 8.17 2.84 -35.24
CA ASN A 576 8.44 4.21 -35.68
C ASN A 576 9.94 4.50 -35.61
N PHE A 577 10.58 4.11 -34.51
CA PHE A 577 12.00 4.37 -34.36
C PHE A 577 12.81 3.67 -35.45
N ILE A 578 12.53 2.39 -35.68
CA ILE A 578 13.26 1.65 -36.69
C ILE A 578 13.02 2.24 -38.07
N HIS A 579 11.76 2.54 -38.39
CA HIS A 579 11.42 3.06 -39.71
C HIS A 579 12.05 4.41 -39.96
N HIS A 580 12.04 5.29 -38.95
CA HIS A 580 12.63 6.61 -39.10
C HIS A 580 14.14 6.51 -39.28
N ASN A 581 14.79 5.70 -38.45
CA ASN A 581 16.26 5.66 -38.50
C ASN A 581 16.75 4.81 -39.66
N TRP A 582 16.32 3.56 -39.75
CA TRP A 582 16.81 2.62 -40.75
C TRP A 582 15.65 1.88 -41.37
N PRO A 583 14.91 2.52 -42.27
CA PRO A 583 13.70 1.89 -42.84
C PRO A 583 13.98 0.62 -43.63
N SER A 584 15.16 0.50 -44.25
CA SER A 584 15.42 -0.63 -45.14
C SER A 584 15.30 -1.96 -44.41
N LEU A 585 15.54 -1.97 -43.10
CA LEU A 585 15.42 -3.21 -42.33
C LEU A 585 14.03 -3.81 -42.47
N LEU A 586 12.99 -2.96 -42.52
CA LEU A 586 11.63 -3.48 -42.64
C LEU A 586 11.45 -4.29 -43.91
N LYS A 587 12.25 -4.00 -44.95
CA LYS A 587 12.12 -4.75 -46.19
C LYS A 587 12.61 -6.19 -46.07
N HIS A 588 13.30 -6.54 -44.99
CA HIS A 588 13.88 -7.88 -44.84
C HIS A 588 13.25 -8.66 -43.70
N GLY A 589 12.06 -8.28 -43.24
CA GLY A 589 11.40 -8.99 -42.17
C GLY A 589 12.22 -9.01 -40.89
N PHE A 590 12.72 -7.84 -40.50
CA PHE A 590 13.66 -7.75 -39.38
C PHE A 590 12.98 -7.92 -38.02
N LEU A 591 11.66 -7.75 -37.95
CA LEU A 591 10.97 -7.66 -36.67
C LEU A 591 9.88 -8.71 -36.55
N GLU A 592 9.76 -9.28 -35.36
CA GLU A 592 8.69 -10.22 -35.05
C GLU A 592 8.22 -9.99 -33.64
N GLU A 593 6.99 -10.41 -33.37
CA GLU A 593 6.35 -10.25 -32.08
C GLU A 593 5.94 -11.61 -31.52
N PHE A 594 6.13 -11.76 -30.21
CA PHE A 594 5.75 -12.95 -29.47
C PHE A 594 4.48 -12.62 -28.69
N ILE A 595 3.36 -13.11 -29.19
CA ILE A 595 2.08 -12.84 -28.53
C ILE A 595 1.91 -13.81 -27.36
N THR A 596 1.16 -13.38 -26.35
CA THR A 596 0.85 -14.21 -25.20
C THR A 596 -0.65 -14.19 -24.95
N PRO A 597 -1.22 -15.30 -24.47
CA PRO A 597 -2.66 -15.32 -24.21
C PRO A 597 -3.03 -14.35 -23.12
N ILE A 598 -4.26 -13.82 -23.22
CA ILE A 598 -4.77 -12.90 -22.23
C ILE A 598 -5.83 -13.53 -21.33
N VAL A 599 -6.52 -14.57 -21.79
CA VAL A 599 -7.55 -15.22 -20.99
C VAL A 599 -7.32 -16.72 -21.03
N LYS A 600 -7.44 -17.37 -19.87
CA LYS A 600 -7.33 -18.82 -19.78
C LYS A 600 -8.59 -19.37 -19.11
N ALA A 601 -9.26 -20.28 -19.81
CA ALA A 601 -10.48 -20.91 -19.32
C ALA A 601 -10.21 -22.38 -18.99
N SER A 602 -10.69 -22.83 -17.85
CA SER A 602 -10.42 -24.18 -17.37
C SER A 602 -11.71 -24.95 -17.16
N LYS A 603 -11.70 -26.21 -17.57
CA LYS A 603 -12.79 -27.14 -17.29
C LYS A 603 -12.18 -28.51 -17.05
N ASN A 604 -12.14 -28.95 -15.80
CA ASN A 604 -11.54 -30.22 -15.42
C ASN A 604 -10.08 -30.25 -15.84
N LYS A 605 -9.79 -30.83 -17.01
CA LYS A 605 -8.46 -30.86 -17.57
C LYS A 605 -8.29 -29.96 -18.77
N GLN A 606 -9.36 -29.73 -19.54
CA GLN A 606 -9.27 -28.89 -20.73
C GLN A 606 -8.97 -27.45 -20.35
N GLU A 607 -8.06 -26.84 -21.12
CA GLU A 607 -7.69 -25.44 -20.95
C GLU A 607 -7.76 -24.75 -22.31
N LEU A 608 -8.45 -23.62 -22.36
CA LEU A 608 -8.61 -22.84 -23.58
C LEU A 608 -7.90 -21.50 -23.42
N SER A 609 -7.09 -21.13 -24.40
CA SER A 609 -6.35 -19.88 -24.40
C SER A 609 -6.99 -18.91 -25.38
N PHE A 610 -7.18 -17.67 -24.93
CA PHE A 610 -7.76 -16.61 -25.74
C PHE A 610 -6.81 -15.43 -25.76
N TYR A 611 -6.45 -15.00 -26.97
CA TYR A 611 -5.51 -13.91 -27.16
C TYR A 611 -6.20 -12.56 -27.35
N SER A 612 -7.50 -12.53 -27.59
CA SER A 612 -8.23 -11.29 -27.80
C SER A 612 -9.50 -11.27 -26.98
N ILE A 613 -9.76 -10.14 -26.32
CA ILE A 613 -11.02 -9.98 -25.59
C ILE A 613 -12.23 -10.19 -26.49
N PRO A 614 -12.29 -9.65 -27.72
CA PRO A 614 -13.49 -9.89 -28.54
C PRO A 614 -13.80 -11.36 -28.78
N GLU A 615 -12.81 -12.13 -29.26
CA GLU A 615 -13.06 -13.55 -29.49
C GLU A 615 -13.36 -14.27 -28.18
N PHE A 616 -12.71 -13.88 -27.10
CA PHE A 616 -12.98 -14.50 -25.80
C PHE A 616 -14.43 -14.29 -25.39
N ASP A 617 -14.94 -13.07 -25.54
CA ASP A 617 -16.33 -12.81 -25.17
C ASP A 617 -17.29 -13.47 -26.14
N GLU A 618 -16.93 -13.56 -27.42
CA GLU A 618 -17.73 -14.31 -28.37
C GLU A 618 -17.89 -15.76 -27.92
N TRP A 619 -16.78 -16.38 -27.52
CA TRP A 619 -16.84 -17.74 -27.00
C TRP A 619 -17.65 -17.80 -25.71
N LYS A 620 -17.47 -16.81 -24.83
CA LYS A 620 -18.14 -16.81 -23.54
C LYS A 620 -19.66 -16.74 -23.69
N LYS A 621 -20.14 -15.89 -24.58
CA LYS A 621 -21.57 -15.74 -24.81
C LYS A 621 -22.16 -16.87 -25.64
N HIS A 622 -21.43 -17.96 -25.83
CA HIS A 622 -21.89 -19.12 -26.57
C HIS A 622 -21.55 -20.40 -25.82
N ILE A 623 -21.83 -20.41 -24.52
CA ILE A 623 -21.59 -21.56 -23.66
C ILE A 623 -22.90 -21.92 -22.97
N GLU A 624 -23.15 -23.22 -22.81
CA GLU A 624 -24.32 -23.68 -22.08
C GLU A 624 -24.25 -23.31 -20.61
N ASN A 625 -23.04 -23.23 -20.05
CA ASN A 625 -22.87 -22.94 -18.62
C ASN A 625 -21.54 -22.23 -18.44
N GLN A 626 -21.61 -20.96 -18.03
CA GLN A 626 -20.38 -20.24 -17.73
C GLN A 626 -19.69 -20.79 -16.49
N LYS A 627 -20.46 -21.27 -15.52
CA LYS A 627 -19.88 -21.84 -14.31
C LYS A 627 -19.19 -23.17 -14.56
N ALA A 628 -19.39 -23.78 -15.72
CA ALA A 628 -18.67 -25.01 -16.05
C ALA A 628 -17.19 -24.78 -16.27
N TRP A 629 -16.77 -23.51 -16.44
CA TRP A 629 -15.37 -23.16 -16.63
C TRP A 629 -14.98 -22.09 -15.64
N LYS A 630 -13.70 -22.05 -15.30
CA LYS A 630 -13.13 -20.98 -14.49
C LYS A 630 -12.26 -20.11 -15.39
N ILE A 631 -12.46 -18.80 -15.30
CA ILE A 631 -11.82 -17.84 -16.19
C ILE A 631 -10.76 -17.07 -15.42
N LYS A 632 -9.53 -17.06 -15.93
CA LYS A 632 -8.45 -16.26 -15.39
C LYS A 632 -8.04 -15.23 -16.42
N TYR A 633 -8.04 -13.96 -16.02
CA TYR A 633 -7.71 -12.85 -16.91
C TYR A 633 -6.24 -12.51 -16.74
N TYR A 634 -5.43 -12.90 -17.74
CA TYR A 634 -4.01 -12.58 -17.73
C TYR A 634 -3.83 -11.18 -18.30
N LYS A 635 -4.05 -10.19 -17.44
CA LYS A 635 -3.87 -8.79 -17.80
C LYS A 635 -2.46 -8.28 -17.51
N GLY A 636 -1.47 -9.17 -17.60
CA GLY A 636 -0.10 -8.77 -17.39
C GLY A 636 0.83 -9.92 -17.67
N LEU A 637 2.11 -9.71 -17.39
CA LEU A 637 3.10 -10.76 -17.50
C LEU A 637 3.63 -11.24 -16.16
N GLY A 638 3.55 -10.41 -15.11
CA GLY A 638 3.88 -10.89 -13.79
C GLY A 638 2.91 -11.92 -13.25
N THR A 639 1.68 -11.92 -13.77
CA THR A 639 0.72 -12.94 -13.37
C THR A 639 1.15 -14.33 -13.84
N SER A 640 1.67 -14.43 -15.06
CA SER A 640 2.08 -15.72 -15.59
C SER A 640 3.26 -16.27 -14.79
N THR A 641 3.17 -17.55 -14.43
CA THR A 641 4.23 -18.20 -13.68
C THR A 641 5.34 -18.68 -14.60
N ALA A 642 6.49 -18.99 -14.00
CA ALA A 642 7.62 -19.48 -14.79
C ALA A 642 7.29 -20.79 -15.50
N LYS A 643 6.46 -21.63 -14.88
CA LYS A 643 6.08 -22.89 -15.51
C LYS A 643 5.33 -22.66 -16.81
N GLU A 644 4.42 -21.68 -16.81
CA GLU A 644 3.66 -21.39 -18.02
C GLU A 644 4.56 -20.88 -19.14
N ALA A 645 5.70 -20.28 -18.79
CA ALA A 645 6.64 -19.84 -19.81
C ALA A 645 7.17 -21.02 -20.62
N LYS A 646 7.26 -22.19 -20.00
CA LYS A 646 7.65 -23.38 -20.74
C LYS A 646 6.69 -23.65 -21.89
N GLU A 647 5.39 -23.62 -21.61
CA GLU A 647 4.40 -23.79 -22.67
C GLU A 647 4.46 -22.64 -23.66
N TYR A 648 4.66 -21.41 -23.18
CA TYR A 648 4.75 -20.27 -24.08
C TYR A 648 5.93 -20.43 -25.03
N PHE A 649 7.08 -20.83 -24.51
CA PHE A 649 8.28 -20.95 -25.32
C PHE A 649 8.37 -22.28 -26.04
N ALA A 650 7.40 -23.16 -25.88
CA ALA A 650 7.36 -24.41 -26.63
C ALA A 650 6.50 -24.32 -27.88
N ASP A 651 5.83 -23.19 -28.11
CA ASP A 651 4.91 -23.04 -29.25
C ASP A 651 5.22 -21.73 -29.97
N MET A 652 6.17 -21.78 -30.91
CA MET A 652 6.42 -20.62 -31.76
C MET A 652 5.29 -20.42 -32.76
N GLU A 653 4.64 -21.50 -33.20
CA GLU A 653 3.59 -21.36 -34.22
C GLU A 653 2.45 -20.49 -33.72
N ARG A 654 2.06 -20.66 -32.45
CA ARG A 654 0.98 -19.88 -31.87
C ARG A 654 1.47 -18.59 -31.23
N HIS A 655 2.79 -18.37 -31.13
CA HIS A 655 3.31 -17.23 -30.40
C HIS A 655 4.37 -16.47 -31.20
N ARG A 656 4.25 -16.43 -32.52
CA ARG A 656 5.23 -15.70 -33.33
C ARG A 656 4.55 -15.15 -34.57
N ILE A 657 4.55 -13.82 -34.68
CA ILE A 657 4.06 -13.13 -35.88
C ILE A 657 5.21 -12.31 -36.44
N LEU A 658 5.30 -12.23 -37.75
CA LEU A 658 6.41 -11.53 -38.41
C LEU A 658 5.88 -10.29 -39.12
N PHE A 659 6.59 -9.17 -38.95
CA PHE A 659 6.17 -7.91 -39.56
C PHE A 659 6.59 -7.91 -41.02
N ARG A 660 5.70 -8.39 -41.88
CA ARG A 660 5.96 -8.46 -43.31
C ARG A 660 5.63 -7.12 -43.94
N TYR A 661 6.65 -6.42 -44.43
CA TYR A 661 6.45 -5.14 -45.07
C TYR A 661 5.71 -5.32 -46.39
N ALA A 662 4.76 -4.41 -46.65
CA ALA A 662 3.91 -4.49 -47.83
C ALA A 662 4.30 -3.48 -48.91
N GLY A 663 4.39 -2.20 -48.54
CA GLY A 663 4.73 -1.17 -49.50
C GLY A 663 4.65 0.22 -48.90
N PRO A 664 4.51 1.23 -49.76
CA PRO A 664 4.43 2.61 -49.26
C PRO A 664 3.23 2.86 -48.37
N GLU A 665 2.20 2.03 -48.45
CA GLU A 665 1.04 2.20 -47.58
C GLU A 665 1.42 2.03 -46.11
N ASP A 666 2.32 1.08 -45.82
CA ASP A 666 2.81 0.94 -44.46
C ASP A 666 3.53 2.19 -43.99
N ASP A 667 4.37 2.77 -44.86
CA ASP A 667 5.07 3.99 -44.49
C ASP A 667 4.09 5.13 -44.25
N ALA A 668 3.06 5.24 -45.08
CA ALA A 668 2.05 6.27 -44.89
C ALA A 668 1.31 6.06 -43.58
N ALA A 669 1.00 4.79 -43.24
CA ALA A 669 0.32 4.51 -41.99
C ALA A 669 1.18 4.90 -40.80
N ILE A 670 2.47 4.56 -40.83
CA ILE A 670 3.36 4.92 -39.73
C ILE A 670 3.46 6.44 -39.59
N THR A 671 3.60 7.13 -40.73
CA THR A 671 3.68 8.57 -40.70
C THR A 671 2.41 9.19 -40.14
N LEU A 672 1.26 8.66 -40.54
CA LEU A 672 -0.02 9.10 -39.98
C LEU A 672 -0.04 8.89 -38.47
N ALA A 673 0.45 7.74 -38.01
CA ALA A 673 0.37 7.44 -36.59
C ALA A 673 1.34 8.28 -35.77
N PHE A 674 2.42 8.75 -36.37
CA PHE A 674 3.53 9.26 -35.56
C PHE A 674 4.08 10.61 -35.98
N SER A 675 3.89 11.05 -37.22
CA SER A 675 4.39 12.36 -37.60
C SER A 675 3.56 13.45 -36.93
N LYS A 676 4.25 14.40 -36.29
CA LYS A 676 3.56 15.50 -35.64
C LYS A 676 2.80 16.37 -36.62
N LYS A 677 3.17 16.32 -37.90
CA LYS A 677 2.50 17.15 -38.91
C LYS A 677 1.04 16.77 -39.06
N LYS A 678 0.74 15.47 -39.03
CA LYS A 678 -0.62 15.00 -39.32
C LYS A 678 -1.46 14.85 -38.05
N ILE A 679 -1.49 15.89 -37.22
CA ILE A 679 -2.38 15.87 -36.06
C ILE A 679 -3.84 15.88 -36.49
N ASP A 680 -4.18 16.80 -37.40
CA ASP A 680 -5.56 16.89 -37.86
C ASP A 680 -5.98 15.63 -38.60
N ASP A 681 -5.06 15.06 -39.38
CA ASP A 681 -5.34 13.78 -40.03
C ASP A 681 -5.61 12.70 -38.99
N ARG A 682 -4.87 12.72 -37.88
CA ARG A 682 -5.16 11.81 -36.79
C ARG A 682 -6.53 12.08 -36.20
N LYS A 683 -6.91 13.36 -36.07
CA LYS A 683 -8.23 13.69 -35.55
C LYS A 683 -9.33 13.10 -36.41
N GLU A 684 -9.24 13.30 -37.73
CA GLU A 684 -10.29 12.79 -38.61
C GLU A 684 -10.27 11.27 -38.68
N TRP A 685 -9.08 10.66 -38.63
CA TRP A 685 -8.99 9.21 -38.63
C TRP A 685 -9.66 8.62 -37.39
N LEU A 686 -9.40 9.21 -36.22
CA LEU A 686 -10.02 8.76 -34.99
C LEU A 686 -11.53 9.00 -35.03
N THR A 687 -11.95 10.13 -35.59
CA THR A 687 -13.38 10.39 -35.70
C THR A 687 -14.07 9.36 -36.59
N ASN A 688 -13.44 9.00 -37.71
CA ASN A 688 -14.01 7.97 -38.57
C ASN A 688 -14.09 6.64 -37.86
N PHE A 689 -13.04 6.28 -37.12
CA PHE A 689 -13.06 5.03 -36.36
C PHE A 689 -14.16 5.05 -35.31
N MET A 690 -14.33 6.18 -34.61
CA MET A 690 -15.36 6.29 -33.61
C MET A 690 -16.75 6.15 -34.23
N GLU A 691 -16.94 6.77 -35.39
CA GLU A 691 -18.23 6.64 -36.07
C GLU A 691 -18.49 5.20 -36.49
N ASP A 692 -17.46 4.51 -36.98
CA ASP A 692 -17.63 3.11 -37.36
C ASP A 692 -17.97 2.26 -36.15
N ARG A 693 -17.30 2.50 -35.02
CA ARG A 693 -17.60 1.75 -33.81
C ARG A 693 -19.01 2.04 -33.30
N ARG A 694 -19.45 3.30 -33.41
CA ARG A 694 -20.81 3.63 -33.03
C ARG A 694 -21.82 2.91 -33.90
N GLN A 695 -21.57 2.86 -35.21
CA GLN A 695 -22.48 2.13 -36.10
C GLN A 695 -22.49 0.65 -35.76
N ARG A 696 -21.32 0.08 -35.47
CA ARG A 696 -21.25 -1.33 -35.12
C ARG A 696 -22.00 -1.62 -33.83
N ARG A 697 -21.83 -0.77 -32.82
CA ARG A 697 -22.49 -1.01 -31.53
C ARG A 697 -23.99 -0.77 -31.61
N LEU A 698 -24.43 0.14 -32.48
CA LEU A 698 -25.86 0.35 -32.66
C LEU A 698 -26.47 -0.66 -33.63
N HIS A 699 -25.66 -1.41 -34.36
CA HIS A 699 -26.16 -2.45 -35.26
C HIS A 699 -25.80 -3.85 -34.81
N GLY A 700 -24.93 -3.99 -33.81
CA GLY A 700 -24.59 -5.30 -33.28
C GLY A 700 -23.63 -6.11 -34.13
N LEU A 701 -23.04 -5.52 -35.16
CA LEU A 701 -22.12 -6.26 -36.02
C LEU A 701 -20.79 -6.48 -35.31
N PRO A 702 -20.37 -7.72 -35.11
CA PRO A 702 -19.05 -7.96 -34.49
C PRO A 702 -17.92 -7.60 -35.43
N GLU A 703 -16.77 -7.28 -34.84
CA GLU A 703 -15.58 -6.92 -35.61
C GLU A 703 -14.70 -8.14 -35.77
N GLN A 704 -13.71 -8.02 -36.65
CA GLN A 704 -12.79 -9.12 -36.98
C GLN A 704 -11.54 -8.98 -36.14
N PHE A 705 -11.40 -9.84 -35.13
CA PHE A 705 -10.17 -9.87 -34.35
C PHE A 705 -9.02 -10.38 -35.20
N LEU A 706 -7.87 -9.72 -35.09
CA LEU A 706 -6.74 -10.03 -35.95
C LEU A 706 -6.06 -11.34 -35.57
N TYR A 707 -6.11 -11.70 -34.30
CA TYR A 707 -5.43 -12.91 -33.81
C TYR A 707 -6.20 -14.13 -34.30
N GLY A 708 -5.93 -14.51 -35.55
CA GLY A 708 -6.52 -15.68 -36.16
C GLY A 708 -5.60 -16.89 -36.06
N THR A 709 -6.17 -18.05 -36.35
CA THR A 709 -5.39 -19.29 -36.33
C THR A 709 -4.30 -19.27 -37.38
N ALA A 710 -4.63 -18.84 -38.60
CA ALA A 710 -3.65 -18.75 -39.67
C ALA A 710 -2.86 -17.45 -39.64
N THR A 711 -3.16 -16.55 -38.72
CA THR A 711 -2.46 -15.27 -38.63
C THR A 711 -1.02 -15.52 -38.17
N LYS A 712 -0.07 -15.40 -39.10
CA LYS A 712 1.34 -15.54 -38.80
C LYS A 712 2.20 -14.43 -39.38
N HIS A 713 1.76 -13.77 -40.44
CA HIS A 713 2.46 -12.63 -41.03
C HIS A 713 1.53 -11.44 -40.99
N LEU A 714 2.02 -10.32 -40.45
CA LEU A 714 1.22 -9.13 -40.22
C LEU A 714 1.86 -7.93 -40.92
N THR A 715 1.02 -7.12 -41.55
CA THR A 715 1.48 -5.88 -42.16
C THR A 715 1.37 -4.74 -41.16
N TYR A 716 2.27 -3.76 -41.31
CA TYR A 716 2.22 -2.59 -40.43
C TYR A 716 0.91 -1.83 -40.58
N ASN A 717 0.27 -1.95 -41.75
CA ASN A 717 -0.98 -1.23 -41.99
C ASN A 717 -2.06 -1.71 -41.05
N ASP A 718 -2.27 -3.02 -40.98
CA ASP A 718 -3.28 -3.57 -40.09
C ASP A 718 -2.94 -3.31 -38.63
N PHE A 719 -1.66 -3.42 -38.27
CA PHE A 719 -1.26 -3.16 -36.90
C PHE A 719 -1.58 -1.73 -36.49
N ILE A 720 -1.31 -0.76 -37.37
CA ILE A 720 -1.59 0.64 -37.04
C ILE A 720 -3.09 0.91 -37.03
N ASN A 721 -3.81 0.46 -38.05
CA ASN A 721 -5.21 0.81 -38.20
C ASN A 721 -6.15 -0.13 -37.48
N LYS A 722 -5.63 -1.08 -36.70
CA LYS A 722 -6.49 -2.05 -36.05
C LYS A 722 -6.26 -2.14 -34.55
N GLU A 723 -5.03 -1.95 -34.09
CA GLU A 723 -4.80 -2.10 -32.65
C GLU A 723 -4.15 -0.89 -32.00
N LEU A 724 -3.17 -0.26 -32.64
CA LEU A 724 -2.65 0.99 -32.11
C LEU A 724 -3.75 2.05 -32.03
N ILE A 725 -4.69 2.02 -32.98
CA ILE A 725 -5.84 2.91 -32.93
C ILE A 725 -6.70 2.60 -31.72
N LEU A 726 -6.79 1.33 -31.33
CA LEU A 726 -7.51 0.99 -30.10
C LEU A 726 -6.83 1.61 -28.89
N PHE A 727 -5.50 1.63 -28.88
CA PHE A 727 -4.80 2.31 -27.80
C PHE A 727 -5.09 3.81 -27.83
N SER A 728 -5.14 4.40 -29.01
CA SER A 728 -5.45 5.83 -29.10
C SER A 728 -6.83 6.10 -28.53
N ASN A 729 -7.81 5.27 -28.86
CA ASN A 729 -9.15 5.44 -28.32
C ASN A 729 -9.17 5.29 -26.81
N SER A 730 -8.45 4.29 -26.29
CA SER A 730 -8.39 4.10 -24.84
C SER A 730 -7.73 5.29 -24.15
N ASP A 731 -6.66 5.82 -24.74
CA ASP A 731 -6.01 7.00 -24.18
C ASP A 731 -6.93 8.19 -24.19
N ASN A 732 -7.71 8.35 -25.27
CA ASN A 732 -8.68 9.44 -25.31
C ASN A 732 -9.70 9.29 -24.19
N GLU A 733 -10.18 8.07 -23.96
CA GLU A 733 -11.10 7.85 -22.86
C GLU A 733 -10.45 8.15 -21.52
N ARG A 734 -9.18 7.79 -21.36
CA ARG A 734 -8.49 8.02 -20.09
C ARG A 734 -8.30 9.51 -19.82
N SER A 735 -7.96 10.28 -20.84
CA SER A 735 -7.50 11.64 -20.62
C SER A 735 -8.60 12.69 -20.71
N ILE A 736 -9.36 12.71 -21.80
CA ILE A 736 -10.39 13.73 -21.97
C ILE A 736 -11.55 13.47 -21.02
N PRO A 737 -11.88 14.42 -20.14
CA PRO A 737 -12.94 14.18 -19.16
C PRO A 737 -14.32 14.12 -19.78
N SER A 738 -15.34 13.99 -18.95
CA SER A 738 -16.73 13.96 -19.37
C SER A 738 -17.41 15.26 -19.00
N LEU A 739 -18.27 15.76 -19.90
CA LEU A 739 -19.02 16.96 -19.60
C LEU A 739 -19.92 16.78 -18.40
N VAL A 740 -20.42 15.56 -18.18
CA VAL A 740 -21.47 15.34 -17.19
C VAL A 740 -20.96 15.64 -15.79
N ASP A 741 -19.74 15.21 -15.46
CA ASP A 741 -19.20 15.44 -14.14
C ASP A 741 -17.74 15.88 -14.12
N GLY A 742 -17.08 16.00 -15.26
CA GLY A 742 -15.70 16.44 -15.28
C GLY A 742 -14.71 15.46 -14.69
N PHE A 743 -15.05 14.17 -14.65
CA PHE A 743 -14.21 13.15 -14.08
C PHE A 743 -13.69 12.21 -15.17
N LYS A 744 -12.37 12.08 -15.24
CA LYS A 744 -11.79 11.00 -16.00
C LYS A 744 -12.04 9.68 -15.29
N PRO A 745 -12.05 8.57 -16.02
CA PRO A 745 -12.44 7.28 -15.40
C PRO A 745 -11.68 6.94 -14.14
N GLY A 746 -10.40 7.31 -14.05
CA GLY A 746 -9.66 7.07 -12.81
C GLY A 746 -10.25 7.83 -11.64
N GLN A 747 -10.54 9.12 -11.85
CA GLN A 747 -11.14 9.91 -10.78
C GLN A 747 -12.53 9.39 -10.43
N ARG A 748 -13.28 8.95 -11.43
CA ARG A 748 -14.59 8.37 -11.17
C ARG A 748 -14.48 7.12 -10.31
N LYS A 749 -13.51 6.26 -10.61
CA LYS A 749 -13.28 5.07 -9.78
C LYS A 749 -12.90 5.46 -8.36
N VAL A 750 -12.04 6.47 -8.21
CA VAL A 750 -11.66 6.92 -6.87
C VAL A 750 -12.88 7.34 -6.09
N LEU A 751 -13.73 8.18 -6.68
CA LEU A 751 -14.89 8.68 -5.96
C LEU A 751 -15.91 7.56 -5.69
N PHE A 752 -16.08 6.64 -6.63
CA PHE A 752 -17.00 5.53 -6.41
C PHE A 752 -16.54 4.66 -5.24
N THR A 753 -15.24 4.37 -5.18
CA THR A 753 -14.71 3.60 -4.06
C THR A 753 -14.83 4.38 -2.76
N CYS A 754 -14.55 5.67 -2.79
CA CYS A 754 -14.67 6.48 -1.58
C CYS A 754 -16.10 6.52 -1.08
N PHE A 755 -17.07 6.50 -2.00
CA PHE A 755 -18.48 6.48 -1.58
C PHE A 755 -18.86 5.12 -1.01
N LYS A 756 -18.46 4.04 -1.67
CA LYS A 756 -18.81 2.71 -1.19
C LYS A 756 -18.18 2.44 0.18
N ARG A 757 -16.91 2.81 0.36
CA ARG A 757 -16.26 2.63 1.65
C ARG A 757 -16.91 3.49 2.71
N ASN A 758 -17.23 4.74 2.38
CA ASN A 758 -17.82 5.68 3.33
C ASN A 758 -16.96 5.81 4.58
N ASP A 759 -15.66 5.99 4.37
CA ASP A 759 -14.74 6.15 5.48
C ASP A 759 -15.10 7.38 6.30
N LYS A 760 -15.15 7.21 7.62
CA LYS A 760 -15.50 8.29 8.53
C LYS A 760 -14.28 8.88 9.24
N ARG A 761 -13.08 8.44 8.88
CA ARG A 761 -11.88 8.92 9.54
C ARG A 761 -10.74 8.97 8.53
N GLU A 762 -9.58 9.41 8.99
CA GLU A 762 -8.42 9.54 8.11
C GLU A 762 -7.99 8.18 7.58
N VAL A 763 -7.57 8.15 6.33
CA VAL A 763 -7.06 6.95 5.70
C VAL A 763 -5.81 7.32 4.90
N LYS A 764 -4.80 6.47 4.95
CA LYS A 764 -3.59 6.71 4.18
C LYS A 764 -3.89 6.63 2.69
N VAL A 765 -3.14 7.42 1.92
CA VAL A 765 -3.37 7.48 0.48
C VAL A 765 -3.14 6.11 -0.15
N ALA A 766 -2.06 5.43 0.25
CA ALA A 766 -1.76 4.13 -0.33
C ALA A 766 -2.83 3.11 0.00
N GLN A 767 -3.35 3.13 1.24
CA GLN A 767 -4.40 2.20 1.62
C GLN A 767 -5.65 2.41 0.78
N LEU A 768 -6.05 3.67 0.60
CA LEU A 768 -7.22 3.96 -0.21
C LEU A 768 -6.98 3.58 -1.66
N ALA A 769 -5.76 3.79 -2.16
CA ALA A 769 -5.44 3.40 -3.53
C ALA A 769 -5.54 1.90 -3.71
N GLY A 770 -5.04 1.13 -2.75
CA GLY A 770 -5.19 -0.31 -2.81
C GLY A 770 -6.64 -0.75 -2.76
N SER A 771 -7.44 -0.09 -1.91
CA SER A 771 -8.85 -0.40 -1.88
C SER A 771 -9.51 -0.11 -3.22
N VAL A 772 -9.16 1.01 -3.84
CA VAL A 772 -9.68 1.35 -5.16
C VAL A 772 -9.30 0.27 -6.16
N ALA A 773 -8.05 -0.16 -6.13
CA ALA A 773 -7.58 -1.18 -7.06
C ALA A 773 -8.32 -2.49 -6.88
N GLU A 774 -8.70 -2.82 -5.64
CA GLU A 774 -9.30 -4.12 -5.42
C GLU A 774 -10.81 -4.14 -5.64
N MET A 775 -11.55 -3.15 -5.12
CA MET A 775 -13.00 -3.22 -5.20
C MET A 775 -13.57 -2.47 -6.40
N SER A 776 -12.72 -1.90 -7.25
CA SER A 776 -13.18 -1.20 -8.44
C SER A 776 -12.58 -1.76 -9.73
N ALA A 777 -11.84 -2.86 -9.64
CA ALA A 777 -11.29 -3.55 -10.80
C ALA A 777 -10.37 -2.66 -11.63
N TYR A 778 -9.61 -1.79 -10.95
CA TYR A 778 -8.61 -0.98 -11.62
C TYR A 778 -7.39 -1.84 -11.94
N HIS A 779 -6.93 -1.79 -13.18
CA HIS A 779 -5.89 -2.70 -13.65
C HIS A 779 -4.84 -1.96 -14.47
N HIS A 780 -4.37 -0.82 -13.97
CA HIS A 780 -3.31 -0.08 -14.65
C HIS A 780 -2.05 0.05 -13.79
N GLY A 781 -2.16 0.59 -12.59
CA GLY A 781 -1.00 0.80 -11.75
C GLY A 781 -1.35 1.61 -10.52
N GLU A 782 -0.70 1.31 -9.41
CA GLU A 782 -1.07 1.93 -8.15
C GLU A 782 -0.52 3.35 -8.04
N GLN A 783 0.65 3.61 -8.61
CA GLN A 783 1.21 4.96 -8.58
C GLN A 783 0.32 5.97 -9.31
N ALA A 784 -0.36 5.53 -10.37
CA ALA A 784 -1.33 6.40 -11.02
C ALA A 784 -2.46 6.75 -10.06
N LEU A 785 -2.90 5.79 -9.26
CA LEU A 785 -3.90 6.09 -8.25
C LEU A 785 -3.37 7.07 -7.21
N MET A 786 -2.12 6.92 -6.81
CA MET A 786 -1.54 7.86 -5.84
C MET A 786 -1.54 9.27 -6.42
N MET A 787 -1.14 9.41 -7.68
CA MET A 787 -1.14 10.71 -8.34
C MET A 787 -2.56 11.28 -8.44
N THR A 788 -3.53 10.43 -8.78
CA THR A 788 -4.90 10.89 -8.86
C THR A 788 -5.39 11.40 -7.50
N ILE A 789 -5.05 10.69 -6.43
CA ILE A 789 -5.43 11.13 -5.09
C ILE A 789 -4.82 12.49 -4.78
N VAL A 790 -3.51 12.63 -5.01
CA VAL A 790 -2.86 13.87 -4.64
C VAL A 790 -3.35 15.03 -5.50
N ASN A 791 -3.75 14.75 -6.75
CA ASN A 791 -4.32 15.81 -7.59
C ASN A 791 -5.70 16.22 -7.10
N LEU A 792 -6.58 15.26 -6.84
CA LEU A 792 -7.94 15.59 -6.45
C LEU A 792 -8.03 16.16 -5.05
N ALA A 793 -7.00 15.97 -4.22
CA ALA A 793 -7.02 16.50 -2.87
C ALA A 793 -6.38 17.88 -2.76
N GLN A 794 -5.82 18.41 -3.85
CA GLN A 794 -5.10 19.68 -3.79
C GLN A 794 -6.08 20.84 -3.72
N ASN A 795 -5.71 21.87 -2.93
CA ASN A 795 -6.59 22.99 -2.71
C ASN A 795 -5.92 24.35 -2.70
N PHE A 796 -4.62 24.44 -2.97
CA PHE A 796 -3.94 25.72 -2.90
C PHE A 796 -4.27 26.58 -4.12
N VAL A 797 -3.69 27.78 -4.16
CA VAL A 797 -4.04 28.77 -5.18
C VAL A 797 -3.61 28.28 -6.55
N GLY A 798 -4.51 28.41 -7.52
CA GLY A 798 -4.28 27.93 -8.87
C GLY A 798 -4.62 26.47 -9.07
N SER A 799 -4.82 25.73 -7.99
CA SER A 799 -5.22 24.33 -8.04
C SER A 799 -6.75 24.26 -8.04
N ASN A 800 -7.30 23.09 -7.71
CA ASN A 800 -8.74 22.91 -7.67
C ASN A 800 -9.40 23.96 -6.79
N ASN A 801 -10.46 24.58 -7.32
CA ASN A 801 -11.26 25.51 -6.52
C ASN A 801 -12.01 24.78 -5.43
N ILE A 802 -12.52 23.59 -5.73
CA ILE A 802 -13.26 22.77 -4.77
C ILE A 802 -12.44 21.52 -4.50
N ASN A 803 -12.01 21.36 -3.25
CA ASN A 803 -11.20 20.21 -2.84
C ASN A 803 -12.14 19.14 -2.29
N LEU A 804 -12.46 18.15 -3.12
CA LEU A 804 -13.36 17.08 -2.69
C LEU A 804 -12.75 16.29 -1.54
N LEU A 805 -11.46 15.98 -1.61
CA LEU A 805 -10.76 15.24 -0.57
C LEU A 805 -9.89 16.19 0.22
N GLN A 806 -10.04 16.16 1.53
CA GLN A 806 -9.31 17.09 2.39
C GLN A 806 -7.82 16.75 2.38
N PRO A 807 -6.94 17.70 2.08
CA PRO A 807 -5.50 17.43 2.07
C PRO A 807 -4.90 17.46 3.48
N ILE A 808 -5.06 16.35 4.19
CA ILE A 808 -4.53 16.24 5.57
C ILE A 808 -3.08 15.82 5.44
N GLY A 809 -2.22 16.81 5.22
CA GLY A 809 -0.81 16.56 5.02
C GLY A 809 -0.18 17.49 4.00
N GLN A 810 1.13 17.36 3.79
CA GLN A 810 1.84 18.22 2.86
C GLN A 810 1.54 17.82 1.42
N PHE A 811 0.48 18.40 0.85
CA PHE A 811 0.07 18.09 -0.51
C PHE A 811 0.62 19.06 -1.55
N GLY A 812 1.41 20.04 -1.12
CA GLY A 812 1.99 20.99 -2.06
C GLY A 812 1.51 22.41 -1.84
N THR A 813 2.31 23.38 -2.26
CA THR A 813 2.00 24.79 -2.10
C THR A 813 2.25 25.51 -3.41
N ARG A 814 2.09 26.84 -3.38
CA ARG A 814 2.37 27.66 -4.55
C ARG A 814 3.84 27.68 -4.92
N LEU A 815 4.71 27.21 -4.05
CA LEU A 815 6.14 27.26 -4.32
C LEU A 815 6.50 26.46 -5.55
N HIS A 816 5.97 25.25 -5.67
CA HIS A 816 6.28 24.38 -6.80
C HIS A 816 5.05 23.90 -7.56
N GLY A 817 3.87 24.35 -7.20
CA GLY A 817 2.67 23.90 -7.90
C GLY A 817 2.36 22.43 -7.70
N GLY A 818 2.48 21.93 -6.48
CA GLY A 818 2.20 20.55 -6.19
C GLY A 818 3.32 19.59 -6.48
N LYS A 819 4.46 20.07 -6.98
CA LYS A 819 5.62 19.22 -7.19
C LYS A 819 6.51 19.11 -5.97
N ASP A 820 6.22 19.89 -4.92
CA ASP A 820 6.96 19.83 -3.67
C ASP A 820 6.22 19.04 -2.61
N ALA A 821 5.18 18.31 -2.99
CA ALA A 821 4.37 17.58 -2.03
C ALA A 821 5.18 16.46 -1.39
N ALA A 822 4.75 16.08 -0.18
CA ALA A 822 5.41 14.99 0.52
C ALA A 822 5.14 13.66 -0.18
N SER A 823 5.83 12.62 0.30
CA SER A 823 5.65 11.31 -0.28
C SER A 823 4.22 10.84 -0.06
N PRO A 824 3.63 10.13 -1.02
CA PRO A 824 2.20 9.79 -0.93
C PRO A 824 1.89 8.65 0.02
N ARG A 825 2.83 8.24 0.87
CA ARG A 825 2.61 7.16 1.82
C ARG A 825 2.65 7.62 3.27
N TYR A 826 2.74 8.94 3.50
CA TYR A 826 2.68 9.49 4.85
C TYR A 826 1.63 10.58 4.97
N ILE A 827 0.71 10.66 4.02
CA ILE A 827 -0.29 11.71 3.97
C ILE A 827 -1.67 11.08 4.02
N PHE A 828 -2.56 11.66 4.81
CA PHE A 828 -3.90 11.16 5.00
C PHE A 828 -4.91 12.08 4.33
N THR A 829 -6.14 11.57 4.21
CA THR A 829 -7.23 12.32 3.60
C THR A 829 -8.54 11.66 3.99
N MET A 830 -9.62 12.42 3.89
CA MET A 830 -10.95 11.90 4.17
C MET A 830 -11.95 12.71 3.36
N LEU A 831 -13.12 12.10 3.13
CA LEU A 831 -14.15 12.72 2.30
C LEU A 831 -14.68 13.98 2.96
N SER A 832 -14.44 15.13 2.34
CA SER A 832 -15.04 16.36 2.81
C SER A 832 -16.54 16.29 2.65
N THR A 833 -17.27 16.87 3.62
CA THR A 833 -18.72 16.79 3.62
C THR A 833 -19.34 17.44 2.40
N LEU A 834 -18.60 18.30 1.70
CA LEU A 834 -19.16 18.99 0.55
C LEU A 834 -19.51 18.02 -0.58
N ALA A 835 -18.66 17.02 -0.79
CA ALA A 835 -18.81 16.14 -1.95
C ALA A 835 -20.15 15.41 -1.92
N ARG A 836 -20.54 14.91 -0.75
CA ARG A 836 -21.83 14.22 -0.64
C ARG A 836 -22.98 15.15 -0.98
N LEU A 837 -22.83 16.44 -0.71
CA LEU A 837 -23.84 17.40 -1.14
C LEU A 837 -23.92 17.48 -2.65
N LEU A 838 -22.77 17.48 -3.33
CA LEU A 838 -22.77 17.57 -4.79
C LEU A 838 -23.43 16.35 -5.42
N PHE A 839 -23.17 15.17 -4.87
CA PHE A 839 -23.73 13.92 -5.38
C PHE A 839 -24.60 13.34 -4.27
N PRO A 840 -25.88 13.68 -4.23
CA PRO A 840 -26.77 13.08 -3.25
C PRO A 840 -26.82 11.57 -3.41
N ALA A 841 -26.80 10.86 -2.27
CA ALA A 841 -26.78 9.40 -2.31
C ALA A 841 -28.01 8.84 -3.00
N VAL A 842 -29.16 9.52 -2.85
CA VAL A 842 -30.39 9.03 -3.45
C VAL A 842 -30.30 9.02 -4.97
N ASP A 843 -29.52 9.93 -5.55
CA ASP A 843 -29.40 9.99 -7.00
C ASP A 843 -28.70 8.77 -7.57
N ASP A 844 -27.94 8.04 -6.74
CA ASP A 844 -27.17 6.91 -7.24
C ASP A 844 -28.06 5.77 -7.74
N ASN A 845 -29.33 5.74 -7.33
CA ASN A 845 -30.23 4.68 -7.76
C ASN A 845 -30.58 4.77 -9.24
N LEU A 846 -30.26 5.88 -9.89
CA LEU A 846 -30.56 6.07 -11.30
C LEU A 846 -29.37 5.85 -12.22
N LEU A 847 -28.15 5.99 -11.69
CA LEU A 847 -26.96 5.86 -12.52
C LEU A 847 -26.84 4.45 -13.08
N LYS A 848 -26.37 4.35 -14.33
CA LYS A 848 -26.15 3.06 -14.98
C LYS A 848 -24.78 2.55 -14.57
N PHE A 849 -24.75 1.58 -13.66
CA PHE A 849 -23.50 1.05 -13.17
C PHE A 849 -22.89 0.07 -14.17
N LEU A 850 -21.59 -0.15 -14.03
CA LEU A 850 -20.82 -1.01 -14.92
C LEU A 850 -20.49 -2.33 -14.23
N TYR A 851 -20.05 -3.29 -15.04
CA TYR A 851 -19.67 -4.61 -14.55
C TYR A 851 -18.35 -5.01 -15.19
N ASP A 852 -17.35 -5.30 -14.36
CA ASP A 852 -16.06 -5.80 -14.81
C ASP A 852 -15.79 -7.13 -14.12
N ASP A 853 -15.56 -8.17 -14.91
CA ASP A 853 -15.40 -9.53 -14.39
C ASP A 853 -16.60 -9.92 -13.53
N ASN A 854 -17.79 -9.53 -13.99
CA ASN A 854 -19.04 -9.82 -13.30
C ASN A 854 -19.03 -9.30 -11.86
N GLN A 855 -18.47 -8.09 -11.69
CA GLN A 855 -18.42 -7.43 -10.40
C GLN A 855 -19.02 -6.04 -10.52
N ARG A 856 -19.74 -5.61 -9.48
CA ARG A 856 -20.36 -4.29 -9.48
C ARG A 856 -19.31 -3.21 -9.27
N VAL A 857 -19.15 -2.33 -10.26
CA VAL A 857 -18.17 -1.26 -10.23
C VAL A 857 -18.84 0.06 -10.53
N GLU A 858 -18.04 1.13 -10.64
CA GLU A 858 -18.47 2.50 -10.86
C GLU A 858 -19.51 2.61 -11.96
N PRO A 859 -20.32 3.67 -11.95
CA PRO A 859 -21.26 3.91 -13.05
C PRO A 859 -20.55 4.54 -14.23
N GLU A 860 -21.32 4.76 -15.31
CA GLU A 860 -20.75 5.43 -16.48
C GLU A 860 -20.27 6.83 -16.13
N TRP A 861 -21.05 7.56 -15.34
CA TRP A 861 -20.74 8.92 -14.94
C TRP A 861 -21.66 9.33 -13.82
N TYR A 862 -21.12 10.10 -12.88
CA TYR A 862 -21.91 10.56 -11.76
C TYR A 862 -22.77 11.75 -12.17
N ILE A 863 -23.65 12.17 -11.27
CA ILE A 863 -24.55 13.27 -11.56
C ILE A 863 -24.50 14.25 -10.39
N PRO A 864 -23.90 15.41 -10.55
CA PRO A 864 -23.92 16.42 -9.51
C PRO A 864 -25.08 17.39 -9.68
N ILE A 865 -25.20 18.34 -8.76
CA ILE A 865 -26.21 19.40 -8.90
C ILE A 865 -25.69 20.55 -9.72
N ILE A 866 -24.44 20.93 -9.53
CA ILE A 866 -23.79 22.03 -10.25
C ILE A 866 -22.93 21.40 -11.33
N PRO A 867 -22.77 22.02 -12.51
CA PRO A 867 -21.92 21.39 -13.53
C PRO A 867 -20.47 21.36 -13.06
N MET A 868 -19.98 20.16 -12.74
CA MET A 868 -18.71 20.03 -12.06
C MET A 868 -17.54 20.37 -12.97
N VAL A 869 -17.67 20.11 -14.27
CA VAL A 869 -16.55 20.29 -15.18
C VAL A 869 -16.12 21.75 -15.24
N LEU A 870 -17.08 22.67 -15.21
CA LEU A 870 -16.79 24.10 -15.31
C LEU A 870 -16.51 24.73 -13.95
N ILE A 871 -16.16 23.94 -12.96
CA ILE A 871 -15.86 24.44 -11.62
C ILE A 871 -14.38 24.34 -11.30
N ASN A 872 -13.81 23.15 -11.43
CA ASN A 872 -12.45 22.90 -10.99
C ASN A 872 -11.46 22.85 -12.16
N GLY A 873 -11.90 23.22 -13.35
CA GLY A 873 -11.07 23.15 -14.52
C GLY A 873 -10.97 21.74 -15.07
N ALA A 874 -10.19 21.62 -16.14
CA ALA A 874 -9.97 20.32 -16.76
C ALA A 874 -8.71 20.41 -17.62
N GLU A 875 -7.73 19.55 -17.35
CA GLU A 875 -6.47 19.51 -18.10
C GLU A 875 -6.27 18.09 -18.58
N GLY A 876 -6.82 17.78 -19.75
CA GLY A 876 -6.74 16.44 -20.34
C GLY A 876 -5.91 16.49 -21.60
N ILE A 877 -5.03 15.49 -21.75
CA ILE A 877 -4.07 15.44 -22.85
C ILE A 877 -4.25 14.08 -23.51
N GLY A 878 -5.10 14.01 -24.52
CA GLY A 878 -5.39 12.77 -25.20
C GLY A 878 -4.44 12.53 -26.35
N THR A 879 -4.92 11.72 -27.30
CA THR A 879 -4.22 11.49 -28.55
C THR A 879 -5.14 11.95 -29.68
N GLY A 880 -4.67 12.92 -30.47
CA GLY A 880 -5.51 13.54 -31.46
C GLY A 880 -6.51 14.54 -30.92
N TRP A 881 -6.45 14.84 -29.63
CA TRP A 881 -7.33 15.83 -29.01
C TRP A 881 -6.66 16.32 -27.74
N ALA A 882 -7.30 17.29 -27.10
CA ALA A 882 -6.84 17.83 -25.83
C ALA A 882 -7.99 18.59 -25.20
N CYS A 883 -7.76 19.10 -24.00
CA CYS A 883 -8.79 19.84 -23.28
C CYS A 883 -8.13 20.68 -22.20
N LYS A 884 -8.36 21.99 -22.24
CA LYS A 884 -7.82 22.92 -21.25
C LYS A 884 -8.93 23.91 -20.91
N LEU A 885 -9.62 23.66 -19.79
CA LEU A 885 -10.73 24.49 -19.35
C LEU A 885 -10.38 25.12 -18.01
N PRO A 886 -10.42 26.43 -17.88
CA PRO A 886 -10.00 27.10 -16.65
C PRO A 886 -11.07 27.01 -15.57
N ASN A 887 -10.80 27.67 -14.45
CA ASN A 887 -11.67 27.62 -13.29
C ASN A 887 -12.77 28.68 -13.36
N TYR A 888 -13.77 28.51 -12.51
CA TYR A 888 -14.86 29.46 -12.39
C TYR A 888 -15.32 29.49 -10.93
N ASP A 889 -15.99 30.57 -10.56
CA ASP A 889 -16.50 30.70 -9.20
C ASP A 889 -17.80 29.91 -9.05
N ALA A 890 -17.93 29.20 -7.93
CA ALA A 890 -19.08 28.34 -7.72
C ALA A 890 -20.36 29.15 -7.53
N ARG A 891 -20.28 30.24 -6.75
CA ARG A 891 -21.47 31.03 -6.49
C ARG A 891 -22.01 31.66 -7.77
N GLU A 892 -21.11 32.11 -8.65
CA GLU A 892 -21.56 32.65 -9.92
C GLU A 892 -22.30 31.60 -10.74
N ILE A 893 -21.78 30.37 -10.76
CA ILE A 893 -22.43 29.32 -11.53
C ILE A 893 -23.78 28.96 -10.93
N VAL A 894 -23.88 28.90 -9.61
CA VAL A 894 -25.15 28.53 -8.99
C VAL A 894 -26.18 29.63 -9.20
N ASN A 895 -25.76 30.89 -9.14
CA ASN A 895 -26.69 31.98 -9.44
C ASN A 895 -27.15 31.91 -10.89
N ASN A 896 -26.22 31.64 -11.82
CA ASN A 896 -26.60 31.55 -13.22
C ASN A 896 -27.58 30.41 -13.46
N VAL A 897 -27.35 29.24 -12.86
CA VAL A 897 -28.25 28.11 -13.08
C VAL A 897 -29.59 28.36 -12.40
N ARG A 898 -29.61 29.05 -11.27
CA ARG A 898 -30.87 29.41 -10.65
C ARG A 898 -31.66 30.36 -11.53
N ARG A 899 -30.97 31.32 -12.14
CA ARG A 899 -31.64 32.21 -13.09
C ARG A 899 -32.16 31.44 -14.30
N MET A 900 -31.36 30.50 -14.80
CA MET A 900 -31.82 29.67 -15.91
C MET A 900 -33.04 28.84 -15.53
N LEU A 901 -33.14 28.47 -14.25
CA LEU A 901 -34.30 27.73 -13.79
C LEU A 901 -35.56 28.58 -13.85
N ASP A 902 -35.44 29.88 -13.61
CA ASP A 902 -36.58 30.79 -13.55
C ASP A 902 -36.96 31.35 -14.93
N GLY A 903 -36.29 30.93 -15.99
CA GLY A 903 -36.59 31.39 -17.32
C GLY A 903 -35.87 32.65 -17.76
N LEU A 904 -35.03 33.23 -16.90
CA LEU A 904 -34.30 34.45 -17.24
C LEU A 904 -33.15 34.10 -18.18
N ASP A 905 -32.30 35.08 -18.48
CA ASP A 905 -31.19 34.83 -19.37
C ASP A 905 -29.93 34.48 -18.60
N PRO A 906 -29.09 33.60 -19.15
CA PRO A 906 -27.82 33.27 -18.48
C PRO A 906 -26.82 34.40 -18.63
N HIS A 907 -26.40 34.97 -17.51
CA HIS A 907 -25.41 36.03 -17.56
C HIS A 907 -24.08 35.47 -18.05
N PRO A 908 -23.40 36.20 -18.95
CA PRO A 908 -22.05 35.76 -19.35
C PRO A 908 -21.13 35.71 -18.15
N MET A 909 -20.28 34.70 -18.10
CA MET A 909 -19.44 34.43 -16.95
C MET A 909 -17.97 34.46 -17.34
N LEU A 910 -17.15 35.01 -16.47
CA LEU A 910 -15.72 35.07 -16.68
C LEU A 910 -15.02 34.10 -15.74
N PRO A 911 -13.92 33.50 -16.18
CA PRO A 911 -13.19 32.57 -15.30
C PRO A 911 -12.69 33.26 -14.05
N ASN A 912 -12.77 32.54 -12.93
CA ASN A 912 -12.26 33.02 -11.66
C ASN A 912 -11.62 31.86 -10.92
N TYR A 913 -10.65 32.18 -10.07
CA TYR A 913 -9.92 31.19 -9.31
C TYR A 913 -10.03 31.52 -7.83
N LYS A 914 -10.20 30.48 -7.01
CA LYS A 914 -10.43 30.68 -5.59
C LYS A 914 -9.26 31.41 -4.94
N ASN A 915 -9.58 32.44 -4.16
CA ASN A 915 -8.61 33.25 -3.44
C ASN A 915 -7.56 33.87 -4.36
N PHE A 916 -7.87 34.03 -5.63
CA PHE A 916 -6.95 34.64 -6.60
C PHE A 916 -7.22 36.14 -6.63
N LYS A 917 -6.32 36.92 -6.03
CA LYS A 917 -6.52 38.35 -5.93
C LYS A 917 -6.36 39.07 -7.26
N GLY A 918 -5.75 38.42 -8.25
CA GLY A 918 -5.56 39.06 -9.53
C GLY A 918 -6.87 39.22 -10.30
N THR A 919 -6.82 40.08 -11.31
CA THR A 919 -7.98 40.39 -12.13
C THR A 919 -7.78 39.87 -13.55
N ILE A 920 -8.84 39.31 -14.12
CA ILE A 920 -8.83 38.76 -15.46
C ILE A 920 -9.84 39.51 -16.29
N GLN A 921 -9.41 40.01 -17.45
CA GLN A 921 -10.27 40.73 -18.38
C GLN A 921 -10.22 40.05 -19.74
N GLU A 922 -11.38 39.83 -20.34
CA GLU A 922 -11.45 39.16 -21.63
C GLU A 922 -10.98 40.09 -22.73
N LEU A 923 -10.01 39.64 -23.52
CA LEU A 923 -9.57 40.37 -24.70
C LEU A 923 -10.12 39.78 -25.99
N GLY A 924 -10.94 38.74 -25.92
CA GLY A 924 -11.57 38.22 -27.10
C GLY A 924 -12.21 36.88 -26.83
N GLN A 925 -12.89 36.36 -27.84
CA GLN A 925 -13.53 35.07 -27.73
C GLN A 925 -12.50 33.99 -27.45
N ASN A 926 -12.65 33.33 -26.30
CA ASN A 926 -11.69 32.32 -25.84
C ASN A 926 -10.28 32.91 -25.72
N GLN A 927 -10.20 34.17 -25.32
CA GLN A 927 -8.93 34.88 -25.22
C GLN A 927 -9.02 35.82 -24.03
N TYR A 928 -8.27 35.53 -22.97
CA TYR A 928 -8.33 36.30 -21.74
C TYR A 928 -6.91 36.71 -21.32
N ALA A 929 -6.84 37.75 -20.51
CA ALA A 929 -5.58 38.23 -19.97
C ALA A 929 -5.61 38.11 -18.45
N VAL A 930 -4.59 37.46 -17.91
CA VAL A 930 -4.44 37.28 -16.47
C VAL A 930 -3.33 38.21 -16.00
N SER A 931 -3.62 38.99 -14.96
CA SER A 931 -2.68 40.00 -14.48
C SER A 931 -2.57 39.93 -12.97
N GLY A 932 -1.35 40.12 -12.47
CA GLY A 932 -1.10 40.14 -11.04
C GLY A 932 -1.30 41.52 -10.46
N GLU A 933 -0.78 41.70 -9.24
CA GLU A 933 -0.91 42.95 -8.51
C GLU A 933 0.47 43.55 -8.26
N ILE A 934 0.70 44.73 -8.81
CA ILE A 934 1.95 45.47 -8.66
C ILE A 934 1.62 46.86 -8.12
N PHE A 935 2.36 47.28 -7.10
CA PHE A 935 2.18 48.58 -6.46
C PHE A 935 3.51 49.28 -6.35
N VAL A 936 3.45 50.60 -6.17
CA VAL A 936 4.63 51.45 -6.05
C VAL A 936 4.54 52.12 -4.68
N VAL A 937 5.22 51.55 -3.69
CA VAL A 937 5.17 52.09 -2.34
C VAL A 937 5.80 53.46 -2.30
N ASP A 938 7.01 53.59 -2.84
CA ASP A 938 7.69 54.88 -2.92
C ASP A 938 8.29 54.98 -4.32
N ARG A 939 8.86 56.16 -4.60
CA ARG A 939 9.21 56.50 -5.98
C ARG A 939 10.23 55.54 -6.58
N ASN A 940 11.04 54.87 -5.75
CA ASN A 940 12.04 53.91 -6.23
C ASN A 940 11.91 52.58 -5.50
N THR A 941 10.69 52.16 -5.19
CA THR A 941 10.44 50.84 -4.61
C THR A 941 9.10 50.33 -5.08
N VAL A 942 9.04 49.03 -5.41
CA VAL A 942 7.80 48.41 -5.89
C VAL A 942 7.52 47.16 -5.07
N GLU A 943 6.25 46.74 -5.09
CA GLU A 943 5.79 45.56 -4.38
C GLU A 943 4.93 44.70 -5.29
N ILE A 944 5.25 43.41 -5.32
CA ILE A 944 4.45 42.40 -6.01
C ILE A 944 3.63 41.67 -4.97
N THR A 945 2.31 41.70 -5.10
CA THR A 945 1.44 41.04 -4.15
C THR A 945 0.57 39.96 -4.78
N GLU A 946 0.73 39.69 -6.07
CA GLU A 946 -0.07 38.67 -6.75
C GLU A 946 0.65 38.26 -8.03
N LEU A 947 0.50 37.00 -8.38
CA LEU A 947 1.08 36.43 -9.58
C LEU A 947 -0.02 35.84 -10.46
N PRO A 948 0.22 35.73 -11.76
CA PRO A 948 -0.76 35.11 -12.64
C PRO A 948 -0.93 33.63 -12.32
N VAL A 949 -2.00 33.05 -12.88
CA VAL A 949 -2.26 31.64 -12.69
C VAL A 949 -1.16 30.82 -13.35
N ARG A 950 -0.92 29.62 -12.80
CA ARG A 950 0.13 28.73 -13.29
C ARG A 950 1.50 29.40 -13.27
N THR A 951 1.73 30.24 -12.28
CA THR A 951 3.01 30.94 -12.11
C THR A 951 3.44 30.72 -10.66
N TRP A 952 4.16 29.63 -10.43
CA TRP A 952 4.58 29.28 -9.09
C TRP A 952 5.65 30.24 -8.59
N THR A 953 5.67 30.44 -7.27
CA THR A 953 6.53 31.47 -6.69
C THR A 953 8.00 31.18 -6.97
N GLN A 954 8.43 29.94 -6.75
CA GLN A 954 9.84 29.60 -6.95
C GLN A 954 10.24 29.73 -8.41
N VAL A 955 9.43 29.18 -9.31
CA VAL A 955 9.76 29.23 -10.73
C VAL A 955 9.78 30.66 -11.23
N TYR A 956 8.76 31.44 -10.86
CA TYR A 956 8.72 32.84 -11.27
C TYR A 956 9.92 33.60 -10.75
N LYS A 957 10.25 33.41 -9.48
CA LYS A 957 11.41 34.10 -8.91
C LYS A 957 12.68 33.74 -9.67
N GLU A 958 12.96 32.45 -9.83
CA GLU A 958 14.21 32.04 -10.44
C GLU A 958 14.28 32.43 -11.91
N GLN A 959 13.14 32.52 -12.59
CA GLN A 959 13.15 32.83 -14.01
C GLN A 959 13.05 34.32 -14.31
N VAL A 960 12.66 35.13 -13.32
CA VAL A 960 12.47 36.56 -13.53
C VAL A 960 13.51 37.39 -12.77
N LEU A 961 13.57 37.22 -11.46
CA LEU A 961 14.34 38.15 -10.64
C LEU A 961 15.83 38.12 -10.97
N GLU A 962 16.49 37.01 -10.69
CA GLU A 962 17.94 36.95 -10.91
C GLU A 962 18.34 36.97 -12.38
N PRO A 963 17.54 36.44 -13.34
CA PRO A 963 17.89 36.66 -14.74
C PRO A 963 17.82 38.12 -15.15
N MET A 964 17.13 38.95 -14.38
CA MET A 964 17.04 40.37 -14.69
C MET A 964 17.73 41.24 -13.64
N LEU A 965 17.89 40.74 -12.41
CA LEU A 965 18.64 41.47 -11.40
C LEU A 965 20.08 41.69 -11.83
N ASN A 966 20.84 40.61 -11.98
CA ASN A 966 22.21 40.71 -12.46
C ASN A 966 22.30 40.76 -13.97
N GLY A 967 21.26 40.30 -14.66
CA GLY A 967 21.22 40.38 -16.10
C GLY A 967 22.11 39.35 -16.77
N THR A 968 22.14 39.43 -18.09
CA THR A 968 22.97 38.54 -18.90
C THR A 968 23.81 39.35 -19.87
N ASP A 969 24.46 38.67 -20.82
CA ASP A 969 25.20 39.38 -21.86
C ASP A 969 24.27 40.24 -22.70
N LYS A 970 23.08 39.70 -23.02
CA LYS A 970 22.13 40.44 -23.86
C LYS A 970 21.45 41.57 -23.09
N THR A 971 21.19 41.38 -21.80
CA THR A 971 20.45 42.36 -21.02
C THR A 971 21.22 42.69 -19.75
N PRO A 972 21.49 43.96 -19.49
CA PRO A 972 22.27 44.35 -18.30
C PRO A 972 21.40 44.34 -17.05
N ALA A 973 22.02 44.74 -15.94
CA ALA A 973 21.34 44.74 -14.65
C ALA A 973 20.26 45.82 -14.59
N LEU A 974 19.16 45.51 -13.91
CA LEU A 974 18.05 46.45 -13.76
C LEU A 974 17.81 46.84 -12.31
N ILE A 975 17.56 45.88 -11.42
CA ILE A 975 17.14 46.17 -10.07
C ILE A 975 18.34 46.02 -9.13
N SER A 976 18.19 46.54 -7.91
CA SER A 976 19.25 46.50 -6.92
C SER A 976 19.09 45.36 -5.93
N ASP A 977 17.92 45.23 -5.30
CA ASP A 977 17.72 44.20 -4.31
C ASP A 977 16.23 43.88 -4.21
N TYR A 978 15.93 42.74 -3.58
CA TYR A 978 14.56 42.36 -3.33
C TYR A 978 14.48 41.57 -2.03
N LYS A 979 13.39 41.79 -1.30
CA LYS A 979 13.11 41.07 -0.06
C LYS A 979 11.71 40.47 -0.16
N GLU A 980 11.59 39.19 0.16
CA GLU A 980 10.33 38.49 0.07
C GLU A 980 9.80 38.17 1.46
N TYR A 981 8.50 38.38 1.64
CA TYR A 981 7.80 38.04 2.88
C TYR A 981 6.67 37.10 2.47
N HIS A 982 6.98 35.81 2.36
CA HIS A 982 6.06 34.83 1.84
C HIS A 982 5.35 34.14 3.00
N THR A 983 4.03 34.32 3.07
CA THR A 983 3.20 33.60 4.02
C THR A 983 2.92 32.21 3.47
N ASP A 984 1.94 31.53 4.07
CA ASP A 984 1.59 30.17 3.65
C ASP A 984 1.28 30.09 2.17
N THR A 985 0.43 31.00 1.67
CA THR A 985 0.02 30.94 0.27
C THR A 985 -0.04 32.31 -0.39
N THR A 986 0.71 33.30 0.10
CA THR A 986 0.70 34.64 -0.47
C THR A 986 2.12 35.05 -0.82
N VAL A 987 2.23 35.88 -1.86
CA VAL A 987 3.51 36.38 -2.36
C VAL A 987 3.63 37.84 -2.01
N LYS A 988 4.77 38.23 -1.43
CA LYS A 988 5.02 39.62 -1.08
C LYS A 988 6.47 39.93 -1.43
N PHE A 989 6.68 40.48 -2.62
CA PHE A 989 8.00 40.91 -3.07
C PHE A 989 8.13 42.42 -2.88
N VAL A 990 9.24 42.86 -2.31
CA VAL A 990 9.55 44.27 -2.17
C VAL A 990 10.89 44.49 -2.85
N VAL A 991 10.87 45.18 -3.99
CA VAL A 991 12.03 45.32 -4.85
C VAL A 991 12.45 46.78 -4.88
N LYS A 992 13.74 47.01 -4.62
CA LYS A 992 14.36 48.32 -4.67
C LYS A 992 15.34 48.34 -5.84
N MET A 993 15.31 49.43 -6.60
CA MET A 993 16.15 49.58 -7.78
C MET A 993 16.57 51.04 -7.88
N THR A 994 17.33 51.34 -8.93
CA THR A 994 17.68 52.73 -9.19
C THR A 994 16.45 53.51 -9.62
N GLU A 995 16.45 54.80 -9.28
CA GLU A 995 15.27 55.63 -9.51
C GLU A 995 14.96 55.77 -10.99
N GLU A 996 15.99 56.03 -11.81
CA GLU A 996 15.76 56.27 -13.23
C GLU A 996 15.26 55.01 -13.94
N LYS A 997 15.78 53.85 -13.54
CA LYS A 997 15.32 52.61 -14.14
C LYS A 997 13.86 52.34 -13.82
N LEU A 998 13.44 52.64 -12.60
CA LEU A 998 12.02 52.49 -12.28
C LEU A 998 11.17 53.50 -13.03
N ALA A 999 11.71 54.70 -13.27
CA ALA A 999 10.98 55.65 -14.12
C ALA A 999 10.80 55.10 -15.53
N GLN A 1000 11.86 54.50 -16.08
CA GLN A 1000 11.75 53.87 -17.39
C GLN A 1000 10.74 52.73 -17.38
N ALA A 1001 10.75 51.92 -16.32
CA ALA A 1001 9.80 50.83 -16.22
C ALA A 1001 8.37 51.34 -16.19
N GLU A 1002 8.12 52.41 -15.43
CA GLU A 1002 6.79 53.03 -15.45
C GLU A 1002 6.45 53.52 -16.84
N ALA A 1003 7.42 54.09 -17.55
CA ALA A 1003 7.21 54.47 -18.94
C ALA A 1003 6.92 53.25 -19.79
N ALA A 1004 7.64 52.15 -19.56
CA ALA A 1004 7.43 50.91 -20.31
C ALA A 1004 6.25 50.09 -19.79
N GLY A 1005 5.73 50.41 -18.61
CA GLY A 1005 4.65 49.64 -18.04
C GLY A 1005 5.11 48.69 -16.95
N LEU A 1006 4.59 48.87 -15.73
CA LEU A 1006 5.01 48.03 -14.61
C LEU A 1006 4.69 46.57 -14.86
N HIS A 1007 3.48 46.28 -15.34
CA HIS A 1007 3.10 44.90 -15.63
C HIS A 1007 3.93 44.34 -16.77
N LYS A 1008 4.19 45.15 -17.80
CA LYS A 1008 4.96 44.67 -18.94
C LYS A 1008 6.39 44.33 -18.55
N VAL A 1009 7.01 45.16 -17.71
CA VAL A 1009 8.41 44.95 -17.36
C VAL A 1009 8.59 43.69 -16.53
N PHE A 1010 7.75 43.50 -15.52
CA PHE A 1010 7.89 42.38 -14.60
C PHE A 1010 7.24 41.10 -15.11
N LYS A 1011 6.66 41.13 -16.32
CA LYS A 1011 5.99 39.96 -16.90
C LYS A 1011 4.90 39.42 -15.97
N LEU A 1012 4.16 40.34 -15.34
CA LEU A 1012 3.06 39.99 -14.45
C LEU A 1012 1.75 39.80 -15.19
N GLN A 1013 1.79 39.66 -16.51
CA GLN A 1013 0.60 39.45 -17.31
C GLN A 1013 0.83 38.30 -18.28
N THR A 1014 -0.24 37.58 -18.58
CA THR A 1014 -0.15 36.43 -19.46
C THR A 1014 -1.46 36.27 -20.22
N THR A 1015 -1.39 35.52 -21.32
CA THR A 1015 -2.53 35.28 -22.18
C THR A 1015 -3.02 33.85 -21.99
N LEU A 1016 -4.33 33.69 -21.85
CA LEU A 1016 -4.97 32.39 -21.72
C LEU A 1016 -5.91 32.19 -22.90
N THR A 1017 -5.80 31.04 -23.55
CA THR A 1017 -6.63 30.69 -24.69
C THR A 1017 -7.38 29.41 -24.38
N CYS A 1018 -8.66 29.38 -24.71
CA CYS A 1018 -9.53 28.24 -24.42
C CYS A 1018 -10.22 27.77 -25.69
N ASN A 1019 -9.44 27.61 -26.76
CA ASN A 1019 -9.96 27.16 -28.04
C ASN A 1019 -10.02 25.65 -28.16
N SER A 1020 -9.99 24.92 -27.05
CA SER A 1020 -9.98 23.47 -27.04
C SER A 1020 -11.01 22.92 -26.07
N MET A 1021 -12.23 23.46 -26.16
CA MET A 1021 -13.35 22.96 -25.35
C MET A 1021 -13.81 21.64 -25.94
N VAL A 1022 -13.11 20.57 -25.58
CA VAL A 1022 -13.41 19.22 -26.08
C VAL A 1022 -13.75 18.35 -24.89
N LEU A 1023 -14.97 17.80 -24.88
CA LEU A 1023 -15.45 17.01 -23.76
C LEU A 1023 -16.14 15.75 -24.28
N PHE A 1024 -16.69 14.98 -23.33
CA PHE A 1024 -17.52 13.82 -23.61
C PHE A 1024 -18.95 14.17 -23.22
N ASP A 1025 -19.88 14.01 -24.15
CA ASP A 1025 -21.27 14.38 -23.90
C ASP A 1025 -21.93 13.33 -23.02
N HIS A 1026 -23.24 13.47 -22.82
CA HIS A 1026 -23.96 12.53 -21.96
C HIS A 1026 -24.01 11.14 -22.54
N MET A 1027 -24.09 11.03 -23.87
CA MET A 1027 -24.21 9.74 -24.54
C MET A 1027 -22.87 9.16 -24.97
N GLY A 1028 -21.79 9.55 -24.31
CA GLY A 1028 -20.49 8.94 -24.52
C GLY A 1028 -19.87 9.18 -25.88
N CYS A 1029 -19.75 10.45 -26.27
CA CYS A 1029 -19.14 10.79 -27.55
C CYS A 1029 -18.24 12.01 -27.37
N LEU A 1030 -17.19 12.07 -28.19
CA LEU A 1030 -16.31 13.22 -28.21
C LEU A 1030 -17.00 14.39 -28.91
N LYS A 1031 -16.95 15.57 -28.29
CA LYS A 1031 -17.59 16.74 -28.87
C LYS A 1031 -16.78 17.97 -28.51
N LYS A 1032 -16.48 18.79 -29.52
CA LYS A 1032 -15.79 20.05 -29.30
C LYS A 1032 -16.80 21.17 -29.12
N TYR A 1033 -16.61 21.96 -28.07
CA TYR A 1033 -17.52 23.04 -27.73
C TYR A 1033 -16.84 24.38 -27.98
N GLU A 1034 -17.65 25.44 -27.92
CA GLU A 1034 -17.19 26.79 -28.23
C GLU A 1034 -17.16 27.71 -27.02
N THR A 1035 -18.27 27.82 -26.30
CA THR A 1035 -18.36 28.69 -25.15
C THR A 1035 -18.99 27.94 -23.98
N VAL A 1036 -18.96 28.58 -22.82
CA VAL A 1036 -19.47 27.96 -21.60
C VAL A 1036 -20.96 27.74 -21.67
N GLN A 1037 -21.69 28.63 -22.36
CA GLN A 1037 -23.15 28.60 -22.32
C GLN A 1037 -23.70 27.31 -22.89
N ASP A 1038 -23.10 26.79 -23.96
CA ASP A 1038 -23.59 25.54 -24.55
C ASP A 1038 -23.46 24.39 -23.56
N ILE A 1039 -22.31 24.28 -22.90
CA ILE A 1039 -22.11 23.23 -21.91
C ILE A 1039 -23.09 23.38 -20.77
N LEU A 1040 -23.28 24.62 -20.30
CA LEU A 1040 -24.21 24.87 -19.21
C LEU A 1040 -25.63 24.45 -19.59
N LYS A 1041 -26.04 24.76 -20.82
CA LYS A 1041 -27.38 24.40 -21.26
C LYS A 1041 -27.54 22.88 -21.33
N GLU A 1042 -26.53 22.18 -21.85
CA GLU A 1042 -26.62 20.72 -21.93
C GLU A 1042 -26.72 20.11 -20.53
N PHE A 1043 -25.89 20.60 -19.61
CA PHE A 1043 -25.94 20.10 -18.24
C PHE A 1043 -27.30 20.39 -17.61
N PHE A 1044 -27.85 21.57 -17.88
CA PHE A 1044 -29.15 21.95 -17.33
C PHE A 1044 -30.23 20.99 -17.82
N ASP A 1045 -30.22 20.67 -19.11
CA ASP A 1045 -31.23 19.77 -19.66
C ASP A 1045 -31.12 18.39 -19.03
N LEU A 1046 -29.91 17.84 -18.97
CA LEU A 1046 -29.77 16.50 -18.39
C LEU A 1046 -30.15 16.50 -16.91
N ARG A 1047 -29.84 17.57 -16.19
CA ARG A 1047 -30.17 17.62 -14.78
C ARG A 1047 -31.68 17.69 -14.56
N LEU A 1048 -32.39 18.44 -15.40
CA LEU A 1048 -33.84 18.44 -15.31
C LEU A 1048 -34.41 17.06 -15.60
N SER A 1049 -33.89 16.38 -16.62
CA SER A 1049 -34.39 15.04 -16.91
C SER A 1049 -34.18 14.11 -15.73
N TYR A 1050 -33.01 14.17 -15.10
CA TYR A 1050 -32.77 13.27 -13.98
C TYR A 1050 -33.52 13.69 -12.72
N TYR A 1051 -33.86 14.96 -12.55
CA TYR A 1051 -34.84 15.30 -11.52
C TYR A 1051 -36.21 14.68 -11.81
N GLY A 1052 -36.63 14.65 -13.07
CA GLY A 1052 -37.88 13.95 -13.38
C GLY A 1052 -37.80 12.49 -12.99
N LEU A 1053 -36.71 11.82 -13.39
CA LEU A 1053 -36.57 10.40 -13.07
C LEU A 1053 -36.50 10.18 -11.56
N ARG A 1054 -35.76 11.03 -10.84
CA ARG A 1054 -35.64 10.81 -9.40
C ARG A 1054 -36.93 11.14 -8.65
N LYS A 1055 -37.73 12.11 -9.13
CA LYS A 1055 -39.03 12.31 -8.51
C LYS A 1055 -39.90 11.06 -8.67
N GLU A 1056 -39.92 10.49 -9.88
CA GLU A 1056 -40.71 9.27 -10.08
C GLU A 1056 -40.22 8.15 -9.17
N TRP A 1057 -38.91 7.94 -9.12
CA TRP A 1057 -38.36 6.86 -8.30
C TRP A 1057 -38.66 7.08 -6.83
N LEU A 1058 -38.50 8.32 -6.36
CA LEU A 1058 -38.73 8.61 -4.95
C LEU A 1058 -40.19 8.45 -4.58
N VAL A 1059 -41.11 8.88 -5.45
CA VAL A 1059 -42.52 8.73 -5.12
C VAL A 1059 -42.90 7.26 -5.09
N GLY A 1060 -42.35 6.45 -6.01
CA GLY A 1060 -42.63 5.02 -5.96
C GLY A 1060 -42.12 4.37 -4.69
N MET A 1061 -40.87 4.67 -4.32
CA MET A 1061 -40.29 4.05 -3.13
C MET A 1061 -41.02 4.51 -1.87
N LEU A 1062 -41.38 5.80 -1.80
CA LEU A 1062 -42.09 6.30 -0.63
C LEU A 1062 -43.47 5.68 -0.53
N GLY A 1063 -44.16 5.49 -1.66
CA GLY A 1063 -45.44 4.81 -1.62
C GLY A 1063 -45.32 3.38 -1.12
N ALA A 1064 -44.30 2.67 -1.60
CA ALA A 1064 -44.10 1.29 -1.15
C ALA A 1064 -43.82 1.23 0.35
N GLU A 1065 -42.94 2.12 0.84
CA GLU A 1065 -42.62 2.07 2.27
C GLU A 1065 -43.80 2.51 3.12
N SER A 1066 -44.61 3.47 2.63
CA SER A 1066 -45.82 3.85 3.36
C SER A 1066 -46.80 2.68 3.43
N THR A 1067 -46.93 1.94 2.33
CA THR A 1067 -47.78 0.75 2.35
C THR A 1067 -47.28 -0.26 3.37
N LYS A 1068 -45.96 -0.47 3.41
CA LYS A 1068 -45.40 -1.42 4.37
C LYS A 1068 -45.67 -0.98 5.81
N LEU A 1069 -45.47 0.32 6.09
CA LEU A 1069 -45.71 0.82 7.44
C LEU A 1069 -47.19 0.71 7.81
N ASN A 1070 -48.07 0.98 6.86
CA ASN A 1070 -49.50 0.84 7.12
C ASN A 1070 -49.86 -0.61 7.44
N ASN A 1071 -49.27 -1.56 6.69
CA ASN A 1071 -49.50 -2.97 6.99
C ASN A 1071 -49.00 -3.32 8.38
N GLN A 1072 -47.83 -2.82 8.76
CA GLN A 1072 -47.29 -3.11 10.08
C GLN A 1072 -48.19 -2.54 11.18
N ALA A 1073 -48.69 -1.32 10.98
CA ALA A 1073 -49.60 -0.74 11.95
C ALA A 1073 -50.88 -1.55 12.05
N ARG A 1074 -51.42 -2.00 10.91
CA ARG A 1074 -52.63 -2.80 10.94
C ARG A 1074 -52.41 -4.09 11.72
N PHE A 1075 -51.29 -4.77 11.48
CA PHE A 1075 -51.04 -6.03 12.17
C PHE A 1075 -50.84 -5.82 13.66
N ILE A 1076 -50.08 -4.80 14.06
CA ILE A 1076 -49.85 -4.61 15.49
C ILE A 1076 -51.16 -4.21 16.19
N LEU A 1077 -51.99 -3.40 15.53
CA LEU A 1077 -53.28 -3.05 16.12
C LEU A 1077 -54.17 -4.28 16.24
N GLU A 1078 -54.15 -5.16 15.24
CA GLU A 1078 -54.91 -6.41 15.35
C GLU A 1078 -54.42 -7.24 16.52
N LYS A 1079 -53.10 -7.29 16.72
CA LYS A 1079 -52.55 -8.10 17.81
C LYS A 1079 -52.92 -7.52 19.18
N ILE A 1080 -52.94 -6.20 19.30
CA ILE A 1080 -53.29 -5.59 20.59
C ILE A 1080 -54.72 -5.95 20.97
N GLN A 1081 -55.64 -5.87 20.02
CA GLN A 1081 -57.04 -6.18 20.28
C GLN A 1081 -57.33 -7.67 20.25
N GLY A 1082 -56.35 -8.49 19.89
CA GLY A 1082 -56.55 -9.93 19.87
C GLY A 1082 -57.20 -10.46 18.61
N LYS A 1083 -57.38 -9.64 17.58
CA LYS A 1083 -57.96 -10.14 16.34
C LYS A 1083 -57.07 -11.15 15.63
N ILE A 1084 -55.77 -11.12 15.90
CA ILE A 1084 -54.82 -12.06 15.32
C ILE A 1084 -54.17 -12.86 16.45
N THR A 1085 -54.03 -14.17 16.24
CA THR A 1085 -53.44 -15.06 17.24
C THR A 1085 -52.39 -15.92 16.57
N ILE A 1086 -51.15 -15.80 17.03
CA ILE A 1086 -50.02 -16.57 16.50
C ILE A 1086 -49.36 -17.44 17.54
N GLU A 1087 -49.83 -17.40 18.79
CA GLU A 1087 -49.20 -18.18 19.86
C GLU A 1087 -49.31 -19.67 19.57
N ASN A 1088 -48.15 -20.33 19.48
CA ASN A 1088 -48.09 -21.76 19.22
C ASN A 1088 -48.86 -22.14 17.96
N ARG A 1089 -48.68 -21.34 16.92
CA ARG A 1089 -49.35 -21.56 15.65
C ARG A 1089 -48.37 -22.10 14.62
N SER A 1090 -48.85 -23.01 13.77
CA SER A 1090 -48.02 -23.54 12.71
C SER A 1090 -47.72 -22.45 11.68
N LYS A 1091 -46.52 -22.49 11.11
CA LYS A 1091 -46.10 -21.45 10.19
C LYS A 1091 -46.96 -21.46 8.92
N LYS A 1092 -47.21 -22.63 8.36
CA LYS A 1092 -47.91 -22.71 7.08
C LYS A 1092 -49.34 -22.20 7.20
N ASP A 1093 -50.07 -22.67 8.21
CA ASP A 1093 -51.45 -22.23 8.39
C ASP A 1093 -51.51 -20.74 8.73
N LEU A 1094 -50.56 -20.26 9.54
CA LEU A 1094 -50.51 -18.84 9.87
C LEU A 1094 -50.33 -18.01 8.62
N ILE A 1095 -49.39 -18.41 7.75
CA ILE A 1095 -49.17 -17.68 6.51
C ILE A 1095 -50.41 -17.71 5.64
N GLN A 1096 -51.06 -18.88 5.54
CA GLN A 1096 -52.25 -19.00 4.71
C GLN A 1096 -53.37 -18.08 5.19
N MET A 1097 -53.60 -18.04 6.50
CA MET A 1097 -54.71 -17.21 6.99
C MET A 1097 -54.36 -15.74 6.96
N LEU A 1098 -53.07 -15.39 7.13
CA LEU A 1098 -52.65 -14.00 6.94
C LEU A 1098 -52.88 -13.57 5.50
N VAL A 1099 -52.59 -14.44 4.55
CA VAL A 1099 -52.92 -14.15 3.16
C VAL A 1099 -54.42 -13.96 3.00
N GLN A 1100 -55.21 -14.86 3.59
CA GLN A 1100 -56.66 -14.73 3.53
C GLN A 1100 -57.17 -13.55 4.34
N ARG A 1101 -56.41 -13.09 5.33
CA ARG A 1101 -56.84 -11.95 6.13
C ARG A 1101 -56.69 -10.62 5.40
N GLY A 1102 -55.96 -10.58 4.29
CA GLY A 1102 -55.84 -9.36 3.52
C GLY A 1102 -54.53 -8.62 3.74
N TYR A 1103 -53.44 -9.36 3.94
CA TYR A 1103 -52.11 -8.78 4.08
C TYR A 1103 -51.29 -9.10 2.85
N GLU A 1104 -50.57 -8.11 2.35
CA GLU A 1104 -49.71 -8.27 1.19
C GLU A 1104 -48.27 -8.50 1.61
N SER A 1105 -47.47 -8.98 0.65
CA SER A 1105 -46.12 -9.44 0.92
C SER A 1105 -45.11 -8.39 0.49
N ASP A 1106 -44.16 -8.09 1.39
CA ASP A 1106 -42.93 -7.33 1.19
C ASP A 1106 -43.04 -6.22 0.15
N PRO A 1107 -43.84 -5.17 0.42
CA PRO A 1107 -43.97 -4.09 -0.58
C PRO A 1107 -42.65 -3.45 -0.95
N VAL A 1108 -41.73 -3.27 0.02
CA VAL A 1108 -40.43 -2.70 -0.28
C VAL A 1108 -39.64 -3.62 -1.19
N LYS A 1109 -39.61 -4.92 -0.87
CA LYS A 1109 -38.93 -5.87 -1.74
C LYS A 1109 -39.64 -5.98 -3.07
N ALA A 1110 -40.98 -5.95 -3.06
CA ALA A 1110 -41.73 -5.97 -4.31
C ALA A 1110 -41.45 -4.72 -5.13
N TRP A 1111 -41.12 -3.61 -4.48
CA TRP A 1111 -40.75 -2.41 -5.22
C TRP A 1111 -39.48 -2.63 -6.03
N LYS A 1112 -38.49 -3.32 -5.46
CA LYS A 1112 -37.27 -3.63 -6.19
C LYS A 1112 -37.53 -4.59 -7.34
N GLU A 1113 -38.60 -5.39 -7.26
CA GLU A 1113 -38.90 -6.32 -8.35
C GLU A 1113 -39.21 -5.57 -9.64
N ALA A 1114 -39.96 -4.47 -9.54
CA ALA A 1114 -40.25 -3.68 -10.72
C ALA A 1114 -39.01 -3.01 -11.28
N GLN A 1115 -38.04 -2.71 -10.41
CA GLN A 1115 -36.81 -2.05 -10.87
C GLN A 1115 -36.01 -2.96 -11.79
N GLU A 1116 -35.77 -4.20 -11.35
CA GLU A 1116 -34.91 -5.10 -12.11
C GLU A 1116 -35.60 -5.65 -13.36
N LYS A 1117 -36.91 -5.83 -13.32
CA LYS A 1117 -37.62 -6.38 -14.48
C LYS A 1117 -37.60 -5.41 -15.67
N ALA A 1118 -37.36 -4.13 -15.43
CA ALA A 1118 -37.30 -3.15 -16.50
C ALA A 1118 -35.87 -2.63 -16.69
N GLY A 1140 -42.40 -17.78 -2.82
CA GLY A 1140 -43.77 -17.40 -2.59
C GLY A 1140 -43.92 -16.14 -1.76
N PRO A 1141 -45.12 -15.88 -1.25
CA PRO A 1141 -45.34 -14.70 -0.42
C PRO A 1141 -44.48 -14.74 0.83
N ASP A 1142 -44.00 -13.57 1.25
CA ASP A 1142 -43.17 -13.46 2.44
C ASP A 1142 -43.73 -12.38 3.36
N PHE A 1143 -43.64 -12.62 4.66
CA PHE A 1143 -44.11 -11.68 5.66
C PHE A 1143 -43.10 -11.54 6.78
N ASN A 1144 -41.81 -11.60 6.43
CA ASN A 1144 -40.77 -11.49 7.44
C ASN A 1144 -40.77 -10.12 8.09
N TYR A 1145 -41.02 -9.07 7.31
CA TYR A 1145 -40.91 -7.70 7.83
C TYR A 1145 -41.85 -7.49 9.01
N ILE A 1146 -43.08 -7.98 8.90
CA ILE A 1146 -43.98 -7.92 10.05
C ILE A 1146 -43.57 -8.92 11.11
N LEU A 1147 -43.05 -10.07 10.70
CA LEU A 1147 -42.76 -11.13 11.64
C LEU A 1147 -41.39 -10.99 12.30
N ASN A 1148 -40.47 -10.28 11.68
CA ASN A 1148 -39.16 -10.04 12.28
C ASN A 1148 -39.17 -8.77 13.13
N MET A 1149 -40.11 -8.68 14.05
CA MET A 1149 -40.26 -7.52 14.91
C MET A 1149 -40.02 -7.93 16.36
N SER A 1150 -39.32 -7.08 17.09
CA SER A 1150 -39.05 -7.36 18.50
C SER A 1150 -40.35 -7.33 19.29
N LEU A 1151 -40.38 -8.11 20.37
CA LEU A 1151 -41.56 -8.16 21.21
C LEU A 1151 -41.84 -6.83 21.90
N TRP A 1152 -40.86 -5.92 21.91
CA TRP A 1152 -41.11 -4.57 22.41
C TRP A 1152 -42.22 -3.88 21.65
N SER A 1153 -42.46 -4.30 20.41
CA SER A 1153 -43.55 -3.75 19.62
C SER A 1153 -44.91 -3.96 20.28
N LEU A 1154 -45.03 -4.95 21.16
CA LEU A 1154 -46.28 -5.17 21.87
C LEU A 1154 -46.49 -4.19 23.01
N THR A 1155 -45.46 -3.45 23.41
CA THR A 1155 -45.63 -2.39 24.40
C THR A 1155 -46.28 -1.17 23.75
N LYS A 1156 -47.06 -0.45 24.55
CA LYS A 1156 -47.86 0.65 24.00
C LYS A 1156 -47.00 1.78 23.46
N GLU A 1157 -45.84 2.03 24.07
CA GLU A 1157 -44.98 3.10 23.59
C GLU A 1157 -44.51 2.84 22.17
N LYS A 1158 -44.12 1.60 21.88
CA LYS A 1158 -43.72 1.25 20.53
C LYS A 1158 -44.87 1.38 19.56
N VAL A 1159 -46.08 1.03 20.00
CA VAL A 1159 -47.26 1.17 19.14
C VAL A 1159 -47.49 2.64 18.79
N GLU A 1160 -47.43 3.52 19.79
CA GLU A 1160 -47.61 4.93 19.53
C GLU A 1160 -46.52 5.47 18.61
N GLU A 1161 -45.28 5.05 18.82
CA GLU A 1161 -44.19 5.51 17.97
C GLU A 1161 -44.38 5.02 16.54
N LEU A 1162 -44.82 3.77 16.37
CA LEU A 1162 -45.05 3.25 15.02
C LEU A 1162 -46.18 3.99 14.33
N ILE A 1163 -47.26 4.31 15.06
CA ILE A 1163 -48.34 5.08 14.49
C ILE A 1163 -47.84 6.47 14.09
N LYS A 1164 -47.00 7.07 14.92
CA LYS A 1164 -46.43 8.37 14.61
C LYS A 1164 -45.61 8.31 13.33
N GLN A 1165 -44.78 7.28 13.18
CA GLN A 1165 -43.97 7.14 11.96
C GLN A 1165 -44.86 6.92 10.74
N ARG A 1166 -45.91 6.11 10.89
CA ARG A 1166 -46.82 5.88 9.77
C ARG A 1166 -47.48 7.17 9.33
N ASP A 1167 -47.95 7.97 10.28
CA ASP A 1167 -48.58 9.25 9.95
C ASP A 1167 -47.57 10.22 9.33
N ALA A 1168 -46.33 10.23 9.84
CA ALA A 1168 -45.31 11.10 9.28
C ALA A 1168 -45.01 10.73 7.84
N LYS A 1169 -44.91 9.45 7.53
CA LYS A 1169 -44.68 9.03 6.15
C LYS A 1169 -45.88 9.35 5.27
N GLY A 1170 -47.10 9.19 5.81
CA GLY A 1170 -48.28 9.54 5.05
C GLY A 1170 -48.34 11.00 4.70
N ARG A 1171 -47.87 11.86 5.60
CA ARG A 1171 -47.76 13.28 5.28
C ARG A 1171 -46.65 13.55 4.28
N GLU A 1172 -45.50 12.89 4.47
CA GLU A 1172 -44.33 13.19 3.67
C GLU A 1172 -44.51 12.79 2.21
N VAL A 1173 -45.21 11.67 1.97
CA VAL A 1173 -45.43 11.25 0.59
C VAL A 1173 -46.22 12.31 -0.18
N ASN A 1174 -47.27 12.85 0.43
CA ASN A 1174 -48.03 13.92 -0.22
C ASN A 1174 -47.20 15.19 -0.35
N ASP A 1175 -46.41 15.51 0.68
CA ASP A 1175 -45.59 16.72 0.62
C ASP A 1175 -44.60 16.67 -0.54
N LEU A 1176 -44.01 15.50 -0.77
CA LEU A 1176 -43.09 15.37 -1.91
C LEU A 1176 -43.84 15.29 -3.23
N LYS A 1177 -45.00 14.61 -3.27
CA LYS A 1177 -45.71 14.47 -4.54
C LYS A 1177 -46.34 15.78 -4.98
N ARG A 1178 -46.51 16.75 -4.09
CA ARG A 1178 -47.06 18.04 -4.45
C ARG A 1178 -46.00 19.05 -4.89
N LYS A 1179 -44.73 18.65 -4.94
CA LYS A 1179 -43.66 19.55 -5.34
C LYS A 1179 -43.41 19.42 -6.84
N SER A 1180 -42.36 20.09 -7.31
CA SER A 1180 -41.98 20.06 -8.72
C SER A 1180 -40.48 19.88 -8.81
N PRO A 1181 -39.98 19.35 -9.92
CA PRO A 1181 -38.52 19.19 -10.07
C PRO A 1181 -37.77 20.49 -9.93
N SER A 1182 -38.34 21.61 -10.38
CA SER A 1182 -37.70 22.90 -10.17
C SER A 1182 -37.60 23.22 -8.67
N ASP A 1183 -38.62 22.84 -7.90
CA ASP A 1183 -38.61 23.12 -6.47
C ASP A 1183 -37.46 22.40 -5.77
N LEU A 1184 -37.27 21.13 -6.08
CA LEU A 1184 -36.31 20.33 -5.34
C LEU A 1184 -34.87 20.80 -5.57
N TRP A 1185 -34.59 21.37 -6.74
CA TRP A 1185 -33.25 21.88 -6.99
C TRP A 1185 -32.92 23.04 -6.06
N LYS A 1186 -33.92 23.85 -5.71
CA LYS A 1186 -33.65 25.06 -4.95
C LYS A 1186 -33.02 24.74 -3.60
N GLU A 1187 -33.57 23.75 -2.89
CA GLU A 1187 -32.98 23.39 -1.61
C GLU A 1187 -31.64 22.69 -1.79
N ASP A 1188 -31.43 22.03 -2.93
CA ASP A 1188 -30.12 21.46 -3.21
C ASP A 1188 -29.06 22.55 -3.22
N LEU A 1189 -29.32 23.63 -3.97
CA LEU A 1189 -28.39 24.74 -4.00
C LEU A 1189 -28.38 25.49 -2.68
N ALA A 1190 -29.56 25.65 -2.06
CA ALA A 1190 -29.63 26.36 -0.79
C ALA A 1190 -28.81 25.65 0.28
N ALA A 1191 -28.96 24.32 0.36
CA ALA A 1191 -28.17 23.55 1.31
C ALA A 1191 -26.70 23.57 0.94
N PHE A 1192 -26.38 23.48 -0.35
CA PHE A 1192 -24.99 23.49 -0.77
C PHE A 1192 -24.31 24.80 -0.37
N VAL A 1193 -24.99 25.93 -0.59
CA VAL A 1193 -24.43 27.21 -0.19
C VAL A 1193 -24.56 27.45 1.31
N GLU A 1194 -25.47 26.72 1.98
CA GLU A 1194 -25.72 26.97 3.39
C GLU A 1194 -24.47 26.79 4.23
N GLU A 1195 -23.71 25.72 3.99
CA GLU A 1195 -22.47 25.48 4.70
C GLU A 1195 -21.24 25.63 3.83
N LEU A 1196 -21.40 26.08 2.57
CA LEU A 1196 -20.23 26.38 1.76
C LEU A 1196 -19.45 27.55 2.34
N ASP A 1197 -20.15 28.54 2.89
CA ASP A 1197 -19.48 29.72 3.42
C ASP A 1197 -18.69 29.38 4.68
N LYS A 1198 -19.30 28.63 5.60
CA LYS A 1198 -18.66 28.40 6.90
C LYS A 1198 -17.36 27.63 6.76
N VAL A 1199 -17.33 26.61 5.90
CA VAL A 1199 -16.07 25.90 5.67
C VAL A 1199 -15.06 26.83 5.01
N GLU A 1200 -15.52 27.63 4.03
CA GLU A 1200 -14.65 28.65 3.47
C GLU A 1200 -14.28 29.70 4.50
N SER A 1201 -15.24 30.05 5.37
CA SER A 1201 -14.91 30.90 6.50
C SER A 1201 -13.91 30.21 7.42
N GLN A 1202 -14.12 28.92 7.69
CA GLN A 1202 -13.15 28.17 8.47
C GLN A 1202 -11.82 28.04 7.73
N GLU A 1203 -11.86 28.05 6.40
CA GLU A 1203 -10.63 28.06 5.62
C GLU A 1203 -9.83 29.33 5.87
N ARG A 1204 -10.51 30.41 6.26
CA ARG A 1204 -9.85 31.68 6.55
C ARG A 1204 -9.83 32.04 8.03
N GLU A 1205 -10.76 31.51 8.82
CA GLU A 1205 -10.78 31.82 10.25
C GLU A 1205 -9.52 31.30 10.93
N ASP A 1206 -9.06 30.11 10.55
CA ASP A 1206 -7.80 29.61 11.11
C ASP A 1206 -6.63 30.47 10.68
N VAL A 1207 -6.64 30.96 9.45
CA VAL A 1207 -5.56 31.78 8.94
C VAL A 1207 -5.86 33.25 9.19
N LYS B 457 31.95 20.03 -2.25
CA LYS B 457 31.48 20.60 -3.51
C LYS B 457 31.19 19.52 -4.54
N GLY B 458 30.12 19.73 -5.31
CA GLY B 458 29.72 18.80 -6.35
C GLY B 458 28.86 17.65 -5.89
N ILE B 459 28.57 17.55 -4.59
CA ILE B 459 27.72 16.48 -4.07
C ILE B 459 26.27 16.94 -4.19
N PRO B 460 25.41 16.16 -4.87
CA PRO B 460 24.07 16.66 -5.19
C PRO B 460 23.22 17.04 -3.98
N LYS B 461 23.37 16.33 -2.86
CA LYS B 461 22.50 16.53 -1.70
C LYS B 461 23.06 17.56 -0.73
N LEU B 462 23.86 18.52 -1.20
CA LEU B 462 24.53 19.47 -0.34
C LEU B 462 23.81 20.82 -0.39
N ASP B 463 23.21 21.20 0.73
CA ASP B 463 22.71 22.56 0.92
C ASP B 463 23.67 23.34 1.81
N ASP B 464 24.85 23.60 1.26
CA ASP B 464 25.95 24.17 2.03
C ASP B 464 25.68 25.61 2.42
N ALA B 465 26.36 26.04 3.49
CA ALA B 465 26.29 27.41 3.94
C ALA B 465 27.09 28.32 3.01
N ASN B 466 26.88 29.63 3.17
CA ASN B 466 27.57 30.59 2.32
C ASN B 466 29.06 30.61 2.62
N ASP B 467 29.44 30.49 3.89
CA ASP B 467 30.84 30.57 4.31
C ASP B 467 31.55 29.23 4.27
N ALA B 468 31.10 28.31 3.42
CA ALA B 468 31.72 26.99 3.32
C ALA B 468 33.17 27.12 2.88
N GLY B 469 34.10 26.76 3.78
CA GLY B 469 35.51 26.89 3.46
C GLY B 469 35.98 28.31 3.31
N GLY B 470 35.28 29.28 3.88
CA GLY B 470 35.61 30.68 3.76
C GLY B 470 36.35 31.19 4.97
N LYS B 471 36.21 32.50 5.23
CA LYS B 471 36.91 33.13 6.34
C LYS B 471 36.42 32.59 7.68
N HIS B 472 35.12 32.31 7.79
CA HIS B 472 34.50 31.91 9.04
C HIS B 472 33.99 30.47 8.97
N SER B 473 34.79 29.57 8.41
CA SER B 473 34.41 28.17 8.37
C SER B 473 34.28 27.57 9.77
N LEU B 474 34.91 28.17 10.77
CA LEU B 474 34.77 27.71 12.14
C LEU B 474 33.39 27.97 12.72
N GLU B 475 32.57 28.81 12.07
CA GLU B 475 31.22 29.09 12.52
C GLU B 475 30.16 28.36 11.72
N CYS B 476 30.53 27.71 10.62
CA CYS B 476 29.56 27.00 9.79
C CYS B 476 29.25 25.66 10.45
N THR B 477 28.01 25.50 10.90
CA THR B 477 27.58 24.31 11.62
C THR B 477 26.71 23.48 10.69
N LEU B 478 27.30 22.46 10.08
CA LEU B 478 26.55 21.56 9.22
C LEU B 478 25.58 20.72 10.05
N ILE B 479 24.40 20.50 9.49
CA ILE B 479 23.37 19.68 10.12
C ILE B 479 23.37 18.29 9.47
N LEU B 480 23.49 17.25 10.29
CA LEU B 480 23.38 15.88 9.83
C LEU B 480 22.00 15.36 10.21
N THR B 481 21.20 14.99 9.22
CA THR B 481 19.84 14.53 9.45
C THR B 481 19.56 13.35 8.55
N GLU B 482 19.19 12.22 9.16
CA GLU B 482 18.81 11.05 8.38
C GLU B 482 17.37 11.21 7.90
N GLY B 483 17.17 10.96 6.60
CA GLY B 483 15.84 11.11 6.06
C GLY B 483 15.61 12.37 5.26
N ASP B 484 15.01 12.22 4.08
CA ASP B 484 14.67 13.40 3.29
C ASP B 484 13.61 14.24 3.99
N SER B 485 12.79 13.62 4.83
CA SER B 485 11.84 14.39 5.63
C SER B 485 12.59 15.30 6.60
N ALA B 486 13.61 14.76 7.27
CA ALA B 486 14.42 15.58 8.16
C ALA B 486 15.15 16.68 7.39
N LYS B 487 15.61 16.37 6.17
CA LYS B 487 16.22 17.40 5.35
C LYS B 487 15.22 18.50 5.01
N SER B 488 13.98 18.13 4.71
CA SER B 488 12.97 19.14 4.39
C SER B 488 12.66 20.01 5.60
N LEU B 489 12.57 19.43 6.79
CA LEU B 489 12.37 20.23 7.99
C LEU B 489 13.56 21.15 8.24
N ALA B 490 14.77 20.66 8.01
CA ALA B 490 15.95 21.51 8.14
C ALA B 490 15.90 22.68 7.16
N VAL B 491 15.48 22.41 5.92
CA VAL B 491 15.36 23.46 4.93
C VAL B 491 14.33 24.49 5.36
N SER B 492 13.20 24.02 5.89
CA SER B 492 12.18 24.95 6.39
C SER B 492 12.73 25.82 7.50
N GLY B 493 13.53 25.23 8.40
CA GLY B 493 14.14 26.02 9.46
C GLY B 493 15.23 26.96 8.97
N LEU B 494 15.82 26.67 7.81
CA LEU B 494 16.85 27.54 7.26
C LEU B 494 16.33 28.96 7.05
N GLY B 495 15.05 29.10 6.71
CA GLY B 495 14.48 30.43 6.58
C GLY B 495 14.58 31.22 7.87
N VAL B 496 14.34 30.57 9.00
CA VAL B 496 14.49 31.24 10.29
C VAL B 496 15.95 31.49 10.59
N ILE B 497 16.82 30.50 10.37
CA ILE B 497 18.21 30.61 10.82
C ILE B 497 19.14 31.15 9.75
N GLY B 498 18.71 31.25 8.51
CA GLY B 498 19.58 31.77 7.45
C GLY B 498 20.57 30.76 6.95
N ARG B 499 20.91 30.83 5.66
CA ARG B 499 21.82 29.89 5.04
C ARG B 499 23.27 30.34 5.07
N ASP B 500 23.56 31.47 5.73
CA ASP B 500 24.93 31.98 5.76
C ASP B 500 25.86 31.07 6.54
N ARG B 501 25.39 30.55 7.68
CA ARG B 501 26.25 29.82 8.60
C ARG B 501 25.81 28.37 8.80
N TYR B 502 24.80 27.89 8.07
CA TYR B 502 24.28 26.55 8.27
C TYR B 502 24.23 25.81 6.94
N GLY B 503 24.73 24.59 6.94
CA GLY B 503 24.67 23.73 5.77
C GLY B 503 23.89 22.47 6.08
N VAL B 504 23.31 21.88 5.05
CA VAL B 504 22.40 20.74 5.21
C VAL B 504 22.95 19.56 4.43
N PHE B 505 23.05 18.41 5.09
CA PHE B 505 23.44 17.17 4.46
C PHE B 505 22.59 16.04 5.06
N PRO B 506 21.96 15.23 4.22
CA PRO B 506 21.16 14.11 4.72
C PRO B 506 21.98 12.82 4.81
N LEU B 507 21.52 11.93 5.68
CA LEU B 507 22.15 10.63 5.81
C LEU B 507 21.49 9.64 4.85
N ARG B 508 22.09 8.46 4.75
CA ARG B 508 21.55 7.43 3.88
C ARG B 508 20.76 6.39 4.65
N GLY B 509 20.57 6.60 5.96
CA GLY B 509 19.98 5.59 6.82
C GLY B 509 20.87 5.30 8.01
N LYS B 510 21.49 4.12 8.02
CA LYS B 510 22.46 3.76 9.06
C LYS B 510 23.85 3.70 8.42
N ILE B 511 24.86 4.10 9.18
CA ILE B 511 26.20 4.24 8.67
C ILE B 511 27.03 3.03 9.05
N LEU B 512 28.19 2.88 8.40
CA LEU B 512 29.09 1.78 8.66
C LEU B 512 29.78 1.94 10.01
N ASN B 513 29.98 0.82 10.71
CA ASN B 513 30.72 0.83 11.96
C ASN B 513 32.21 0.74 11.64
N VAL B 514 32.88 1.89 11.68
CA VAL B 514 34.28 1.95 11.24
C VAL B 514 35.18 1.10 12.14
N ARG B 515 34.92 1.11 13.45
CA ARG B 515 35.73 0.32 14.36
C ARG B 515 35.59 -1.17 14.12
N GLU B 516 34.49 -1.60 13.50
CA GLU B 516 34.18 -3.01 13.32
C GLU B 516 34.41 -3.48 11.88
N ALA B 517 34.68 -2.56 10.96
CA ALA B 517 34.82 -2.89 9.55
C ALA B 517 36.28 -2.86 9.13
N SER B 518 36.52 -3.27 7.88
CA SER B 518 37.85 -3.31 7.32
C SER B 518 38.17 -2.01 6.58
N HIS B 519 39.45 -1.82 6.29
CA HIS B 519 39.88 -0.62 5.58
C HIS B 519 39.32 -0.56 4.17
N LYS B 520 39.10 -1.72 3.54
CA LYS B 520 38.52 -1.75 2.20
C LYS B 520 37.12 -1.16 2.20
N GLN B 521 36.30 -1.52 3.19
CA GLN B 521 34.99 -0.91 3.31
C GLN B 521 35.09 0.59 3.53
N ILE B 522 36.03 1.02 4.37
CA ILE B 522 36.19 2.44 4.66
C ILE B 522 36.51 3.21 3.40
N MET B 523 37.42 2.68 2.57
CA MET B 523 37.71 3.33 1.30
C MET B 523 36.51 3.33 0.38
N GLU B 524 35.76 2.22 0.35
CA GLU B 524 34.68 2.06 -0.62
C GLU B 524 33.33 2.51 -0.11
N ASN B 525 33.26 3.14 1.06
CA ASN B 525 32.00 3.59 1.63
C ASN B 525 31.68 5.00 1.13
N ALA B 526 30.58 5.12 0.38
CA ALA B 526 30.21 6.42 -0.17
C ALA B 526 29.87 7.43 0.91
N GLU B 527 29.13 7.01 1.94
CA GLU B 527 28.72 7.93 3.00
C GLU B 527 29.92 8.58 3.65
N ILE B 528 30.90 7.77 4.05
CA ILE B 528 32.02 8.29 4.84
C ILE B 528 32.91 9.18 3.99
N ASN B 529 33.20 8.76 2.75
CA ASN B 529 33.98 9.60 1.86
C ASN B 529 33.29 10.93 1.60
N ASN B 530 31.98 10.90 1.36
CA ASN B 530 31.25 12.13 1.11
C ASN B 530 31.29 13.07 2.31
N ILE B 531 31.04 12.54 3.50
CA ILE B 531 31.05 13.41 4.67
C ILE B 531 32.45 13.93 4.95
N ILE B 532 33.48 13.12 4.69
CA ILE B 532 34.85 13.57 4.88
C ILE B 532 35.18 14.71 3.92
N LYS B 533 34.77 14.59 2.67
CA LYS B 533 34.96 15.67 1.71
C LYS B 533 34.23 16.93 2.15
N ILE B 534 32.98 16.78 2.60
CA ILE B 534 32.17 17.94 2.94
C ILE B 534 32.76 18.68 4.14
N VAL B 535 33.18 17.94 5.16
CA VAL B 535 33.80 18.59 6.32
C VAL B 535 35.23 19.00 6.04
N GLY B 536 35.90 18.35 5.08
CA GLY B 536 37.31 18.60 4.86
C GLY B 536 38.22 17.75 5.70
N LEU B 537 37.72 16.65 6.24
CA LEU B 537 38.52 15.78 7.10
C LEU B 537 39.63 15.11 6.30
N GLN B 538 40.73 14.79 6.98
CA GLN B 538 41.89 14.17 6.36
C GLN B 538 42.27 12.90 7.11
N TYR B 539 42.63 11.87 6.34
CA TYR B 539 43.03 10.60 6.94
C TYR B 539 44.23 10.77 7.85
N LYS B 540 44.15 10.17 9.04
CA LYS B 540 45.27 10.08 9.98
C LYS B 540 45.74 11.45 10.46
N LYS B 541 45.04 12.51 10.06
CA LYS B 541 45.44 13.85 10.47
C LYS B 541 44.97 14.10 11.89
N SER B 542 45.83 14.73 12.68
CA SER B 542 45.50 15.11 14.04
C SER B 542 44.91 16.51 14.03
N TYR B 543 43.83 16.69 14.78
CA TYR B 543 43.09 17.94 14.83
C TYR B 543 43.06 18.50 16.25
N ASP B 544 44.20 18.47 16.93
CA ASP B 544 44.31 18.96 18.29
C ASP B 544 44.88 20.37 18.37
N ASP B 545 44.58 21.21 17.37
CA ASP B 545 45.05 22.59 17.36
C ASP B 545 44.19 23.38 16.41
N ALA B 546 43.98 24.67 16.74
CA ALA B 546 43.08 25.51 15.98
C ALA B 546 43.56 25.72 14.55
N GLU B 547 44.87 25.70 14.33
CA GLU B 547 45.40 25.88 12.98
C GLU B 547 44.95 24.75 12.06
N SER B 548 44.97 23.51 12.56
CA SER B 548 44.43 22.40 11.79
C SER B 548 42.92 22.50 11.67
N LEU B 549 42.26 23.06 12.68
CA LEU B 549 40.81 23.23 12.62
C LEU B 549 40.41 24.17 11.48
N LYS B 550 41.21 25.22 11.26
CA LYS B 550 40.91 26.17 10.19
C LYS B 550 40.99 25.53 8.82
N THR B 551 41.61 24.34 8.70
CA THR B 551 41.60 23.64 7.43
C THR B 551 40.25 23.03 7.09
N LEU B 552 39.31 23.04 8.02
CA LEU B 552 38.01 22.39 7.84
C LEU B 552 36.97 23.40 7.36
N ARG B 553 36.18 22.99 6.37
CA ARG B 553 35.15 23.87 5.83
C ARG B 553 34.03 24.15 6.83
N TYR B 554 33.88 23.33 7.86
CA TYR B 554 32.83 23.49 8.86
C TYR B 554 33.43 23.47 10.25
N GLY B 555 32.81 24.22 11.15
CA GLY B 555 33.31 24.32 12.51
C GLY B 555 32.69 23.30 13.45
N LYS B 556 31.36 23.31 13.54
CA LYS B 556 30.62 22.41 14.42
C LYS B 556 29.75 21.48 13.60
N ILE B 557 29.43 20.32 14.17
CA ILE B 557 28.52 19.36 13.55
C ILE B 557 27.35 19.14 14.49
N MET B 558 26.14 19.31 13.96
CA MET B 558 24.91 19.11 14.68
C MET B 558 24.19 17.90 14.11
N ILE B 559 23.70 17.04 14.99
CA ILE B 559 22.99 15.82 14.61
C ILE B 559 21.53 15.97 15.00
N MET B 560 20.64 15.65 14.08
CA MET B 560 19.20 15.78 14.26
C MET B 560 18.53 14.59 13.59
N THR B 561 17.66 13.90 14.33
CA THR B 561 16.99 12.70 13.83
C THR B 561 15.72 12.50 14.66
N ASP B 562 15.03 11.40 14.42
CA ASP B 562 13.85 11.04 15.18
C ASP B 562 14.20 10.91 16.67
N GLN B 563 13.17 10.91 17.50
CA GLN B 563 13.38 10.77 18.94
C GLN B 563 13.36 9.33 19.40
N ASP B 564 13.07 8.38 18.49
CA ASP B 564 12.98 6.97 18.86
C ASP B 564 14.39 6.41 19.09
N GLN B 565 14.47 5.09 19.27
CA GLN B 565 15.75 4.46 19.61
C GLN B 565 16.73 4.51 18.44
N ASP B 566 16.24 4.34 17.22
CA ASP B 566 17.13 4.34 16.05
C ASP B 566 17.90 5.63 15.92
N GLY B 567 17.29 6.75 16.32
CA GLY B 567 18.03 8.00 16.33
C GLY B 567 19.18 7.98 17.30
N SER B 568 18.96 7.42 18.49
CA SER B 568 20.05 7.29 19.45
C SER B 568 21.15 6.39 18.90
N HIS B 569 20.75 5.34 18.17
CA HIS B 569 21.74 4.47 17.54
C HIS B 569 22.56 5.22 16.50
N ILE B 570 21.91 6.10 15.74
CA ILE B 570 22.64 6.88 14.74
C ILE B 570 23.63 7.82 15.40
N LYS B 571 23.20 8.52 16.46
CA LYS B 571 24.16 9.31 17.24
C LYS B 571 25.30 8.45 17.73
N GLY B 572 25.02 7.25 18.23
CA GLY B 572 26.08 6.39 18.72
C GLY B 572 27.07 6.01 17.64
N LEU B 573 26.56 5.69 16.45
CA LEU B 573 27.45 5.32 15.35
C LEU B 573 28.32 6.50 14.93
N LEU B 574 27.74 7.70 14.88
CA LEU B 574 28.53 8.88 14.55
C LEU B 574 29.60 9.13 15.61
N ILE B 575 29.24 8.97 16.88
CA ILE B 575 30.20 9.16 17.96
C ILE B 575 31.33 8.16 17.83
N ASN B 576 30.99 6.90 17.53
CA ASN B 576 32.00 5.87 17.34
C ASN B 576 32.94 6.22 16.21
N PHE B 577 32.39 6.65 15.08
CA PHE B 577 33.20 7.07 13.94
C PHE B 577 34.18 8.16 14.33
N ILE B 578 33.67 9.24 14.94
CA ILE B 578 34.52 10.38 15.26
C ILE B 578 35.58 9.99 16.29
N HIS B 579 35.19 9.23 17.31
CA HIS B 579 36.15 8.83 18.34
C HIS B 579 37.21 7.90 17.78
N HIS B 580 36.84 6.96 16.93
CA HIS B 580 37.81 6.03 16.38
C HIS B 580 38.80 6.74 15.46
N ASN B 581 38.29 7.57 14.55
CA ASN B 581 39.18 8.17 13.57
C ASN B 581 39.95 9.34 14.16
N TRP B 582 39.25 10.33 14.72
CA TRP B 582 39.88 11.56 15.20
C TRP B 582 39.35 11.88 16.60
N PRO B 583 39.81 11.17 17.63
CA PRO B 583 39.26 11.38 18.98
C PRO B 583 39.48 12.78 19.53
N SER B 584 40.56 13.45 19.14
CA SER B 584 40.90 14.74 19.74
C SER B 584 39.77 15.76 19.57
N LEU B 585 38.98 15.62 18.50
CA LEU B 585 37.86 16.54 18.28
C LEU B 585 36.92 16.57 19.47
N LEU B 586 36.70 15.41 20.10
CA LEU B 586 35.80 15.36 21.25
C LEU B 586 36.28 16.27 22.37
N LYS B 587 37.58 16.50 22.47
CA LYS B 587 38.10 17.37 23.52
C LYS B 587 37.72 18.83 23.32
N HIS B 588 37.21 19.21 22.15
CA HIS B 588 36.91 20.60 21.86
C HIS B 588 35.42 20.86 21.66
N GLY B 589 34.56 19.97 22.14
CA GLY B 589 33.13 20.15 21.99
C GLY B 589 32.70 20.23 20.55
N PHE B 590 33.19 19.31 19.73
CA PHE B 590 32.96 19.39 18.28
C PHE B 590 31.55 19.01 17.88
N LEU B 591 30.80 18.31 18.73
CA LEU B 591 29.52 17.73 18.34
C LEU B 591 28.39 18.23 19.22
N GLU B 592 27.25 18.50 18.59
CA GLU B 592 26.04 18.87 19.31
C GLU B 592 24.85 18.22 18.63
N GLU B 593 23.77 18.07 19.41
CA GLU B 593 22.54 17.45 18.93
C GLU B 593 21.39 18.42 19.08
N PHE B 594 20.50 18.39 18.10
CA PHE B 594 19.28 19.19 18.09
C PHE B 594 18.12 18.26 18.41
N ILE B 595 17.61 18.34 19.63
CA ILE B 595 16.51 17.49 20.05
C ILE B 595 15.19 18.09 19.58
N THR B 596 14.21 17.22 19.39
CA THR B 596 12.87 17.65 19.01
C THR B 596 11.85 17.00 19.93
N PRO B 597 10.76 17.68 20.23
CA PRO B 597 9.74 17.08 21.11
C PRO B 597 9.11 15.86 20.45
N ILE B 598 8.70 14.91 21.29
CA ILE B 598 8.07 13.69 20.81
C ILE B 598 6.56 13.68 21.04
N VAL B 599 6.06 14.43 22.02
CA VAL B 599 4.63 14.47 22.31
C VAL B 599 4.20 15.92 22.45
N LYS B 600 3.05 16.25 21.85
CA LYS B 600 2.47 17.59 21.97
C LYS B 600 1.05 17.47 22.50
N ALA B 601 0.78 18.15 23.62
CA ALA B 601 -0.53 18.15 24.23
C ALA B 601 -1.17 19.53 24.05
N SER B 602 -2.45 19.54 23.69
CA SER B 602 -3.16 20.77 23.37
C SER B 602 -4.37 20.92 24.27
N LYS B 603 -4.59 22.16 24.73
CA LYS B 603 -5.80 22.50 25.47
C LYS B 603 -6.15 23.94 25.13
N ASN B 604 -7.20 24.13 24.31
CA ASN B 604 -7.61 25.45 23.86
C ASN B 604 -6.47 26.14 23.12
N LYS B 605 -5.72 26.97 23.83
CA LYS B 605 -4.55 27.63 23.26
C LYS B 605 -3.23 27.09 23.81
N GLN B 606 -3.22 26.59 25.05
CA GLN B 606 -2.00 26.08 25.65
C GLN B 606 -1.52 24.84 24.92
N GLU B 607 -0.20 24.79 24.69
CA GLU B 607 0.46 23.64 24.09
C GLU B 607 1.66 23.25 24.92
N LEU B 608 1.74 21.98 25.27
CA LEU B 608 2.83 21.44 26.09
C LEU B 608 3.66 20.46 25.26
N SER B 609 4.97 20.59 25.34
CA SER B 609 5.89 19.75 24.61
C SER B 609 6.61 18.80 25.55
N PHE B 610 6.69 17.53 25.16
CA PHE B 610 7.35 16.50 25.95
C PHE B 610 8.38 15.82 25.07
N TYR B 611 9.63 15.78 25.56
CA TYR B 611 10.74 15.19 24.83
C TYR B 611 11.00 13.73 25.20
N SER B 612 10.39 13.24 26.28
CA SER B 612 10.62 11.87 26.72
C SER B 612 9.29 11.20 27.08
N ILE B 613 9.13 9.97 26.61
CA ILE B 613 7.95 9.19 26.97
C ILE B 613 7.78 9.06 28.48
N PRO B 614 8.82 8.78 29.27
CA PRO B 614 8.61 8.67 30.73
C PRO B 614 8.04 9.92 31.37
N GLU B 615 8.65 11.09 31.11
CA GLU B 615 8.11 12.32 31.68
C GLU B 615 6.72 12.63 31.14
N PHE B 616 6.48 12.31 29.87
CA PHE B 616 5.17 12.53 29.29
C PHE B 616 4.10 11.71 30.02
N ASP B 617 4.41 10.44 30.28
CA ASP B 617 3.44 9.59 30.99
C ASP B 617 3.30 10.01 32.44
N GLU B 618 4.38 10.49 33.05
CA GLU B 618 4.30 11.03 34.41
C GLU B 618 3.32 12.19 34.45
N TRP B 619 3.43 13.11 33.48
CA TRP B 619 2.48 14.20 33.40
C TRP B 619 1.07 13.70 33.12
N LYS B 620 0.95 12.71 32.23
CA LYS B 620 -0.36 12.21 31.82
C LYS B 620 -1.12 11.59 32.99
N LYS B 621 -0.42 10.81 33.82
CA LYS B 621 -1.05 10.16 34.97
C LYS B 621 -1.24 11.12 36.15
N HIS B 622 -1.13 12.42 35.91
CA HIS B 622 -1.33 13.42 36.96
C HIS B 622 -2.20 14.57 36.41
N ILE B 623 -3.28 14.21 35.73
CA ILE B 623 -4.21 15.17 35.17
C ILE B 623 -5.60 14.85 35.67
N GLU B 624 -6.39 15.90 35.96
CA GLU B 624 -7.78 15.70 36.37
C GLU B 624 -8.62 15.13 35.23
N ASN B 625 -8.30 15.46 33.99
CA ASN B 625 -9.07 15.00 32.84
C ASN B 625 -8.14 14.83 31.66
N GLN B 626 -7.96 13.59 31.21
CA GLN B 626 -7.15 13.34 30.02
C GLN B 626 -7.84 13.90 28.77
N LYS B 627 -9.17 13.88 28.73
CA LYS B 627 -9.89 14.41 27.59
C LYS B 627 -9.84 15.93 27.53
N ALA B 628 -9.38 16.60 28.58
CA ALA B 628 -9.20 18.05 28.53
C ALA B 628 -8.09 18.45 27.59
N TRP B 629 -7.23 17.52 27.19
CA TRP B 629 -6.14 17.78 26.27
C TRP B 629 -6.20 16.77 25.12
N LYS B 630 -5.71 17.19 23.96
CA LYS B 630 -5.52 16.30 22.82
C LYS B 630 -4.04 16.02 22.66
N ILE B 631 -3.69 14.75 22.53
CA ILE B 631 -2.30 14.30 22.52
C ILE B 631 -1.92 13.89 21.11
N LYS B 632 -0.85 14.47 20.59
CA LYS B 632 -0.28 14.09 19.30
C LYS B 632 1.10 13.50 19.53
N TYR B 633 1.29 12.26 19.06
CA TYR B 633 2.54 11.54 19.25
C TYR B 633 3.43 11.78 18.04
N TYR B 634 4.42 12.65 18.20
CA TYR B 634 5.40 12.91 17.14
C TYR B 634 6.43 11.80 17.15
N LYS B 635 6.07 10.68 16.55
CA LYS B 635 6.96 9.52 16.43
C LYS B 635 7.77 9.56 15.14
N GLY B 636 8.07 10.76 14.65
CA GLY B 636 8.88 10.90 13.46
C GLY B 636 9.20 12.35 13.21
N LEU B 637 9.82 12.60 12.06
CA LEU B 637 10.10 13.96 11.62
C LEU B 637 9.27 14.40 10.43
N GLY B 638 8.76 13.46 9.63
CA GLY B 638 7.84 13.83 8.58
C GLY B 638 6.49 14.30 9.11
N THR B 639 6.13 13.90 10.33
CA THR B 639 4.88 14.38 10.92
C THR B 639 4.92 15.88 11.16
N SER B 640 6.05 16.40 11.64
CA SER B 640 6.16 17.82 11.92
C SER B 640 6.05 18.63 10.63
N THR B 641 5.25 19.68 10.67
CA THR B 641 5.06 20.54 9.49
C THR B 641 6.17 21.59 9.44
N ALA B 642 6.29 22.22 8.26
CA ALA B 642 7.29 23.25 8.08
C ALA B 642 7.07 24.43 9.02
N LYS B 643 5.81 24.72 9.34
CA LYS B 643 5.53 25.81 10.27
C LYS B 643 6.11 25.54 11.65
N GLU B 644 5.99 24.29 12.12
CA GLU B 644 6.55 23.95 13.43
C GLU B 644 8.07 24.05 13.42
N ALA B 645 8.70 23.88 12.25
CA ALA B 645 10.15 24.05 12.17
C ALA B 645 10.56 25.47 12.54
N LYS B 646 9.69 26.45 12.28
CA LYS B 646 9.97 27.81 12.71
C LYS B 646 10.15 27.89 14.22
N GLU B 647 9.22 27.28 14.97
CA GLU B 647 9.35 27.25 16.41
C GLU B 647 10.56 26.43 16.84
N TYR B 648 10.80 25.30 16.18
CA TYR B 648 11.96 24.48 16.49
C TYR B 648 13.25 25.27 16.29
N PHE B 649 13.36 25.96 15.16
CA PHE B 649 14.56 26.70 14.83
C PHE B 649 14.60 28.08 15.47
N ALA B 650 13.59 28.43 16.27
CA ALA B 650 13.62 29.66 17.05
C ALA B 650 14.13 29.46 18.46
N ASP B 651 14.37 28.22 18.89
CA ASP B 651 14.73 27.92 20.28
C ASP B 651 15.91 26.96 20.32
N MET B 652 17.12 27.52 20.33
CA MET B 652 18.31 26.70 20.56
C MET B 652 18.40 26.25 22.02
N GLU B 653 17.97 27.10 22.95
CA GLU B 653 18.13 26.80 24.36
C GLU B 653 17.41 25.52 24.73
N ARG B 654 16.24 25.28 24.15
CA ARG B 654 15.47 24.08 24.41
C ARG B 654 15.78 22.95 23.43
N HIS B 655 16.57 23.22 22.38
CA HIS B 655 16.78 22.23 21.33
C HIS B 655 18.25 22.10 20.95
N ARG B 656 19.17 22.29 21.91
CA ARG B 656 20.59 22.16 21.59
C ARG B 656 21.32 21.61 22.80
N ILE B 657 21.92 20.43 22.65
CA ILE B 657 22.77 19.83 23.67
C ILE B 657 24.16 19.63 23.07
N LEU B 658 25.19 19.83 23.89
CA LEU B 658 26.57 19.74 23.43
C LEU B 658 27.26 18.55 24.08
N PHE B 659 28.00 17.79 23.28
CA PHE B 659 28.70 16.60 23.78
C PHE B 659 29.98 17.04 24.47
N ARG B 660 29.87 17.33 25.76
CA ARG B 660 31.02 17.75 26.55
C ARG B 660 31.81 16.51 26.98
N TYR B 661 33.03 16.38 26.47
CA TYR B 661 33.87 15.25 26.83
C TYR B 661 34.29 15.34 28.29
N ALA B 662 34.29 14.20 28.96
CA ALA B 662 34.59 14.14 30.40
C ALA B 662 35.98 13.57 30.67
N GLY B 663 36.29 12.39 30.14
CA GLY B 663 37.56 11.76 30.39
C GLY B 663 37.65 10.37 29.79
N PRO B 664 38.58 9.56 30.31
CA PRO B 664 38.73 8.19 29.78
C PRO B 664 37.51 7.33 29.99
N GLU B 665 36.63 7.68 30.93
CA GLU B 665 35.42 6.91 31.12
C GLU B 665 34.53 6.95 29.88
N ASP B 666 34.47 8.10 29.22
CA ASP B 666 33.73 8.19 27.96
C ASP B 666 34.32 7.26 26.91
N ASP B 667 35.65 7.22 26.82
CA ASP B 667 36.30 6.35 25.86
C ASP B 667 36.00 4.89 26.16
N ALA B 668 36.05 4.52 27.44
CA ALA B 668 35.72 3.16 27.83
C ALA B 668 34.28 2.83 27.49
N ALA B 669 33.37 3.77 27.72
CA ALA B 669 31.96 3.53 27.39
C ALA B 669 31.77 3.32 25.90
N ILE B 670 32.41 4.15 25.08
CA ILE B 670 32.28 3.99 23.63
C ILE B 670 32.86 2.65 23.19
N THR B 671 34.02 2.28 23.74
CA THR B 671 34.62 1.01 23.40
C THR B 671 33.72 -0.15 23.80
N LEU B 672 33.12 -0.08 24.98
CA LEU B 672 32.16 -1.09 25.41
C LEU B 672 30.99 -1.18 24.44
N ALA B 673 30.50 -0.03 23.99
CA ALA B 673 29.34 -0.02 23.12
C ALA B 673 29.66 -0.53 21.72
N PHE B 674 30.91 -0.42 21.28
CA PHE B 674 31.16 -0.58 19.86
C PHE B 674 32.27 -1.56 19.51
N SER B 675 33.22 -1.77 20.40
CA SER B 675 34.30 -2.71 20.10
C SER B 675 33.76 -4.13 20.06
N LYS B 676 34.07 -4.85 18.98
CA LYS B 676 33.63 -6.23 18.84
C LYS B 676 34.23 -7.13 19.91
N LYS B 677 35.34 -6.71 20.52
CA LYS B 677 35.98 -7.54 21.53
C LYS B 677 35.08 -7.73 22.75
N LYS B 678 34.38 -6.69 23.18
CA LYS B 678 33.62 -6.74 24.42
C LYS B 678 32.18 -7.16 24.21
N ILE B 679 31.97 -8.27 23.49
CA ILE B 679 30.62 -8.80 23.35
C ILE B 679 30.10 -9.30 24.69
N ASP B 680 30.91 -10.11 25.38
CA ASP B 680 30.49 -10.64 26.67
C ASP B 680 30.29 -9.53 27.69
N ASP B 681 31.15 -8.51 27.66
CA ASP B 681 30.94 -7.35 28.53
C ASP B 681 29.62 -6.69 28.21
N ARG B 682 29.26 -6.61 26.93
CA ARG B 682 27.95 -6.08 26.57
C ARG B 682 26.83 -6.99 27.10
N LYS B 683 27.03 -8.30 27.06
CA LYS B 683 26.02 -9.22 27.58
C LYS B 683 25.77 -8.97 29.06
N GLU B 684 26.85 -8.88 29.85
CA GLU B 684 26.66 -8.67 31.28
C GLU B 684 26.13 -7.28 31.58
N TRP B 685 26.53 -6.27 30.80
CA TRP B 685 26.00 -4.92 30.98
C TRP B 685 24.50 -4.90 30.73
N LEU B 686 24.07 -5.54 29.64
CA LEU B 686 22.64 -5.60 29.34
C LEU B 686 21.89 -6.40 30.40
N THR B 687 22.50 -7.48 30.90
CA THR B 687 21.85 -8.25 31.95
C THR B 687 21.67 -7.43 33.21
N ASN B 688 22.70 -6.66 33.59
CA ASN B 688 22.57 -5.79 34.75
C ASN B 688 21.49 -4.75 34.55
N PHE B 689 21.43 -4.16 33.36
CA PHE B 689 20.38 -3.18 33.07
C PHE B 689 19.00 -3.82 33.14
N MET B 690 18.86 -5.03 32.60
CA MET B 690 17.57 -5.72 32.65
C MET B 690 17.17 -6.02 34.09
N GLU B 691 18.13 -6.44 34.91
CA GLU B 691 17.83 -6.68 36.32
C GLU B 691 17.40 -5.41 37.02
N ASP B 692 18.08 -4.30 36.74
CA ASP B 692 17.70 -3.03 37.35
C ASP B 692 16.28 -2.62 36.92
N ARG B 693 15.97 -2.79 35.64
CA ARG B 693 14.64 -2.44 35.15
C ARG B 693 13.58 -3.35 35.77
N ARG B 694 13.89 -4.63 35.95
CA ARG B 694 12.97 -5.54 36.61
C ARG B 694 12.72 -5.11 38.06
N GLN B 695 13.77 -4.73 38.76
CA GLN B 695 13.60 -4.26 40.14
C GLN B 695 12.76 -2.99 40.16
N ARG B 696 13.00 -2.07 39.23
CA ARG B 696 12.23 -0.83 39.19
C ARG B 696 10.76 -1.10 38.88
N ARG B 697 10.49 -1.99 37.94
CA ARG B 697 9.10 -2.26 37.56
C ARG B 697 8.37 -3.05 38.64
N LEU B 698 9.09 -3.87 39.42
CA LEU B 698 8.48 -4.57 40.53
C LEU B 698 8.40 -3.71 41.78
N HIS B 699 9.10 -2.57 41.81
CA HIS B 699 9.03 -1.65 42.93
C HIS B 699 8.37 -0.32 42.57
N GLY B 700 8.12 -0.06 41.29
CA GLY B 700 7.45 1.15 40.88
C GLY B 700 8.28 2.40 40.88
N LEU B 701 9.59 2.28 41.08
CA LEU B 701 10.45 3.46 41.12
C LEU B 701 10.65 4.03 39.72
N PRO B 702 10.28 5.29 39.48
CA PRO B 702 10.52 5.88 38.15
C PRO B 702 12.01 6.14 37.92
N GLU B 703 12.38 6.16 36.65
CA GLU B 703 13.76 6.40 36.27
C GLU B 703 13.98 7.88 35.97
N GLN B 704 15.25 8.28 35.89
CA GLN B 704 15.60 9.68 35.68
C GLN B 704 15.84 9.92 34.20
N PHE B 705 14.88 10.57 33.56
CA PHE B 705 15.04 10.98 32.17
C PHE B 705 16.03 12.14 32.08
N LEU B 706 16.97 12.04 31.14
CA LEU B 706 17.99 13.07 31.01
C LEU B 706 17.49 14.34 30.34
N TYR B 707 16.37 14.27 29.62
CA TYR B 707 15.82 15.44 28.94
C TYR B 707 15.22 16.38 29.98
N GLY B 708 16.11 17.08 30.69
CA GLY B 708 15.71 18.02 31.72
C GLY B 708 15.77 19.46 31.25
N THR B 709 15.23 20.34 32.09
CA THR B 709 15.25 21.77 31.77
C THR B 709 16.67 22.31 31.72
N ALA B 710 17.46 22.01 32.75
CA ALA B 710 18.83 22.48 32.82
C ALA B 710 19.79 21.65 31.99
N THR B 711 19.33 20.54 31.42
CA THR B 711 20.18 19.67 30.62
C THR B 711 20.56 20.38 29.32
N LYS B 712 21.80 20.83 29.25
CA LYS B 712 22.33 21.47 28.05
C LYS B 712 23.68 20.92 27.61
N HIS B 713 24.47 20.35 28.53
CA HIS B 713 25.73 19.72 28.22
C HIS B 713 25.65 18.26 28.67
N LEU B 714 26.00 17.34 27.77
CA LEU B 714 25.84 15.92 27.99
C LEU B 714 27.17 15.21 27.81
N THR B 715 27.45 14.24 28.67
CA THR B 715 28.65 13.41 28.56
C THR B 715 28.34 12.15 27.77
N TYR B 716 29.38 11.64 27.08
CA TYR B 716 29.21 10.41 26.32
C TYR B 716 28.84 9.25 27.23
N ASN B 717 29.24 9.30 28.50
CA ASN B 717 28.94 8.21 29.42
C ASN B 717 27.44 8.07 29.60
N ASP B 718 26.76 9.19 29.88
CA ASP B 718 25.32 9.16 30.08
C ASP B 718 24.62 8.77 28.78
N PHE B 719 25.11 9.27 27.65
CA PHE B 719 24.49 8.93 26.38
C PHE B 719 24.57 7.43 26.12
N ILE B 720 25.71 6.83 26.42
CA ILE B 720 25.87 5.40 26.18
C ILE B 720 25.03 4.59 27.17
N ASN B 721 25.08 4.96 28.46
CA ASN B 721 24.44 4.18 29.50
C ASN B 721 23.01 4.61 29.89
N LYS B 722 22.30 5.38 29.06
CA LYS B 722 20.92 5.66 29.45
C LYS B 722 19.92 5.69 28.31
N GLU B 723 20.32 5.96 27.07
CA GLU B 723 19.46 5.89 25.91
C GLU B 723 19.89 4.84 24.89
N LEU B 724 21.14 4.85 24.43
CA LEU B 724 21.57 3.87 23.45
C LEU B 724 21.38 2.46 24.01
N ILE B 725 21.52 2.31 25.32
CA ILE B 725 21.25 1.03 25.96
C ILE B 725 19.78 0.67 25.81
N LEU B 726 18.90 1.69 25.85
CA LEU B 726 17.49 1.45 25.60
C LEU B 726 17.27 0.95 24.18
N PHE B 727 18.01 1.50 23.21
CA PHE B 727 17.93 0.98 21.85
C PHE B 727 18.39 -0.48 21.80
N SER B 728 19.45 -0.80 22.53
CA SER B 728 19.92 -2.18 22.54
C SER B 728 18.83 -3.11 23.09
N ASN B 729 18.18 -2.69 24.17
CA ASN B 729 17.09 -3.48 24.73
C ASN B 729 15.94 -3.64 23.75
N SER B 730 15.58 -2.55 23.06
CA SER B 730 14.51 -2.61 22.07
C SER B 730 14.87 -3.54 20.92
N ASP B 731 16.12 -3.49 20.48
CA ASP B 731 16.56 -4.39 19.42
C ASP B 731 16.50 -5.83 19.88
N ASN B 732 16.87 -6.08 21.13
CA ASN B 732 16.78 -7.43 21.67
C ASN B 732 15.33 -7.90 21.67
N GLU B 733 14.40 -7.03 22.06
CA GLU B 733 12.98 -7.40 22.01
C GLU B 733 12.53 -7.66 20.58
N ARG B 734 13.02 -6.87 19.63
CA ARG B 734 12.60 -7.02 18.24
C ARG B 734 13.09 -8.33 17.65
N SER B 735 14.33 -8.71 17.95
CA SER B 735 14.99 -9.78 17.21
C SER B 735 14.84 -11.15 17.87
N ILE B 736 15.20 -11.27 19.15
CA ILE B 736 15.12 -12.56 19.83
C ILE B 736 13.66 -12.95 20.04
N PRO B 737 13.24 -14.11 19.53
CA PRO B 737 11.83 -14.49 19.64
C PRO B 737 11.40 -14.84 21.05
N SER B 738 10.15 -15.29 21.19
CA SER B 738 9.57 -15.68 22.46
C SER B 738 9.54 -17.19 22.58
N LEU B 739 9.70 -17.68 23.81
CA LEU B 739 9.71 -19.12 24.04
C LEU B 739 8.36 -19.73 23.68
N VAL B 740 7.26 -19.07 24.06
CA VAL B 740 5.96 -19.70 24.01
C VAL B 740 5.53 -19.95 22.57
N ASP B 741 5.69 -18.98 21.70
CA ASP B 741 5.16 -19.08 20.35
C ASP B 741 6.17 -18.75 19.26
N GLY B 742 7.41 -18.42 19.63
CA GLY B 742 8.44 -18.21 18.62
C GLY B 742 8.17 -17.05 17.70
N PHE B 743 7.38 -16.08 18.14
CA PHE B 743 7.03 -14.91 17.33
C PHE B 743 7.73 -13.68 17.87
N LYS B 744 8.49 -13.02 17.00
CA LYS B 744 8.95 -11.67 17.30
C LYS B 744 7.76 -10.72 17.23
N PRO B 745 7.83 -9.59 17.94
CA PRO B 745 6.65 -8.70 18.01
C PRO B 745 6.05 -8.33 16.67
N GLY B 746 6.87 -8.18 15.62
CA GLY B 746 6.31 -7.90 14.31
C GLY B 746 5.43 -9.04 13.81
N GLN B 747 5.92 -10.27 13.92
CA GLN B 747 5.14 -11.42 13.50
C GLN B 747 3.89 -11.58 14.34
N ARG B 748 3.99 -11.29 15.64
CA ARG B 748 2.82 -11.35 16.51
C ARG B 748 1.77 -10.33 16.08
N LYS B 749 2.20 -9.11 15.73
CA LYS B 749 1.27 -8.12 15.22
C LYS B 749 0.61 -8.58 13.93
N VAL B 750 1.40 -9.17 13.03
CA VAL B 750 0.84 -9.68 11.79
C VAL B 750 -0.25 -10.70 12.06
N LEU B 751 0.03 -11.66 12.94
CA LEU B 751 -0.97 -12.70 13.19
C LEU B 751 -2.18 -12.14 13.93
N PHE B 752 -1.98 -11.19 14.85
CA PHE B 752 -3.10 -10.59 15.56
C PHE B 752 -4.03 -9.85 14.61
N THR B 753 -3.46 -9.03 13.71
CA THR B 753 -4.29 -8.35 12.73
C THR B 753 -4.95 -9.33 11.77
N CYS B 754 -4.24 -10.39 11.37
CA CYS B 754 -4.82 -11.38 10.48
C CYS B 754 -6.00 -12.08 11.15
N PHE B 755 -5.90 -12.34 12.45
CA PHE B 755 -7.01 -12.96 13.16
C PHE B 755 -8.19 -12.00 13.26
N LYS B 756 -7.93 -10.75 13.64
CA LYS B 756 -9.02 -9.79 13.79
C LYS B 756 -9.73 -9.53 12.46
N ARG B 757 -8.96 -9.37 11.39
CA ARG B 757 -9.56 -9.15 10.07
C ARG B 757 -10.35 -10.37 9.61
N ASN B 758 -9.81 -11.56 9.82
CA ASN B 758 -10.46 -12.80 9.42
C ASN B 758 -10.79 -12.79 7.93
N ASP B 759 -9.82 -12.39 7.12
CA ASP B 759 -10.01 -12.34 5.68
C ASP B 759 -10.31 -13.74 5.15
N LYS B 760 -11.33 -13.83 4.31
CA LYS B 760 -11.75 -15.10 3.73
C LYS B 760 -11.31 -15.28 2.29
N ARG B 761 -10.53 -14.34 1.75
CA ARG B 761 -10.10 -14.41 0.36
C ARG B 761 -8.70 -13.82 0.26
N GLU B 762 -8.17 -13.83 -0.96
CA GLU B 762 -6.82 -13.33 -1.20
C GLU B 762 -6.75 -11.84 -0.87
N VAL B 763 -5.62 -11.43 -0.30
CA VAL B 763 -5.36 -10.03 0.00
C VAL B 763 -3.92 -9.72 -0.40
N LYS B 764 -3.72 -8.57 -1.03
CA LYS B 764 -2.38 -8.17 -1.40
C LYS B 764 -1.53 -7.94 -0.17
N VAL B 765 -0.23 -8.22 -0.31
CA VAL B 765 0.69 -8.09 0.81
C VAL B 765 0.74 -6.65 1.30
N ALA B 766 0.80 -5.70 0.36
CA ALA B 766 0.86 -4.29 0.73
C ALA B 766 -0.41 -3.85 1.44
N GLN B 767 -1.56 -4.32 0.98
CA GLN B 767 -2.82 -3.96 1.63
C GLN B 767 -2.86 -4.47 3.06
N LEU B 768 -2.45 -5.71 3.26
CA LEU B 768 -2.42 -6.27 4.62
C LEU B 768 -1.41 -5.54 5.48
N ALA B 769 -0.26 -5.16 4.91
CA ALA B 769 0.75 -4.43 5.67
C ALA B 769 0.22 -3.07 6.10
N GLY B 770 -0.48 -2.38 5.21
CA GLY B 770 -1.09 -1.12 5.59
C GLY B 770 -2.12 -1.31 6.68
N SER B 771 -2.92 -2.37 6.56
CA SER B 771 -3.88 -2.66 7.62
C SER B 771 -3.17 -2.91 8.94
N VAL B 772 -2.05 -3.62 8.91
CA VAL B 772 -1.26 -3.83 10.12
C VAL B 772 -0.88 -2.50 10.72
N ALA B 773 -0.30 -1.63 9.89
CA ALA B 773 0.17 -0.33 10.37
C ALA B 773 -0.95 0.47 11.02
N GLU B 774 -2.15 0.43 10.43
CA GLU B 774 -3.21 1.28 10.95
C GLU B 774 -3.94 0.69 12.16
N MET B 775 -4.30 -0.60 12.13
CA MET B 775 -5.12 -1.16 13.20
C MET B 775 -4.31 -1.88 14.28
N SER B 776 -2.98 -1.84 14.22
CA SER B 776 -2.15 -2.46 15.24
C SER B 776 -1.07 -1.51 15.77
N ALA B 777 -1.17 -0.23 15.46
CA ALA B 777 -0.25 0.80 15.96
C ALA B 777 1.21 0.53 15.63
N TYR B 778 1.50 -0.30 14.64
CA TYR B 778 2.88 -0.50 14.22
C TYR B 778 3.46 0.82 13.73
N HIS B 779 4.64 1.18 14.23
CA HIS B 779 5.21 2.49 13.97
C HIS B 779 6.69 2.39 13.63
N HIS B 780 7.06 1.48 12.74
CA HIS B 780 8.44 1.37 12.30
C HIS B 780 8.62 1.59 10.81
N GLY B 781 7.89 0.86 9.98
CA GLY B 781 8.06 0.97 8.55
C GLY B 781 7.32 -0.12 7.80
N GLU B 782 6.78 0.20 6.62
CA GLU B 782 5.95 -0.75 5.91
C GLU B 782 6.77 -1.83 5.22
N GLN B 783 7.99 -1.49 4.76
CA GLN B 783 8.82 -2.49 4.12
C GLN B 783 9.21 -3.60 5.08
N ALA B 784 9.37 -3.29 6.36
CA ALA B 784 9.61 -4.33 7.36
C ALA B 784 8.42 -5.27 7.43
N LEU B 785 7.21 -4.73 7.35
CA LEU B 785 6.02 -5.58 7.31
C LEU B 785 6.00 -6.44 6.06
N MET B 786 6.39 -5.88 4.92
CA MET B 786 6.42 -6.70 3.70
C MET B 786 7.40 -7.85 3.85
N MET B 787 8.57 -7.57 4.40
CA MET B 787 9.56 -8.63 4.62
C MET B 787 9.04 -9.67 5.60
N THR B 788 8.36 -9.23 6.67
CA THR B 788 7.80 -10.19 7.62
C THR B 788 6.77 -11.08 6.95
N ILE B 789 5.91 -10.50 6.10
CA ILE B 789 4.92 -11.30 5.40
C ILE B 789 5.60 -12.32 4.50
N VAL B 790 6.59 -11.89 3.71
CA VAL B 790 7.21 -12.80 2.77
C VAL B 790 7.99 -13.88 3.51
N ASN B 791 8.50 -13.57 4.70
CA ASN B 791 9.20 -14.59 5.49
C ASN B 791 8.22 -15.61 6.06
N LEU B 792 7.12 -15.13 6.65
CA LEU B 792 6.18 -16.04 7.30
C LEU B 792 5.37 -16.85 6.30
N ALA B 793 5.29 -16.42 5.05
CA ALA B 793 4.55 -17.17 4.05
C ALA B 793 5.41 -18.16 3.27
N GLN B 794 6.72 -18.17 3.51
CA GLN B 794 7.59 -19.04 2.74
C GLN B 794 7.44 -20.50 3.17
N ASN B 795 7.49 -21.41 2.19
CA ASN B 795 7.25 -22.82 2.49
C ASN B 795 8.16 -23.78 1.73
N PHE B 796 9.17 -23.29 1.01
CA PHE B 796 10.00 -24.21 0.23
C PHE B 796 10.97 -24.96 1.15
N VAL B 797 11.81 -25.80 0.55
CA VAL B 797 12.71 -26.65 1.32
C VAL B 797 13.78 -25.80 2.00
N GLY B 798 14.00 -26.06 3.29
CA GLY B 798 14.92 -25.28 4.07
C GLY B 798 14.30 -24.05 4.70
N SER B 799 13.12 -23.66 4.25
CA SER B 799 12.38 -22.54 4.81
C SER B 799 11.46 -23.07 5.92
N ASN B 800 10.39 -22.33 6.22
CA ASN B 800 9.50 -22.74 7.30
C ASN B 800 8.89 -24.11 7.03
N ASN B 801 8.91 -24.98 8.04
CA ASN B 801 8.25 -26.26 7.92
C ASN B 801 6.74 -26.10 7.83
N ILE B 802 6.19 -25.16 8.57
CA ILE B 802 4.75 -24.89 8.58
C ILE B 802 4.52 -23.50 8.00
N ASN B 803 3.78 -23.43 6.91
CA ASN B 803 3.46 -22.16 6.27
C ASN B 803 2.13 -21.66 6.81
N LEU B 804 2.20 -20.73 7.78
CA LEU B 804 0.97 -20.18 8.35
C LEU B 804 0.16 -19.44 7.30
N LEU B 805 0.83 -18.66 6.46
CA LEU B 805 0.18 -17.90 5.39
C LEU B 805 0.50 -18.56 4.06
N GLN B 806 -0.54 -18.85 3.29
CA GLN B 806 -0.33 -19.55 2.03
C GLN B 806 0.39 -18.64 1.04
N PRO B 807 1.48 -19.09 0.45
CA PRO B 807 2.22 -18.26 -0.51
C PRO B 807 1.60 -18.31 -1.92
N ILE B 808 0.57 -17.49 -2.10
CA ILE B 808 -0.12 -17.41 -3.38
C ILE B 808 0.64 -16.45 -4.29
N GLY B 809 1.68 -16.96 -4.94
CA GLY B 809 2.53 -16.14 -5.78
C GLY B 809 3.98 -16.56 -5.69
N GLN B 810 4.84 -15.92 -6.48
CA GLN B 810 6.26 -16.26 -6.49
C GLN B 810 6.95 -15.74 -5.24
N PHE B 811 6.97 -16.54 -4.19
CA PHE B 811 7.55 -16.15 -2.92
C PHE B 811 9.01 -16.59 -2.78
N GLY B 812 9.56 -17.26 -3.79
CA GLY B 812 10.95 -17.71 -3.72
C GLY B 812 11.08 -19.21 -3.75
N THR B 813 12.23 -19.70 -4.23
CA THR B 813 12.47 -21.14 -4.34
C THR B 813 13.83 -21.50 -3.75
N ARG B 814 14.22 -22.77 -3.89
CA ARG B 814 15.52 -23.21 -3.44
C ARG B 814 16.66 -22.59 -4.24
N LEU B 815 16.34 -21.97 -5.39
CA LEU B 815 17.40 -21.43 -6.24
C LEU B 815 18.16 -20.31 -5.53
N HIS B 816 17.46 -19.42 -4.83
CA HIS B 816 18.10 -18.31 -4.16
C HIS B 816 17.73 -18.21 -2.68
N GLY B 817 16.97 -19.14 -2.15
CA GLY B 817 16.58 -19.08 -0.76
C GLY B 817 15.67 -17.92 -0.40
N GLY B 818 14.68 -17.65 -1.24
CA GLY B 818 13.75 -16.56 -0.99
C GLY B 818 14.23 -15.20 -1.43
N LYS B 819 15.43 -15.09 -1.99
CA LYS B 819 15.92 -13.82 -2.51
C LYS B 819 15.53 -13.60 -3.96
N ASP B 820 14.92 -14.59 -4.60
CA ASP B 820 14.44 -14.47 -5.98
C ASP B 820 12.94 -14.25 -6.04
N ALA B 821 12.32 -13.87 -4.93
CA ALA B 821 10.87 -13.73 -4.88
C ALA B 821 10.40 -12.58 -5.77
N ALA B 822 9.13 -12.63 -6.14
CA ALA B 822 8.54 -11.59 -6.98
C ALA B 822 8.41 -10.29 -6.18
N SER B 823 7.85 -9.28 -6.84
CA SER B 823 7.67 -7.99 -6.20
C SER B 823 6.72 -8.14 -5.01
N PRO B 824 7.02 -7.48 -3.88
CA PRO B 824 6.17 -7.64 -2.69
C PRO B 824 4.78 -7.07 -2.85
N ARG B 825 4.45 -6.44 -3.97
CA ARG B 825 3.15 -5.83 -4.18
C ARG B 825 2.32 -6.52 -5.24
N TYR B 826 2.87 -7.51 -5.94
CA TYR B 826 2.13 -8.26 -6.94
C TYR B 826 1.73 -9.65 -6.46
N ILE B 827 1.90 -9.93 -5.18
CA ILE B 827 1.71 -11.27 -4.62
C ILE B 827 0.64 -11.24 -3.55
N PHE B 828 -0.20 -12.28 -3.53
CA PHE B 828 -1.30 -12.40 -2.60
C PHE B 828 -1.04 -13.50 -1.59
N THR B 829 -1.88 -13.52 -0.56
CA THR B 829 -1.82 -14.54 0.48
C THR B 829 -3.14 -14.53 1.25
N MET B 830 -3.39 -15.63 1.98
CA MET B 830 -4.56 -15.72 2.82
C MET B 830 -4.27 -16.71 3.94
N LEU B 831 -5.03 -16.59 5.03
CA LEU B 831 -4.78 -17.41 6.21
C LEU B 831 -5.08 -18.87 5.92
N SER B 832 -4.06 -19.71 6.05
CA SER B 832 -4.27 -21.15 5.96
C SER B 832 -5.10 -21.64 7.14
N THR B 833 -5.99 -22.59 6.87
CA THR B 833 -6.87 -23.09 7.92
C THR B 833 -6.11 -23.74 9.07
N LEU B 834 -4.86 -24.14 8.83
CA LEU B 834 -4.08 -24.81 9.86
C LEU B 834 -3.79 -23.90 11.04
N ALA B 835 -3.53 -22.62 10.77
CA ALA B 835 -3.09 -21.71 11.83
C ALA B 835 -4.16 -21.59 12.91
N ARG B 836 -5.42 -21.45 12.52
CA ARG B 836 -6.49 -21.36 13.50
C ARG B 836 -6.54 -22.58 14.40
N LEU B 837 -6.14 -23.74 13.89
CA LEU B 837 -6.06 -24.93 14.74
C LEU B 837 -5.02 -24.75 15.83
N LEU B 838 -3.87 -24.16 15.49
CA LEU B 838 -2.83 -23.95 16.49
C LEU B 838 -3.28 -22.99 17.58
N PHE B 839 -3.98 -21.93 17.20
CA PHE B 839 -4.46 -20.92 18.15
C PHE B 839 -5.98 -20.92 18.10
N PRO B 840 -6.64 -21.75 18.90
CA PRO B 840 -8.10 -21.73 18.94
C PRO B 840 -8.60 -20.36 19.38
N ALA B 841 -9.67 -19.91 18.73
CA ALA B 841 -10.20 -18.57 19.01
C ALA B 841 -10.64 -18.45 20.46
N VAL B 842 -11.17 -19.54 21.03
CA VAL B 842 -11.65 -19.50 22.41
C VAL B 842 -10.51 -19.21 23.38
N ASP B 843 -9.28 -19.61 23.03
CA ASP B 843 -8.15 -19.36 23.90
C ASP B 843 -7.80 -17.89 24.02
N ASP B 844 -8.23 -17.07 23.05
CA ASP B 844 -7.86 -15.66 23.06
C ASP B 844 -8.43 -14.90 24.25
N ASN B 845 -9.47 -15.43 24.89
CA ASN B 845 -10.09 -14.74 26.01
C ASN B 845 -9.20 -14.71 27.24
N LEU B 846 -8.10 -15.46 27.25
CA LEU B 846 -7.20 -15.48 28.39
C LEU B 846 -5.94 -14.65 28.19
N LEU B 847 -5.55 -14.39 26.94
CA LEU B 847 -4.32 -13.66 26.68
C LEU B 847 -4.40 -12.24 27.23
N LYS B 848 -3.28 -11.77 27.76
CA LYS B 848 -3.20 -10.40 28.27
C LYS B 848 -2.90 -9.47 27.10
N PHE B 849 -3.93 -8.76 26.64
CA PHE B 849 -3.78 -7.86 25.51
C PHE B 849 -3.08 -6.57 25.91
N LEU B 850 -2.51 -5.89 24.93
CA LEU B 850 -1.77 -4.65 25.14
C LEU B 850 -2.58 -3.45 24.66
N TYR B 851 -2.14 -2.27 25.07
CA TYR B 851 -2.77 -1.02 24.70
C TYR B 851 -1.71 -0.03 24.25
N ASP B 852 -1.88 0.52 23.05
CA ASP B 852 -1.02 1.56 22.52
C ASP B 852 -1.88 2.73 22.11
N ASP B 853 -1.59 3.91 22.67
CA ASP B 853 -2.40 5.11 22.44
C ASP B 853 -3.86 4.84 22.80
N ASN B 854 -4.06 4.10 23.89
CA ASN B 854 -5.40 3.74 24.37
C ASN B 854 -6.21 3.00 23.30
N GLN B 855 -5.54 2.12 22.56
CA GLN B 855 -6.18 1.31 21.53
C GLN B 855 -5.87 -0.16 21.79
N ARG B 856 -6.86 -1.01 21.54
CA ARG B 856 -6.70 -2.44 21.74
C ARG B 856 -5.83 -3.03 20.65
N VAL B 857 -4.69 -3.60 21.04
CA VAL B 857 -3.73 -4.16 20.09
C VAL B 857 -3.38 -5.57 20.52
N GLU B 858 -2.42 -6.18 19.82
CA GLU B 858 -1.97 -7.56 20.02
C GLU B 858 -1.76 -7.90 21.48
N PRO B 859 -1.84 -9.18 21.85
CA PRO B 859 -1.49 -9.58 23.22
C PRO B 859 0.02 -9.71 23.36
N GLU B 860 0.44 -10.00 24.59
CA GLU B 860 1.86 -10.21 24.86
C GLU B 860 2.39 -11.40 24.06
N TRP B 861 1.64 -12.48 24.00
CA TRP B 861 2.11 -13.76 23.50
C TRP B 861 0.96 -14.74 23.44
N TYR B 862 0.91 -15.53 22.36
CA TYR B 862 -0.16 -16.47 22.12
C TYR B 862 0.13 -17.83 22.73
N ILE B 863 -0.92 -18.61 22.90
CA ILE B 863 -0.83 -19.98 23.41
C ILE B 863 -1.21 -20.93 22.29
N PRO B 864 -0.25 -21.65 21.71
CA PRO B 864 -0.57 -22.69 20.73
C PRO B 864 -0.65 -24.06 21.39
N ILE B 865 -1.21 -25.02 20.64
CA ILE B 865 -1.27 -26.38 21.14
C ILE B 865 0.12 -27.01 21.17
N ILE B 866 0.91 -26.79 20.12
CA ILE B 866 2.25 -27.36 20.00
C ILE B 866 3.23 -26.23 20.30
N PRO B 867 4.42 -26.49 20.85
CA PRO B 867 5.38 -25.41 21.02
C PRO B 867 5.88 -24.91 19.67
N MET B 868 5.45 -23.70 19.29
CA MET B 868 5.69 -23.23 17.93
C MET B 868 7.16 -22.92 17.67
N VAL B 869 7.90 -22.52 18.71
CA VAL B 869 9.28 -22.09 18.51
C VAL B 869 10.13 -23.23 17.95
N LEU B 870 9.92 -24.46 18.43
CA LEU B 870 10.72 -25.59 18.01
C LEU B 870 10.18 -26.26 16.77
N ILE B 871 9.31 -25.59 16.01
CA ILE B 871 8.69 -26.16 14.84
C ILE B 871 9.24 -25.54 13.56
N ASN B 872 9.23 -24.22 13.47
CA ASN B 872 9.72 -23.53 12.29
C ASN B 872 11.08 -22.89 12.51
N GLY B 873 11.75 -23.18 13.62
CA GLY B 873 13.05 -22.63 13.91
C GLY B 873 12.98 -21.20 14.38
N ALA B 874 14.15 -20.61 14.54
CA ALA B 874 14.25 -19.20 14.97
C ALA B 874 15.61 -18.66 14.61
N GLU B 875 15.66 -17.57 13.85
CA GLU B 875 16.92 -16.95 13.42
C GLU B 875 16.86 -15.48 13.82
N GLY B 876 17.27 -15.18 15.05
CA GLY B 876 17.25 -13.83 15.57
C GLY B 876 18.65 -13.31 15.85
N ILE B 877 18.91 -12.09 15.40
CA ILE B 877 20.22 -11.45 15.55
C ILE B 877 19.98 -10.15 16.31
N GLY B 878 20.06 -10.20 17.62
CA GLY B 878 19.87 -9.04 18.46
C GLY B 878 21.16 -8.29 18.70
N THR B 879 21.23 -7.61 19.83
CA THR B 879 22.43 -6.90 20.25
C THR B 879 22.86 -7.48 21.60
N GLY B 880 24.08 -8.01 21.64
CA GLY B 880 24.55 -8.69 22.83
C GLY B 880 24.02 -10.10 23.00
N TRP B 881 23.25 -10.60 22.06
CA TRP B 881 22.74 -11.95 22.09
C TRP B 881 22.40 -12.38 20.66
N ALA B 882 21.96 -13.62 20.52
CA ALA B 882 21.53 -14.14 19.23
C ALA B 882 20.74 -15.41 19.49
N CYS B 883 20.20 -15.99 18.42
CA CYS B 883 19.40 -17.20 18.54
C CYS B 883 19.34 -17.89 17.19
N LYS B 884 19.74 -19.16 17.15
CA LYS B 884 19.69 -19.96 15.93
C LYS B 884 19.19 -21.34 16.31
N LEU B 885 17.91 -21.60 16.07
CA LEU B 885 17.27 -22.86 16.41
C LEU B 885 16.76 -23.53 15.15
N PRO B 886 17.15 -24.75 14.84
CA PRO B 886 16.78 -25.39 13.58
C PRO B 886 15.36 -25.94 13.63
N ASN B 887 14.98 -26.61 12.57
CA ASN B 887 13.62 -27.13 12.40
C ASN B 887 13.46 -28.49 13.06
N TYR B 888 12.21 -28.90 13.22
CA TYR B 888 11.87 -30.20 13.76
C TYR B 888 10.58 -30.68 13.10
N ASP B 889 10.35 -31.98 13.16
CA ASP B 889 9.14 -32.55 12.58
C ASP B 889 7.97 -32.38 13.54
N ALA B 890 6.82 -31.96 12.99
CA ALA B 890 5.66 -31.69 13.82
C ALA B 890 5.10 -32.95 14.46
N ARG B 891 5.01 -34.04 13.69
CA ARG B 891 4.45 -35.28 14.22
C ARG B 891 5.30 -35.82 15.36
N GLU B 892 6.62 -35.72 15.24
CA GLU B 892 7.49 -36.17 16.32
C GLU B 892 7.23 -35.37 17.59
N ILE B 893 7.08 -34.05 17.46
CA ILE B 893 6.85 -33.21 18.63
C ILE B 893 5.49 -33.53 19.25
N VAL B 894 4.46 -33.75 18.43
CA VAL B 894 3.15 -34.01 18.99
C VAL B 894 3.12 -35.37 19.67
N ASN B 895 3.82 -36.36 19.10
CA ASN B 895 3.92 -37.66 19.77
C ASN B 895 4.65 -37.52 21.10
N ASN B 896 5.74 -36.75 21.12
CA ASN B 896 6.50 -36.58 22.36
C ASN B 896 5.66 -35.88 23.43
N VAL B 897 4.91 -34.85 23.04
CA VAL B 897 4.12 -34.14 24.04
C VAL B 897 2.94 -34.99 24.50
N ARG B 898 2.38 -35.82 23.61
CA ARG B 898 1.33 -36.75 24.04
C ARG B 898 1.88 -37.76 25.03
N ARG B 899 3.08 -38.27 24.78
CA ARG B 899 3.72 -39.17 25.73
C ARG B 899 3.97 -38.47 27.06
N MET B 900 4.44 -37.23 27.01
CA MET B 900 4.65 -36.46 28.24
C MET B 900 3.34 -36.27 28.98
N LEU B 901 2.22 -36.16 28.26
CA LEU B 901 0.93 -36.03 28.92
C LEU B 901 0.55 -37.30 29.67
N ASP B 902 1.00 -38.46 29.20
CA ASP B 902 0.66 -39.74 29.80
C ASP B 902 1.63 -40.16 30.89
N GLY B 903 2.59 -39.32 31.25
CA GLY B 903 3.54 -39.63 32.30
C GLY B 903 4.75 -40.41 31.87
N LEU B 904 4.88 -40.74 30.58
CA LEU B 904 6.02 -41.49 30.09
C LEU B 904 7.23 -40.58 29.96
N ASP B 905 8.30 -41.08 29.37
CA ASP B 905 9.50 -40.27 29.23
C ASP B 905 9.55 -39.60 27.87
N PRO B 906 10.12 -38.39 27.80
CA PRO B 906 10.25 -37.70 26.50
C PRO B 906 11.38 -38.30 25.69
N HIS B 907 11.05 -38.84 24.53
CA HIS B 907 12.06 -39.42 23.67
C HIS B 907 12.99 -38.31 23.17
N PRO B 908 14.31 -38.51 23.18
CA PRO B 908 15.20 -37.53 22.56
C PRO B 908 14.88 -37.37 21.09
N MET B 909 14.95 -36.14 20.61
CA MET B 909 14.51 -35.80 19.26
C MET B 909 15.64 -35.13 18.50
N LEU B 910 15.69 -35.41 17.20
CA LEU B 910 16.67 -34.83 16.31
C LEU B 910 16.01 -33.85 15.35
N PRO B 911 16.70 -32.78 14.97
CA PRO B 911 16.12 -31.83 14.02
C PRO B 911 15.79 -32.48 12.70
N ASN B 912 14.66 -32.08 12.12
CA ASN B 912 14.25 -32.53 10.81
C ASN B 912 13.62 -31.37 10.05
N TYR B 913 13.71 -31.43 8.73
CA TYR B 913 13.20 -30.39 7.86
C TYR B 913 12.21 -30.99 6.88
N LYS B 914 11.13 -30.26 6.62
CA LYS B 914 10.05 -30.78 5.80
C LYS B 914 10.55 -31.10 4.39
N ASN B 915 10.23 -32.29 3.91
CA ASN B 915 10.60 -32.76 2.57
C ASN B 915 12.10 -32.75 2.34
N PHE B 916 12.89 -32.79 3.40
CA PHE B 916 14.34 -32.80 3.29
C PHE B 916 14.81 -34.25 3.23
N LYS B 917 15.21 -34.70 2.04
CA LYS B 917 15.59 -36.09 1.86
C LYS B 917 16.92 -36.43 2.53
N GLY B 918 17.73 -35.43 2.88
CA GLY B 918 19.00 -35.70 3.50
C GLY B 918 18.86 -36.22 4.92
N THR B 919 19.95 -36.80 5.42
CA THR B 919 19.99 -37.39 6.74
C THR B 919 20.91 -36.59 7.66
N ILE B 920 20.47 -36.39 8.90
CA ILE B 920 21.23 -35.66 9.90
C ILE B 920 21.53 -36.59 11.05
N GLN B 921 22.81 -36.67 11.43
CA GLN B 921 23.25 -37.50 12.54
C GLN B 921 23.98 -36.62 13.54
N GLU B 922 23.65 -36.77 14.82
CA GLU B 922 24.28 -35.95 15.85
C GLU B 922 25.71 -36.42 16.09
N LEU B 923 26.64 -35.49 16.07
CA LEU B 923 28.03 -35.76 16.42
C LEU B 923 28.40 -35.22 17.79
N GLY B 924 27.47 -34.59 18.49
CA GLY B 924 27.75 -34.15 19.84
C GLY B 924 26.64 -33.25 20.34
N GLN B 925 26.77 -32.86 21.61
CA GLN B 925 25.80 -31.97 22.21
C GLN B 925 25.77 -30.65 21.47
N ASN B 926 24.61 -30.32 20.91
CA ASN B 926 24.44 -29.11 20.10
C ASN B 926 25.41 -29.12 18.91
N GLN B 927 25.65 -30.30 18.37
CA GLN B 927 26.61 -30.46 17.28
C GLN B 927 26.08 -31.55 16.35
N TYR B 928 25.64 -31.17 15.16
CA TYR B 928 25.03 -32.10 14.22
C TYR B 928 25.71 -31.99 12.87
N ALA B 929 25.58 -33.06 12.08
CA ALA B 929 26.12 -33.10 10.73
C ALA B 929 24.98 -33.27 9.74
N VAL B 930 24.93 -32.41 8.74
CA VAL B 930 23.91 -32.45 7.70
C VAL B 930 24.59 -32.95 6.43
N SER B 931 24.00 -33.96 5.81
CA SER B 931 24.59 -34.59 4.63
C SER B 931 23.54 -34.77 3.55
N GLY B 932 23.95 -34.55 2.31
CA GLY B 932 23.09 -34.73 1.16
C GLY B 932 23.09 -36.15 0.64
N GLU B 933 22.58 -36.31 -0.57
CA GLU B 933 22.47 -37.62 -1.21
C GLU B 933 23.30 -37.63 -2.48
N ILE B 934 24.32 -38.48 -2.51
CA ILE B 934 25.19 -38.65 -3.67
C ILE B 934 25.27 -40.14 -3.99
N PHE B 935 25.09 -40.47 -5.27
CA PHE B 935 25.11 -41.85 -5.73
C PHE B 935 26.06 -41.96 -6.92
N VAL B 936 26.43 -43.20 -7.22
CA VAL B 936 27.34 -43.51 -8.32
C VAL B 936 26.57 -44.39 -9.30
N VAL B 937 26.02 -43.77 -10.35
CA VAL B 937 25.22 -44.50 -11.32
C VAL B 937 26.09 -45.52 -12.06
N ASP B 938 27.23 -45.07 -12.58
CA ASP B 938 28.17 -45.95 -13.24
C ASP B 938 29.57 -45.57 -12.77
N ARG B 939 30.55 -46.37 -13.18
CA ARG B 939 31.87 -46.32 -12.56
C ARG B 939 32.52 -44.95 -12.70
N ASN B 940 32.15 -44.19 -13.74
CA ASN B 940 32.70 -42.85 -13.96
C ASN B 940 31.59 -41.80 -14.13
N THR B 941 30.49 -41.96 -13.40
CA THR B 941 29.42 -40.97 -13.38
C THR B 941 28.75 -40.97 -12.02
N VAL B 942 28.43 -39.77 -11.51
CA VAL B 942 27.79 -39.62 -10.21
C VAL B 942 26.55 -38.74 -10.35
N GLU B 943 25.66 -38.87 -9.38
CA GLU B 943 24.42 -38.11 -9.33
C GLU B 943 24.20 -37.56 -7.93
N ILE B 944 23.97 -36.25 -7.84
CA ILE B 944 23.63 -35.57 -6.60
C ILE B 944 22.13 -35.28 -6.61
N THR B 945 21.41 -35.79 -5.62
CA THR B 945 19.98 -35.62 -5.54
C THR B 945 19.51 -34.86 -4.31
N GLU B 946 20.43 -34.39 -3.48
CA GLU B 946 20.05 -33.66 -2.27
C GLU B 946 21.22 -32.80 -1.82
N LEU B 947 20.90 -31.66 -1.24
CA LEU B 947 21.87 -30.71 -0.74
C LEU B 947 21.63 -30.45 0.74
N PRO B 948 22.65 -30.02 1.48
CA PRO B 948 22.46 -29.70 2.90
C PRO B 948 21.54 -28.51 3.06
N VAL B 949 21.07 -28.33 4.29
CA VAL B 949 20.20 -27.21 4.59
C VAL B 949 20.97 -25.90 4.40
N ARG B 950 20.23 -24.84 4.05
CA ARG B 950 20.80 -23.52 3.81
C ARG B 950 21.86 -23.57 2.72
N THR B 951 21.67 -24.43 1.72
CA THR B 951 22.58 -24.55 0.58
C THR B 951 21.74 -24.43 -0.67
N TRP B 952 21.54 -23.20 -1.14
CA TRP B 952 20.70 -22.94 -2.28
C TRP B 952 21.35 -23.47 -3.55
N THR B 953 20.50 -23.90 -4.50
CA THR B 953 20.99 -24.58 -5.68
C THR B 953 21.93 -23.69 -6.49
N GLN B 954 21.53 -22.44 -6.75
CA GLN B 954 22.35 -21.55 -7.56
C GLN B 954 23.67 -21.24 -6.87
N VAL B 955 23.63 -20.91 -5.58
CA VAL B 955 24.85 -20.55 -4.85
C VAL B 955 25.78 -21.75 -4.78
N TYR B 956 25.25 -22.92 -4.46
CA TYR B 956 26.07 -24.12 -4.40
C TYR B 956 26.70 -24.41 -5.76
N LYS B 957 25.92 -24.33 -6.82
CA LYS B 957 26.45 -24.58 -8.15
C LYS B 957 27.58 -23.62 -8.47
N GLU B 958 27.35 -22.32 -8.32
CA GLU B 958 28.36 -21.34 -8.71
C GLU B 958 29.60 -21.43 -7.84
N GLN B 959 29.46 -21.81 -6.57
CA GLN B 959 30.59 -21.83 -5.67
C GLN B 959 31.33 -23.16 -5.68
N VAL B 960 30.74 -24.21 -6.23
CA VAL B 960 31.35 -25.54 -6.22
C VAL B 960 31.75 -25.99 -7.62
N LEU B 961 30.79 -26.04 -8.54
CA LEU B 961 31.03 -26.69 -9.82
C LEU B 961 32.13 -26.00 -10.62
N GLU B 962 31.90 -24.76 -11.04
CA GLU B 962 32.87 -24.09 -11.90
C GLU B 962 34.20 -23.75 -11.20
N PRO B 963 34.24 -23.49 -9.88
CA PRO B 963 35.56 -23.42 -9.22
C PRO B 963 36.28 -24.76 -9.21
N MET B 964 35.58 -25.86 -9.46
CA MET B 964 36.16 -27.18 -9.49
C MET B 964 36.08 -27.84 -10.87
N LEU B 965 35.11 -27.46 -11.70
CA LEU B 965 35.05 -27.98 -13.07
C LEU B 965 36.28 -27.56 -13.87
N ASN B 966 36.50 -26.24 -13.98
CA ASN B 966 37.68 -25.73 -14.67
C ASN B 966 38.86 -25.50 -13.73
N GLY B 967 38.60 -25.37 -12.43
CA GLY B 967 39.66 -25.21 -11.46
C GLY B 967 40.23 -23.80 -11.47
N THR B 968 41.24 -23.63 -10.61
CA THR B 968 41.93 -22.35 -10.50
C THR B 968 43.44 -22.55 -10.60
N ASP B 969 44.21 -21.51 -10.30
CA ASP B 969 45.66 -21.65 -10.25
C ASP B 969 46.08 -22.61 -9.15
N LYS B 970 45.42 -22.53 -7.99
CA LYS B 970 45.79 -23.39 -6.87
C LYS B 970 45.33 -24.82 -7.06
N THR B 971 44.20 -25.03 -7.74
CA THR B 971 43.63 -26.36 -7.91
C THR B 971 43.22 -26.56 -9.36
N PRO B 972 43.68 -27.62 -10.02
CA PRO B 972 43.36 -27.85 -11.43
C PRO B 972 41.96 -28.41 -11.60
N ALA B 973 41.62 -28.69 -12.85
CA ALA B 973 40.30 -29.22 -13.18
C ALA B 973 40.12 -30.63 -12.63
N LEU B 974 38.88 -30.93 -12.21
CA LEU B 974 38.55 -32.23 -11.65
C LEU B 974 37.53 -33.00 -12.46
N ILE B 975 36.39 -32.40 -12.79
CA ILE B 975 35.34 -33.09 -13.50
C ILE B 975 35.39 -32.70 -14.97
N SER B 976 34.63 -33.43 -15.80
CA SER B 976 34.55 -33.15 -17.23
C SER B 976 33.30 -32.34 -17.59
N ASP B 977 32.13 -32.78 -17.15
CA ASP B 977 30.90 -32.09 -17.50
C ASP B 977 29.83 -32.43 -16.47
N TYR B 978 28.75 -31.63 -16.49
CA TYR B 978 27.60 -31.87 -15.63
C TYR B 978 26.34 -31.44 -16.34
N LYS B 979 25.25 -32.14 -16.04
CA LYS B 979 23.93 -31.84 -16.57
C LYS B 979 22.95 -31.82 -15.40
N GLU B 980 22.13 -30.77 -15.34
CA GLU B 980 21.18 -30.62 -14.25
C GLU B 980 19.76 -30.79 -14.77
N TYR B 981 18.95 -31.52 -14.01
CA TYR B 981 17.53 -31.70 -14.30
C TYR B 981 16.77 -31.24 -13.06
N HIS B 982 16.54 -29.93 -12.98
CA HIS B 982 15.98 -29.33 -11.79
C HIS B 982 14.47 -29.22 -11.95
N THR B 983 13.73 -29.90 -11.07
CA THR B 983 12.28 -29.76 -11.00
C THR B 983 11.95 -28.51 -10.18
N ASP B 984 10.69 -28.41 -9.77
CA ASP B 984 10.24 -27.23 -9.03
C ASP B 984 11.07 -27.01 -7.76
N THR B 985 11.29 -28.08 -6.99
CA THR B 985 12.01 -27.94 -5.72
C THR B 985 13.00 -29.07 -5.47
N THR B 986 13.48 -29.75 -6.51
CA THR B 986 14.42 -30.85 -6.35
C THR B 986 15.67 -30.59 -7.19
N VAL B 987 16.79 -31.11 -6.71
CA VAL B 987 18.09 -30.96 -7.37
C VAL B 987 18.49 -32.31 -7.95
N LYS B 988 18.90 -32.30 -9.22
CA LYS B 988 19.35 -33.51 -9.90
C LYS B 988 20.57 -33.15 -10.73
N PHE B 989 21.75 -33.39 -10.18
CA PHE B 989 23.01 -33.18 -10.87
C PHE B 989 23.55 -34.51 -11.35
N VAL B 990 23.95 -34.57 -12.61
CA VAL B 990 24.57 -35.75 -13.19
C VAL B 990 25.95 -35.30 -13.69
N VAL B 991 26.99 -35.78 -13.03
CA VAL B 991 28.35 -35.31 -13.28
C VAL B 991 29.18 -36.45 -13.85
N LYS B 992 29.84 -36.17 -14.97
CA LYS B 992 30.75 -37.10 -15.63
C LYS B 992 32.16 -36.54 -15.53
N MET B 993 33.11 -37.38 -15.15
CA MET B 993 34.50 -36.98 -15.01
C MET B 993 35.39 -38.13 -15.49
N THR B 994 36.69 -37.93 -15.38
CA THR B 994 37.61 -39.01 -15.72
C THR B 994 37.51 -40.11 -14.69
N GLU B 995 37.78 -41.34 -15.15
CA GLU B 995 37.60 -42.51 -14.30
C GLU B 995 38.55 -42.49 -13.10
N GLU B 996 39.82 -42.17 -13.32
CA GLU B 996 40.80 -42.19 -12.24
C GLU B 996 40.50 -41.11 -11.19
N LYS B 997 40.05 -39.95 -11.63
CA LYS B 997 39.71 -38.88 -10.69
C LYS B 997 38.54 -39.28 -9.82
N LEU B 998 37.54 -39.95 -10.40
CA LEU B 998 36.44 -40.43 -9.57
C LEU B 998 36.88 -41.53 -8.63
N ALA B 999 37.84 -42.35 -9.05
CA ALA B 999 38.40 -43.34 -8.12
C ALA B 999 39.08 -42.65 -6.95
N GLN B 1000 39.84 -41.59 -7.22
CA GLN B 1000 40.46 -40.82 -6.15
C GLN B 1000 39.42 -40.19 -5.24
N ALA B 1001 38.35 -39.66 -5.83
CA ALA B 1001 37.28 -39.06 -5.02
C ALA B 1001 36.64 -40.09 -4.11
N GLU B 1002 36.39 -41.29 -4.62
CA GLU B 1002 35.89 -42.37 -3.78
C GLU B 1002 36.87 -42.69 -2.67
N ALA B 1003 38.17 -42.69 -3.00
CA ALA B 1003 39.18 -42.86 -1.96
C ALA B 1003 39.15 -41.71 -0.96
N ALA B 1004 38.96 -40.48 -1.45
CA ALA B 1004 38.87 -39.32 -0.57
C ALA B 1004 37.50 -39.13 0.05
N GLY B 1005 36.48 -39.84 -0.43
CA GLY B 1005 35.13 -39.68 0.10
C GLY B 1005 34.25 -38.84 -0.80
N LEU B 1006 33.16 -39.43 -1.29
CA LEU B 1006 32.28 -38.71 -2.20
C LEU B 1006 31.67 -37.48 -1.54
N HIS B 1007 31.20 -37.63 -0.29
CA HIS B 1007 30.66 -36.49 0.42
C HIS B 1007 31.72 -35.44 0.69
N LYS B 1008 32.93 -35.88 1.05
CA LYS B 1008 34.00 -34.94 1.36
C LYS B 1008 34.42 -34.14 0.13
N VAL B 1009 34.49 -34.79 -1.03
CA VAL B 1009 34.98 -34.12 -2.23
C VAL B 1009 33.98 -33.05 -2.69
N PHE B 1010 32.70 -33.40 -2.74
CA PHE B 1010 31.69 -32.50 -3.28
C PHE B 1010 31.17 -31.52 -2.24
N LYS B 1011 31.70 -31.54 -1.01
CA LYS B 1011 31.27 -30.65 0.07
C LYS B 1011 29.77 -30.77 0.32
N LEU B 1012 29.25 -32.00 0.23
CA LEU B 1012 27.85 -32.28 0.47
C LEU B 1012 27.54 -32.51 1.94
N GLN B 1013 28.45 -32.11 2.83
CA GLN B 1013 28.24 -32.25 4.27
C GLN B 1013 28.61 -30.94 4.95
N THR B 1014 27.94 -30.66 6.06
CA THR B 1014 28.15 -29.43 6.79
C THR B 1014 27.88 -29.66 8.28
N THR B 1015 28.41 -28.75 9.09
CA THR B 1015 28.30 -28.82 10.54
C THR B 1015 27.32 -27.76 11.03
N LEU B 1016 26.41 -28.16 11.91
CA LEU B 1016 25.45 -27.26 12.51
C LEU B 1016 25.68 -27.25 14.02
N THR B 1017 25.79 -26.05 14.58
CA THR B 1017 25.97 -25.86 16.01
C THR B 1017 24.82 -25.04 16.55
N CYS B 1018 24.26 -25.47 17.68
CA CYS B 1018 23.10 -24.83 18.28
C CYS B 1018 23.39 -24.47 19.73
N ASN B 1019 24.53 -23.82 19.96
CA ASN B 1019 24.95 -23.42 21.30
C ASN B 1019 24.44 -22.05 21.69
N SER B 1020 23.36 -21.58 21.07
CA SER B 1020 22.82 -20.25 21.32
C SER B 1020 21.31 -20.32 21.50
N MET B 1021 20.84 -21.25 22.31
CA MET B 1021 19.42 -21.35 22.65
C MET B 1021 19.08 -20.24 23.63
N VAL B 1022 18.79 -19.06 23.09
CA VAL B 1022 18.45 -17.89 23.89
C VAL B 1022 17.03 -17.47 23.50
N LEU B 1023 16.13 -17.44 24.48
CA LEU B 1023 14.73 -17.13 24.22
C LEU B 1023 14.20 -16.17 25.28
N PHE B 1024 12.92 -15.83 25.12
CA PHE B 1024 12.17 -15.00 26.05
C PHE B 1024 11.11 -15.89 26.72
N ASP B 1025 11.25 -16.07 28.03
CA ASP B 1025 10.34 -16.96 28.75
C ASP B 1025 8.95 -16.33 28.84
N HIS B 1026 8.04 -17.03 29.53
CA HIS B 1026 6.67 -16.53 29.64
C HIS B 1026 6.62 -15.19 30.35
N MET B 1027 7.51 -14.98 31.32
CA MET B 1027 7.54 -13.74 32.09
C MET B 1027 8.32 -12.63 31.41
N GLY B 1028 8.59 -12.76 30.11
CA GLY B 1028 9.27 -11.72 29.36
C GLY B 1028 10.69 -11.44 29.81
N CYS B 1029 11.49 -12.49 29.99
CA CYS B 1029 12.86 -12.35 30.42
C CYS B 1029 13.77 -13.15 29.51
N LEU B 1030 14.98 -12.64 29.31
CA LEU B 1030 15.97 -13.33 28.49
C LEU B 1030 16.52 -14.53 29.26
N LYS B 1031 16.57 -15.68 28.60
CA LYS B 1031 17.07 -16.88 29.24
C LYS B 1031 17.76 -17.74 28.20
N LYS B 1032 18.96 -18.21 28.52
CA LYS B 1032 19.71 -19.09 27.63
C LYS B 1032 19.43 -20.54 28.01
N TYR B 1033 19.06 -21.34 27.00
CA TYR B 1033 18.71 -22.72 27.20
C TYR B 1033 19.81 -23.63 26.66
N GLU B 1034 19.73 -24.90 27.04
CA GLU B 1034 20.77 -25.88 26.71
C GLU B 1034 20.31 -26.93 25.72
N THR B 1035 19.17 -27.58 25.97
CA THR B 1035 18.66 -28.61 25.09
C THR B 1035 17.17 -28.40 24.87
N VAL B 1036 16.62 -29.19 23.94
CA VAL B 1036 15.22 -29.06 23.58
C VAL B 1036 14.31 -29.45 24.74
N GLN B 1037 14.71 -30.43 25.54
CA GLN B 1037 13.82 -30.98 26.56
C GLN B 1037 13.41 -29.95 27.60
N ASP B 1038 14.33 -29.06 27.98
CA ASP B 1038 13.97 -28.01 28.94
C ASP B 1038 12.90 -27.08 28.39
N ILE B 1039 13.06 -26.67 27.13
CA ILE B 1039 12.06 -25.81 26.49
C ILE B 1039 10.72 -26.55 26.41
N LEU B 1040 10.75 -27.82 26.03
CA LEU B 1040 9.52 -28.60 25.93
C LEU B 1040 8.83 -28.69 27.29
N LYS B 1041 9.60 -28.92 28.35
CA LYS B 1041 9.00 -29.03 29.68
C LYS B 1041 8.37 -27.71 30.11
N GLU B 1042 9.05 -26.59 29.86
CA GLU B 1042 8.49 -25.30 30.24
C GLU B 1042 7.21 -25.02 29.48
N PHE B 1043 7.20 -25.28 28.17
CA PHE B 1043 6.00 -25.09 27.38
C PHE B 1043 4.89 -25.99 27.88
N PHE B 1044 5.22 -27.24 28.22
CA PHE B 1044 4.22 -28.18 28.71
C PHE B 1044 3.56 -27.67 29.97
N ASP B 1045 4.36 -27.18 30.92
CA ASP B 1045 3.82 -26.69 32.18
C ASP B 1045 2.90 -25.50 31.95
N LEU B 1046 3.36 -24.51 31.17
CA LEU B 1046 2.52 -23.34 30.95
C LEU B 1046 1.24 -23.72 30.21
N ARG B 1047 1.33 -24.68 29.29
CA ARG B 1047 0.17 -25.04 28.49
C ARG B 1047 -0.87 -25.79 29.34
N LEU B 1048 -0.40 -26.63 30.27
CA LEU B 1048 -1.33 -27.24 31.21
C LEU B 1048 -2.01 -26.20 32.09
N SER B 1049 -1.25 -25.23 32.58
CA SER B 1049 -1.87 -24.19 33.39
C SER B 1049 -2.94 -23.44 32.60
N TYR B 1050 -2.65 -23.13 31.33
CA TYR B 1050 -3.63 -22.39 30.55
C TYR B 1050 -4.82 -23.25 30.14
N TYR B 1051 -4.65 -24.57 30.00
CA TYR B 1051 -5.83 -25.43 29.90
C TYR B 1051 -6.67 -25.39 31.17
N GLY B 1052 -6.04 -25.36 32.34
CA GLY B 1052 -6.83 -25.19 33.57
C GLY B 1052 -7.65 -23.92 33.55
N LEU B 1053 -7.00 -22.80 33.21
CA LEU B 1053 -7.69 -21.53 33.15
C LEU B 1053 -8.80 -21.52 32.10
N ARG B 1054 -8.54 -22.10 30.92
CA ARG B 1054 -9.56 -22.08 29.89
C ARG B 1054 -10.72 -23.01 30.24
N LYS B 1055 -10.46 -24.10 30.96
CA LYS B 1055 -11.56 -24.93 31.43
C LYS B 1055 -12.44 -24.15 32.39
N GLU B 1056 -11.84 -23.42 33.33
CA GLU B 1056 -12.65 -22.61 34.24
C GLU B 1056 -13.46 -21.57 33.47
N TRP B 1057 -12.82 -20.85 32.55
CA TRP B 1057 -13.52 -19.82 31.80
C TRP B 1057 -14.66 -20.41 30.98
N LEU B 1058 -14.40 -21.54 30.32
CA LEU B 1058 -15.43 -22.15 29.48
C LEU B 1058 -16.59 -22.66 30.31
N VAL B 1059 -16.33 -23.25 31.48
CA VAL B 1059 -17.45 -23.73 32.29
C VAL B 1059 -18.27 -22.56 32.80
N GLY B 1060 -17.63 -21.45 33.17
CA GLY B 1060 -18.39 -20.29 33.59
C GLY B 1060 -19.26 -19.72 32.48
N MET B 1061 -18.68 -19.56 31.29
CA MET B 1061 -19.44 -19.00 30.17
C MET B 1061 -20.57 -19.92 29.77
N LEU B 1062 -20.33 -21.23 29.73
CA LEU B 1062 -21.38 -22.17 29.38
C LEU B 1062 -22.50 -22.17 30.41
N GLY B 1063 -22.16 -22.07 31.69
CA GLY B 1063 -23.20 -21.96 32.71
C GLY B 1063 -24.05 -20.71 32.52
N ALA B 1064 -23.40 -19.58 32.24
CA ALA B 1064 -24.15 -18.34 32.05
C ALA B 1064 -25.07 -18.45 30.84
N GLU B 1065 -24.58 -18.99 29.72
CA GLU B 1065 -25.41 -19.07 28.53
C GLU B 1065 -26.53 -20.08 28.72
N SER B 1066 -26.29 -21.17 29.46
CA SER B 1066 -27.36 -22.11 29.76
C SER B 1066 -28.43 -21.45 30.62
N THR B 1067 -28.02 -20.64 31.59
CA THR B 1067 -28.99 -19.91 32.38
C THR B 1067 -29.82 -18.97 31.52
N LYS B 1068 -29.17 -18.27 30.59
CA LYS B 1068 -29.90 -17.36 29.71
C LYS B 1068 -30.90 -18.12 28.83
N LEU B 1069 -30.47 -19.26 28.28
CA LEU B 1069 -31.38 -20.05 27.45
C LEU B 1069 -32.55 -20.58 28.26
N ASN B 1070 -32.29 -21.00 29.50
CA ASN B 1070 -33.37 -21.48 30.36
C ASN B 1070 -34.36 -20.36 30.67
N ASN B 1071 -33.86 -19.15 30.91
CA ASN B 1071 -34.76 -18.02 31.14
C ASN B 1071 -35.61 -17.73 29.91
N GLN B 1072 -35.00 -17.77 28.72
CA GLN B 1072 -35.76 -17.51 27.51
C GLN B 1072 -36.82 -18.58 27.28
N ALA B 1073 -36.48 -19.84 27.55
CA ALA B 1073 -37.45 -20.92 27.44
C ALA B 1073 -38.60 -20.72 28.41
N ARG B 1074 -38.29 -20.34 29.66
CA ARG B 1074 -39.34 -20.10 30.63
C ARG B 1074 -40.27 -18.98 30.18
N PHE B 1075 -39.70 -17.89 29.65
CA PHE B 1075 -40.53 -16.78 29.21
C PHE B 1075 -41.43 -17.18 28.05
N ILE B 1076 -40.88 -17.87 27.04
CA ILE B 1076 -41.69 -18.23 25.89
C ILE B 1076 -42.77 -19.23 26.28
N LEU B 1077 -42.45 -20.16 27.18
CA LEU B 1077 -43.46 -21.11 27.64
C LEU B 1077 -44.57 -20.40 28.41
N GLU B 1078 -44.20 -19.40 29.22
CA GLU B 1078 -45.22 -18.61 29.90
C GLU B 1078 -46.10 -17.89 28.89
N LYS B 1079 -45.51 -17.35 27.82
CA LYS B 1079 -46.27 -16.62 26.83
C LYS B 1079 -47.24 -17.53 26.08
N ILE B 1080 -46.82 -18.76 25.77
CA ILE B 1080 -47.69 -19.67 25.04
C ILE B 1080 -48.94 -19.99 25.85
N GLN B 1081 -48.76 -20.27 27.14
CA GLN B 1081 -49.88 -20.59 28.02
C GLN B 1081 -50.63 -19.37 28.50
N GLY B 1082 -50.14 -18.17 28.20
CA GLY B 1082 -50.82 -16.96 28.61
C GLY B 1082 -50.53 -16.50 30.02
N LYS B 1083 -49.59 -17.14 30.71
CA LYS B 1083 -49.25 -16.72 32.07
C LYS B 1083 -48.63 -15.32 32.10
N ILE B 1084 -48.03 -14.88 31.00
CA ILE B 1084 -47.43 -13.56 30.90
C ILE B 1084 -48.17 -12.77 29.84
N THR B 1085 -48.43 -11.49 30.13
CA THR B 1085 -49.16 -10.61 29.22
C THR B 1085 -48.37 -9.32 29.05
N ILE B 1086 -48.00 -9.01 27.81
CA ILE B 1086 -47.26 -7.81 27.48
C ILE B 1086 -47.96 -6.94 26.45
N GLU B 1087 -49.10 -7.39 25.93
CA GLU B 1087 -49.79 -6.65 24.88
C GLU B 1087 -50.25 -5.29 25.41
N ASN B 1088 -49.81 -4.23 24.74
CA ASN B 1088 -50.17 -2.86 25.09
C ASN B 1088 -49.87 -2.57 26.56
N ARG B 1089 -48.68 -2.97 27.00
CA ARG B 1089 -48.26 -2.80 28.38
C ARG B 1089 -47.14 -1.76 28.46
N SER B 1090 -47.17 -0.98 29.53
CA SER B 1090 -46.12 0.01 29.75
C SER B 1090 -44.80 -0.68 30.05
N LYS B 1091 -43.71 -0.07 29.59
CA LYS B 1091 -42.39 -0.68 29.74
C LYS B 1091 -42.01 -0.79 31.22
N LYS B 1092 -42.22 0.28 31.98
CA LYS B 1092 -41.75 0.30 33.37
C LYS B 1092 -42.46 -0.75 34.21
N ASP B 1093 -43.80 -0.79 34.12
CA ASP B 1093 -44.55 -1.77 34.90
C ASP B 1093 -44.23 -3.19 34.45
N LEU B 1094 -44.06 -3.39 33.15
CA LEU B 1094 -43.71 -4.72 32.65
C LEU B 1094 -42.37 -5.17 33.22
N ILE B 1095 -41.38 -4.27 33.21
CA ILE B 1095 -40.08 -4.61 33.77
C ILE B 1095 -40.19 -4.92 35.26
N GLN B 1096 -40.97 -4.11 35.98
CA GLN B 1096 -41.11 -4.33 37.42
C GLN B 1096 -41.74 -5.68 37.72
N MET B 1097 -42.81 -6.05 36.99
CA MET B 1097 -43.47 -7.30 37.31
C MET B 1097 -42.66 -8.50 36.81
N LEU B 1098 -41.89 -8.32 35.73
CA LEU B 1098 -40.97 -9.37 35.31
C LEU B 1098 -39.91 -9.62 36.37
N VAL B 1099 -39.40 -8.54 36.98
CA VAL B 1099 -38.47 -8.69 38.10
C VAL B 1099 -39.16 -9.42 39.24
N GLN B 1100 -40.39 -9.02 39.57
CA GLN B 1100 -41.13 -9.69 40.64
C GLN B 1100 -41.54 -11.11 40.25
N ARG B 1101 -41.67 -11.41 38.96
CA ARG B 1101 -42.04 -12.75 38.54
C ARG B 1101 -40.93 -13.76 38.72
N GLY B 1102 -39.69 -13.31 38.93
CA GLY B 1102 -38.59 -14.22 39.14
C GLY B 1102 -37.68 -14.41 37.95
N TYR B 1103 -37.46 -13.35 37.17
CA TYR B 1103 -36.55 -13.38 36.04
C TYR B 1103 -35.32 -12.53 36.35
N GLU B 1104 -34.16 -13.04 35.96
CA GLU B 1104 -32.90 -12.34 36.17
C GLU B 1104 -32.45 -11.64 34.89
N SER B 1105 -31.52 -10.71 35.04
CA SER B 1105 -31.10 -9.83 33.96
C SER B 1105 -29.77 -10.30 33.38
N ASP B 1106 -29.71 -10.36 32.04
CA ASP B 1106 -28.54 -10.51 31.18
C ASP B 1106 -27.42 -11.35 31.80
N PRO B 1107 -27.64 -12.65 32.02
CA PRO B 1107 -26.58 -13.47 32.60
C PRO B 1107 -25.30 -13.48 31.78
N VAL B 1108 -25.41 -13.48 30.45
CA VAL B 1108 -24.22 -13.43 29.60
C VAL B 1108 -23.48 -12.12 29.80
N LYS B 1109 -24.21 -11.01 29.78
CA LYS B 1109 -23.59 -9.72 30.06
C LYS B 1109 -23.09 -9.67 31.49
N ALA B 1110 -23.85 -10.22 32.42
CA ALA B 1110 -23.40 -10.30 33.80
C ALA B 1110 -22.16 -11.16 33.94
N TRP B 1111 -22.01 -12.16 33.06
CA TRP B 1111 -20.80 -12.97 33.06
C TRP B 1111 -19.58 -12.13 32.73
N LYS B 1112 -19.70 -11.24 31.74
CA LYS B 1112 -18.60 -10.36 31.40
C LYS B 1112 -18.31 -9.35 32.51
N GLU B 1113 -19.30 -9.05 33.35
CA GLU B 1113 -19.08 -8.12 34.45
C GLU B 1113 -18.05 -8.66 35.43
N ALA B 1114 -18.12 -9.97 35.73
CA ALA B 1114 -17.14 -10.57 36.61
C ALA B 1114 -15.76 -10.59 35.96
N GLN B 1115 -15.69 -10.68 34.64
CA GLN B 1115 -14.40 -10.72 33.95
C GLN B 1115 -13.66 -9.40 34.11
N GLU B 1116 -14.33 -8.28 33.82
CA GLU B 1116 -13.65 -6.99 33.82
C GLU B 1116 -13.38 -6.49 35.23
N LYS B 1117 -14.25 -6.83 36.20
CA LYS B 1117 -14.04 -6.36 37.56
C LYS B 1117 -12.81 -6.99 38.21
N ALA B 1118 -12.35 -8.14 37.69
CA ALA B 1118 -11.18 -8.80 38.24
C ALA B 1118 -10.06 -8.83 37.21
N GLY B 1140 -29.44 -0.26 35.28
CA GLY B 1140 -30.48 -1.12 35.83
C GLY B 1140 -30.57 -2.46 35.14
N PRO B 1141 -31.44 -3.34 35.64
CA PRO B 1141 -31.61 -4.65 35.02
C PRO B 1141 -32.10 -4.52 33.59
N ASP B 1142 -31.62 -5.42 32.73
CA ASP B 1142 -31.98 -5.42 31.32
C ASP B 1142 -32.60 -6.77 30.96
N PHE B 1143 -33.57 -6.72 30.06
CA PHE B 1143 -34.29 -7.92 29.64
C PHE B 1143 -34.52 -7.92 28.13
N ASN B 1144 -33.59 -7.34 27.39
CA ASN B 1144 -33.71 -7.33 25.93
C ASN B 1144 -33.61 -8.74 25.37
N TYR B 1145 -32.75 -9.57 25.96
CA TYR B 1145 -32.51 -10.91 25.43
C TYR B 1145 -33.77 -11.77 25.50
N ILE B 1146 -34.61 -11.54 26.51
CA ILE B 1146 -35.88 -12.24 26.62
C ILE B 1146 -36.97 -11.43 25.93
N LEU B 1147 -36.58 -10.41 25.17
CA LEU B 1147 -37.56 -9.59 24.49
C LEU B 1147 -37.22 -9.36 23.01
N ASN B 1148 -35.95 -9.45 22.66
CA ASN B 1148 -35.52 -9.21 21.28
C ASN B 1148 -35.53 -10.49 20.46
N MET B 1149 -36.72 -11.10 20.35
CA MET B 1149 -36.90 -12.24 19.46
C MET B 1149 -38.03 -11.93 18.49
N SER B 1150 -37.91 -12.48 17.28
CA SER B 1150 -38.91 -12.26 16.27
C SER B 1150 -40.22 -12.92 16.69
N LEU B 1151 -41.31 -12.47 16.07
CA LEU B 1151 -42.62 -13.05 16.38
C LEU B 1151 -42.69 -14.52 15.97
N TRP B 1152 -41.74 -14.99 15.15
CA TRP B 1152 -41.68 -16.41 14.85
C TRP B 1152 -41.53 -17.24 16.12
N SER B 1153 -40.95 -16.65 17.16
CA SER B 1153 -40.79 -17.35 18.43
C SER B 1153 -42.12 -17.80 19.01
N LEU B 1154 -43.22 -17.15 18.63
CA LEU B 1154 -44.53 -17.57 19.09
C LEU B 1154 -45.09 -18.73 18.28
N THR B 1155 -44.44 -19.10 17.19
CA THR B 1155 -44.83 -20.29 16.45
C THR B 1155 -44.23 -21.53 17.11
N LYS B 1156 -44.95 -22.65 17.00
CA LYS B 1156 -44.56 -23.85 17.72
C LYS B 1156 -43.21 -24.40 17.26
N GLU B 1157 -42.88 -24.25 15.98
CA GLU B 1157 -41.62 -24.77 15.48
C GLU B 1157 -40.44 -24.09 16.18
N LYS B 1158 -40.51 -22.76 16.34
CA LYS B 1158 -39.45 -22.05 17.04
C LYS B 1158 -39.40 -22.45 18.51
N VAL B 1159 -40.55 -22.73 19.12
CA VAL B 1159 -40.55 -23.18 20.51
C VAL B 1159 -39.84 -24.52 20.64
N GLU B 1160 -40.14 -25.46 19.74
CA GLU B 1160 -39.48 -26.75 19.77
C GLU B 1160 -37.99 -26.60 19.53
N GLU B 1161 -37.60 -25.74 18.59
CA GLU B 1161 -36.18 -25.53 18.34
C GLU B 1161 -35.49 -24.93 19.56
N LEU B 1162 -36.13 -23.97 20.21
CA LEU B 1162 -35.52 -23.36 21.39
C LEU B 1162 -35.36 -24.39 22.49
N ILE B 1163 -36.35 -25.25 22.68
CA ILE B 1163 -36.24 -26.31 23.66
C ILE B 1163 -35.09 -27.24 23.30
N LYS B 1164 -34.95 -27.57 22.01
CA LYS B 1164 -33.86 -28.44 21.58
C LYS B 1164 -32.50 -27.84 21.91
N GLN B 1165 -32.30 -26.56 21.63
CA GLN B 1165 -31.02 -25.94 21.96
C GLN B 1165 -30.82 -25.87 23.47
N ARG B 1166 -31.85 -25.52 24.23
CA ARG B 1166 -31.70 -25.46 25.68
C ARG B 1166 -31.27 -26.80 26.24
N ASP B 1167 -31.91 -27.88 25.79
CA ASP B 1167 -31.53 -29.22 26.26
C ASP B 1167 -30.14 -29.60 25.80
N ALA B 1168 -29.78 -29.23 24.56
CA ALA B 1168 -28.44 -29.54 24.07
C ALA B 1168 -27.38 -28.85 24.90
N LYS B 1169 -27.60 -27.58 25.26
CA LYS B 1169 -26.64 -26.87 26.10
C LYS B 1169 -26.61 -27.47 27.50
N GLY B 1170 -27.77 -27.88 28.03
CA GLY B 1170 -27.78 -28.53 29.33
C GLY B 1170 -26.98 -29.81 29.35
N ARG B 1171 -27.03 -30.57 28.26
CA ARG B 1171 -26.18 -31.76 28.15
C ARG B 1171 -24.71 -31.37 28.01
N GLU B 1172 -24.43 -30.38 27.16
CA GLU B 1172 -23.06 -30.04 26.82
C GLU B 1172 -22.29 -29.49 28.02
N VAL B 1173 -22.97 -28.72 28.88
CA VAL B 1173 -22.27 -28.17 30.04
C VAL B 1173 -21.78 -29.29 30.94
N ASN B 1174 -22.61 -30.31 31.17
CA ASN B 1174 -22.18 -31.44 31.97
C ASN B 1174 -21.09 -32.24 31.26
N ASP B 1175 -21.23 -32.41 29.94
CA ASP B 1175 -20.23 -33.17 29.19
C ASP B 1175 -18.85 -32.52 29.29
N LEU B 1176 -18.80 -31.19 29.23
CA LEU B 1176 -17.52 -30.50 29.38
C LEU B 1176 -17.05 -30.48 30.83
N LYS B 1177 -17.97 -30.32 31.80
CA LYS B 1177 -17.55 -30.25 33.18
C LYS B 1177 -17.08 -31.58 33.72
N ARG B 1178 -17.41 -32.69 33.06
CA ARG B 1178 -16.95 -34.00 33.48
C ARG B 1178 -15.62 -34.40 32.85
N LYS B 1179 -15.00 -33.52 32.06
CA LYS B 1179 -13.74 -33.80 31.41
C LYS B 1179 -12.58 -33.26 32.26
N SER B 1180 -11.37 -33.45 31.74
CA SER B 1180 -10.15 -33.03 32.41
C SER B 1180 -9.26 -32.28 31.43
N PRO B 1181 -8.37 -31.43 31.94
CA PRO B 1181 -7.48 -30.68 31.02
C PRO B 1181 -6.65 -31.60 30.14
N SER B 1182 -6.25 -32.76 30.63
CA SER B 1182 -5.52 -33.71 29.80
C SER B 1182 -6.40 -34.19 28.64
N ASP B 1183 -7.70 -34.34 28.88
CA ASP B 1183 -8.59 -34.81 27.83
C ASP B 1183 -8.67 -33.81 26.68
N LEU B 1184 -8.88 -32.53 27.01
CA LEU B 1184 -9.17 -31.55 25.97
C LEU B 1184 -7.99 -31.36 25.01
N TRP B 1185 -6.77 -31.60 25.49
CA TRP B 1185 -5.62 -31.52 24.60
C TRP B 1185 -5.66 -32.58 23.52
N LYS B 1186 -6.20 -33.76 23.83
CA LYS B 1186 -6.08 -34.90 22.93
C LYS B 1186 -6.75 -34.62 21.59
N GLU B 1187 -7.98 -34.11 21.62
CA GLU B 1187 -8.65 -33.81 20.35
C GLU B 1187 -8.03 -32.62 19.66
N ASP B 1188 -7.43 -31.70 20.42
CA ASP B 1188 -6.68 -30.61 19.80
C ASP B 1188 -5.60 -31.16 18.88
N LEU B 1189 -4.81 -32.11 19.37
CA LEU B 1189 -3.81 -32.74 18.53
C LEU B 1189 -4.46 -33.67 17.52
N ALA B 1190 -5.51 -34.39 17.92
CA ALA B 1190 -6.18 -35.29 17.00
C ALA B 1190 -6.77 -34.53 15.81
N ALA B 1191 -7.44 -33.41 16.09
CA ALA B 1191 -7.97 -32.60 15.00
C ALA B 1191 -6.85 -31.96 14.18
N PHE B 1192 -5.79 -31.51 14.85
CA PHE B 1192 -4.68 -30.89 14.13
C PHE B 1192 -4.06 -31.87 13.15
N VAL B 1193 -3.84 -33.11 13.60
CA VAL B 1193 -3.28 -34.13 12.73
C VAL B 1193 -4.32 -34.67 11.76
N GLU B 1194 -5.62 -34.49 12.09
CA GLU B 1194 -6.68 -35.07 11.26
C GLU B 1194 -6.62 -34.56 9.83
N GLU B 1195 -6.42 -33.25 9.65
CA GLU B 1195 -6.31 -32.66 8.33
C GLU B 1195 -4.89 -32.18 8.02
N LEU B 1196 -3.94 -32.45 8.89
CA LEU B 1196 -2.55 -32.13 8.57
C LEU B 1196 -2.06 -32.95 7.39
N ASP B 1197 -2.46 -34.22 7.32
CA ASP B 1197 -1.97 -35.09 6.25
C ASP B 1197 -2.58 -34.70 4.91
N LYS B 1198 -3.88 -34.42 4.87
CA LYS B 1198 -4.55 -34.21 3.58
C LYS B 1198 -4.01 -32.97 2.87
N VAL B 1199 -3.76 -31.89 3.61
CA VAL B 1199 -3.15 -30.72 2.99
C VAL B 1199 -1.73 -31.04 2.55
N GLU B 1200 -0.98 -31.76 3.39
CA GLU B 1200 0.34 -32.23 2.98
C GLU B 1200 0.21 -33.23 1.83
N SER B 1201 -0.81 -34.08 1.86
CA SER B 1201 -1.10 -34.92 0.71
C SER B 1201 -1.45 -34.06 -0.51
N GLN B 1202 -2.28 -33.03 -0.30
CA GLN B 1202 -2.57 -32.11 -1.38
C GLN B 1202 -1.32 -31.33 -1.81
N GLU B 1203 -0.39 -31.11 -0.87
CA GLU B 1203 0.88 -30.50 -1.23
C GLU B 1203 1.67 -31.37 -2.20
N ARG B 1204 1.44 -32.69 -2.17
CA ARG B 1204 2.12 -33.62 -3.06
C ARG B 1204 1.22 -34.20 -4.14
N GLU B 1205 -0.10 -34.23 -3.92
CA GLU B 1205 -1.01 -34.77 -4.92
C GLU B 1205 -0.96 -33.95 -6.20
N ASP B 1206 -0.90 -32.62 -6.08
CA ASP B 1206 -0.77 -31.77 -7.25
C ASP B 1206 0.57 -32.01 -7.95
N VAL B 1207 1.63 -32.22 -7.17
CA VAL B 1207 2.96 -32.44 -7.73
C VAL B 1207 3.19 -33.93 -7.94
#